data_8H6D
#
_entry.id   8H6D
#
_cell.length_a   175.265
_cell.length_b   175.265
_cell.length_c   175.265
_cell.angle_alpha   90.000
_cell.angle_beta   90.000
_cell.angle_gamma   90.000
#
_symmetry.space_group_name_H-M   'P 21 3'
#
loop_
_entity.id
_entity.type
_entity.pdbx_description
1 polymer 'Histone acetyltransferase KAT2A'
2 non-polymer 'glutaryl-coenzyme A'
#
_entity_poly.entity_id   1
_entity_poly.type   'polypeptide(L)'
_entity_poly.pdbx_seq_one_letter_code
;GIIEFHVIGNSLTPKANRRVLLWLVGLQNVFSHQLPRMPKEYIARLVFDPKHKTLALIKDGRVIGGICFRMFPTQGFTEI
VFCAVTSNEQVKGYGTHLMNHLKEYHIKHNILYFLTYADEYAIGYFKKQGFSKDIKVPKSRYLGYIKDYEGATLMECELN
PRIPYT
;
_entity_poly.pdbx_strand_id   C,D,E,F,B,A,G,H
#
# COMPACT_ATOMS: atom_id res chain seq x y z
N GLY A 1 -56.38 1.88 18.60
CA GLY A 1 -57.07 0.93 17.76
C GLY A 1 -56.78 1.18 16.29
N ILE A 2 -55.81 2.05 16.07
CA ILE A 2 -55.44 2.51 14.75
C ILE A 2 -54.27 1.66 14.28
N ILE A 3 -54.45 0.92 13.18
CA ILE A 3 -53.51 -0.15 12.78
C ILE A 3 -52.80 0.18 11.46
N GLU A 4 -51.46 0.27 11.53
CA GLU A 4 -50.57 0.72 10.45
C GLU A 4 -49.53 -0.32 10.05
N PHE A 5 -49.13 -0.26 8.79
CA PHE A 5 -48.10 -1.12 8.22
C PHE A 5 -46.96 -0.26 7.72
N HIS A 6 -45.73 -0.71 7.94
CA HIS A 6 -44.58 0.09 7.60
C HIS A 6 -43.45 -0.87 7.28
N VAL A 7 -42.83 -0.71 6.11
CA VAL A 7 -41.63 -1.48 5.78
C VAL A 7 -40.45 -0.65 6.26
N ILE A 8 -39.76 -1.16 7.28
CA ILE A 8 -38.65 -0.50 7.94
C ILE A 8 -37.46 -1.45 7.95
N GLY A 9 -36.36 -0.98 8.51
CA GLY A 9 -35.13 -1.75 8.50
C GLY A 9 -33.99 -0.85 8.89
N ASN A 10 -32.84 -1.47 9.11
CA ASN A 10 -31.75 -0.66 9.65
C ASN A 10 -30.99 0.00 8.50
N SER A 11 -31.33 1.26 8.22
CA SER A 11 -30.64 2.04 7.18
C SER A 11 -29.18 2.25 7.60
N LEU A 12 -28.24 1.88 6.73
CA LEU A 12 -26.84 2.17 7.04
C LEU A 12 -26.39 3.52 6.48
N ALA A 16 -31.47 5.64 10.65
CA ALA A 16 -32.74 5.39 11.36
C ALA A 16 -32.94 6.39 12.50
N ASN A 17 -34.19 6.80 12.72
CA ASN A 17 -34.59 7.71 13.80
C ASN A 17 -35.09 6.91 15.00
N ARG A 18 -35.45 7.60 16.11
CA ARG A 18 -35.76 6.83 17.31
C ARG A 18 -37.06 6.06 17.18
N ARG A 19 -38.03 6.58 16.45
CA ARG A 19 -39.29 5.86 16.37
C ARG A 19 -39.07 4.50 15.72
N VAL A 20 -38.30 4.49 14.64
CA VAL A 20 -37.98 3.26 13.93
C VAL A 20 -37.06 2.37 14.75
N LEU A 21 -36.03 2.95 15.36
CA LEU A 21 -35.15 2.14 16.19
C LEU A 21 -35.93 1.42 17.27
N LEU A 22 -36.82 2.13 17.96
CA LEU A 22 -37.59 1.51 19.00
C LEU A 22 -38.51 0.43 18.43
N TRP A 23 -39.00 0.63 17.21
CA TRP A 23 -39.85 -0.36 16.55
C TRP A 23 -39.09 -1.64 16.28
N LEU A 24 -37.92 -1.51 15.66
CA LEU A 24 -37.00 -2.63 15.46
C LEU A 24 -36.77 -3.41 16.74
N VAL A 25 -36.51 -2.71 17.85
CA VAL A 25 -36.36 -3.38 19.13
C VAL A 25 -37.64 -4.10 19.51
N GLY A 26 -38.77 -3.42 19.38
CA GLY A 26 -40.03 -4.06 19.71
C GLY A 26 -40.28 -5.28 18.86
N LEU A 27 -39.94 -5.19 17.58
CA LEU A 27 -39.97 -6.36 16.71
C LEU A 27 -39.04 -7.46 17.20
N GLN A 28 -37.82 -7.10 17.61
CA GLN A 28 -36.90 -8.13 18.09
C GLN A 28 -37.43 -8.75 19.38
N ASN A 29 -38.06 -7.93 20.22
CA ASN A 29 -38.75 -8.44 21.40
C ASN A 29 -39.81 -9.47 21.01
N VAL A 30 -40.78 -9.06 20.17
CA VAL A 30 -41.89 -9.92 19.75
C VAL A 30 -41.40 -11.18 19.03
N PHE A 31 -40.52 -11.02 18.04
CA PHE A 31 -40.00 -12.22 17.39
C PHE A 31 -39.37 -13.14 18.40
N SER A 32 -38.71 -12.58 19.42
CA SER A 32 -37.98 -13.42 20.34
C SER A 32 -38.90 -14.23 21.25
N HIS A 33 -40.05 -13.67 21.58
CA HIS A 33 -40.96 -14.32 22.51
C HIS A 33 -41.83 -15.35 21.80
N GLN A 34 -42.41 -14.99 20.66
CA GLN A 34 -43.23 -15.89 19.87
C GLN A 34 -42.38 -16.94 19.12
N LEU A 35 -41.05 -16.86 19.20
CA LEU A 35 -40.15 -17.84 18.61
C LEU A 35 -39.03 -18.13 19.59
N PRO A 36 -39.31 -18.90 20.64
CA PRO A 36 -38.33 -19.04 21.73
C PRO A 36 -37.16 -19.97 21.42
N ARG A 37 -37.27 -20.85 20.44
CA ARG A 37 -36.14 -21.70 20.11
C ARG A 37 -35.16 -20.98 19.18
N MET A 38 -35.41 -19.69 18.89
CA MET A 38 -34.52 -18.83 18.12
C MET A 38 -33.66 -18.04 19.07
N PRO A 39 -32.35 -18.15 19.00
CA PRO A 39 -31.48 -17.36 19.90
C PRO A 39 -31.80 -15.88 19.80
N LYS A 40 -32.11 -15.25 20.93
CA LYS A 40 -32.45 -13.82 20.87
C LYS A 40 -31.30 -12.98 20.33
N GLU A 41 -30.06 -13.48 20.35
CA GLU A 41 -28.94 -12.74 19.78
C GLU A 41 -28.91 -12.90 18.25
N TYR A 42 -29.44 -14.01 17.74
CA TYR A 42 -29.59 -14.22 16.30
C TYR A 42 -30.70 -13.35 15.73
N ILE A 43 -31.89 -13.40 16.33
CA ILE A 43 -32.98 -12.50 15.94
C ILE A 43 -32.51 -11.07 15.91
N ALA A 44 -31.78 -10.68 16.95
CA ALA A 44 -31.28 -9.32 17.07
C ALA A 44 -30.36 -8.98 15.92
N ARG A 45 -29.46 -9.90 15.58
CA ARG A 45 -28.44 -9.54 14.61
C ARG A 45 -29.06 -9.42 13.23
N LEU A 46 -30.07 -10.25 12.94
CA LEU A 46 -30.74 -10.26 11.65
C LEU A 46 -31.62 -9.04 11.45
N VAL A 47 -32.45 -8.72 12.46
CA VAL A 47 -33.40 -7.63 12.33
C VAL A 47 -32.68 -6.31 12.04
N PHE A 48 -31.53 -6.12 12.68
CA PHE A 48 -30.75 -4.90 12.49
C PHE A 48 -29.74 -5.02 11.37
N ASP A 49 -29.71 -6.15 10.68
CA ASP A 49 -28.91 -6.25 9.46
C ASP A 49 -29.45 -5.25 8.44
N PRO A 50 -28.56 -4.52 7.75
CA PRO A 50 -29.05 -3.57 6.74
C PRO A 50 -29.62 -4.21 5.49
N LYS A 51 -29.36 -5.51 5.21
CA LYS A 51 -30.04 -6.15 4.09
C LYS A 51 -31.29 -6.93 4.48
N HIS A 52 -31.68 -6.92 5.74
CA HIS A 52 -32.99 -7.44 6.10
C HIS A 52 -33.94 -6.26 6.27
N LYS A 53 -35.17 -6.43 5.83
CA LYS A 53 -36.23 -5.48 6.09
C LYS A 53 -37.27 -6.16 6.96
N THR A 54 -38.27 -5.38 7.39
CA THR A 54 -39.30 -5.89 8.27
C THR A 54 -40.59 -5.14 8.03
N LEU A 55 -41.66 -5.88 7.76
CA LEU A 55 -43.00 -5.32 7.63
C LEU A 55 -43.60 -5.32 9.04
N ALA A 56 -43.66 -4.15 9.67
CA ALA A 56 -44.10 -4.03 11.05
C ALA A 56 -45.59 -3.70 11.11
N LEU A 57 -46.34 -4.48 11.90
CA LEU A 57 -47.73 -4.15 12.23
C LEU A 57 -47.76 -3.34 13.52
N ILE A 58 -48.26 -2.12 13.44
CA ILE A 58 -48.22 -1.15 14.54
C ILE A 58 -49.65 -0.83 14.95
N LYS A 59 -49.93 -0.79 16.25
CA LYS A 59 -51.27 -0.42 16.73
C LYS A 59 -51.16 0.49 17.95
N ASP A 60 -51.70 1.71 17.83
CA ASP A 60 -51.49 2.78 18.82
C ASP A 60 -50.00 2.99 19.05
N GLY A 61 -49.27 3.12 17.95
CA GLY A 61 -47.83 3.33 17.95
C GLY A 61 -47.01 2.15 18.42
N ARG A 62 -47.63 1.01 18.69
CA ARG A 62 -47.04 -0.09 19.41
C ARG A 62 -46.89 -1.29 18.49
N VAL A 63 -45.71 -1.92 18.48
CA VAL A 63 -45.49 -3.09 17.63
C VAL A 63 -46.26 -4.28 18.19
N ILE A 64 -47.12 -4.88 17.37
CA ILE A 64 -47.82 -6.09 17.77
C ILE A 64 -47.52 -7.28 16.87
N GLY A 65 -46.79 -7.07 15.77
CA GLY A 65 -46.48 -8.17 14.85
C GLY A 65 -45.61 -7.68 13.71
N GLY A 66 -45.07 -8.64 12.96
CA GLY A 66 -44.25 -8.30 11.80
C GLY A 66 -43.81 -9.52 11.01
N ILE A 67 -43.23 -9.24 9.85
CA ILE A 67 -42.61 -10.27 9.02
C ILE A 67 -41.24 -9.75 8.62
N CYS A 68 -40.19 -10.27 9.24
CA CYS A 68 -38.85 -9.91 8.83
C CYS A 68 -38.43 -10.72 7.61
N PHE A 69 -38.09 -10.04 6.51
CA PHE A 69 -37.77 -10.70 5.27
C PHE A 69 -36.45 -10.18 4.71
N ARG A 70 -35.92 -10.91 3.73
CA ARG A 70 -34.64 -10.64 3.08
C ARG A 70 -34.83 -10.75 1.56
N MET A 71 -34.82 -9.62 0.87
CA MET A 71 -35.02 -9.61 -0.58
C MET A 71 -33.72 -9.96 -1.30
N PHE A 72 -33.78 -10.98 -2.15
CA PHE A 72 -32.61 -11.35 -2.95
C PHE A 72 -32.95 -11.05 -4.40
N PRO A 73 -32.92 -9.78 -4.82
CA PRO A 73 -33.40 -9.47 -6.19
C PRO A 73 -32.55 -10.06 -7.28
N THR A 74 -31.23 -10.15 -7.09
CA THR A 74 -30.43 -10.88 -8.06
C THR A 74 -30.85 -12.35 -8.22
N GLN A 75 -31.36 -12.99 -7.17
CA GLN A 75 -31.83 -14.37 -7.26
C GLN A 75 -33.30 -14.50 -7.58
N GLY A 76 -34.05 -13.41 -7.52
CA GLY A 76 -35.42 -13.42 -7.98
C GLY A 76 -36.44 -13.85 -6.98
N PHE A 77 -36.10 -13.86 -5.69
CA PHE A 77 -37.05 -14.24 -4.65
C PHE A 77 -36.72 -13.47 -3.37
N THR A 78 -37.59 -13.65 -2.38
CA THR A 78 -37.43 -13.13 -1.02
C THR A 78 -37.51 -14.25 0.00
N GLU A 79 -36.62 -14.18 0.99
CA GLU A 79 -36.62 -15.12 2.11
C GLU A 79 -37.52 -14.59 3.22
N ILE A 80 -38.32 -15.47 3.83
CA ILE A 80 -39.08 -15.12 5.02
C ILE A 80 -38.26 -15.53 6.24
N VAL A 81 -37.84 -14.55 7.03
CA VAL A 81 -36.96 -14.81 8.16
C VAL A 81 -37.75 -15.12 9.44
N PHE A 82 -38.58 -14.17 9.89
CA PHE A 82 -39.38 -14.36 11.08
C PHE A 82 -40.81 -13.90 10.81
N CYS A 83 -41.76 -14.57 11.46
CA CYS A 83 -43.20 -14.28 11.36
C CYS A 83 -43.84 -14.33 12.74
N ALA A 84 -44.24 -13.19 13.28
CA ALA A 84 -44.89 -13.36 14.57
C ALA A 84 -45.88 -12.24 14.80
N VAL A 85 -47.02 -12.62 15.35
CA VAL A 85 -47.94 -11.67 15.98
C VAL A 85 -47.87 -11.90 17.47
N THR A 86 -47.90 -10.81 18.24
CA THR A 86 -47.96 -10.96 19.68
C THR A 86 -49.16 -11.80 20.09
N SER A 87 -49.09 -12.32 21.31
CA SER A 87 -49.96 -13.43 21.66
C SER A 87 -51.41 -12.99 21.79
N ASN A 88 -51.65 -11.80 22.37
CA ASN A 88 -52.99 -11.30 22.56
C ASN A 88 -53.51 -10.55 21.35
N GLU A 89 -52.96 -10.82 20.18
CA GLU A 89 -53.47 -10.27 18.94
C GLU A 89 -53.57 -11.35 17.88
N GLN A 90 -53.26 -12.59 18.25
CA GLN A 90 -53.34 -13.66 17.28
C GLN A 90 -54.79 -14.05 17.04
N VAL A 91 -54.98 -14.87 16.01
CA VAL A 91 -56.27 -15.42 15.63
C VAL A 91 -57.26 -14.29 15.45
N LYS A 92 -56.77 -13.14 15.01
CA LYS A 92 -57.65 -12.03 14.69
C LYS A 92 -57.56 -11.70 13.22
N GLY A 93 -56.78 -12.47 12.47
CA GLY A 93 -56.52 -12.15 11.09
C GLY A 93 -55.38 -11.19 10.86
N TYR A 94 -54.57 -10.89 11.87
CA TYR A 94 -53.41 -10.03 11.65
C TYR A 94 -52.35 -10.72 10.80
N GLY A 95 -52.04 -11.98 11.11
CA GLY A 95 -50.98 -12.66 10.38
C GLY A 95 -51.27 -12.81 8.90
N THR A 96 -52.54 -12.79 8.52
CA THR A 96 -52.85 -12.85 7.10
C THR A 96 -52.69 -11.49 6.44
N HIS A 97 -53.20 -10.44 7.08
CA HIS A 97 -53.03 -9.11 6.52
C HIS A 97 -51.56 -8.77 6.36
N LEU A 98 -50.75 -9.21 7.33
CA LEU A 98 -49.30 -9.06 7.23
C LEU A 98 -48.76 -9.77 5.99
N MET A 99 -49.14 -11.03 5.81
CA MET A 99 -48.69 -11.73 4.62
C MET A 99 -49.16 -11.02 3.35
N ASN A 100 -50.41 -10.58 3.34
CA ASN A 100 -50.94 -9.90 2.15
C ASN A 100 -50.18 -8.62 1.86
N HIS A 101 -50.10 -7.72 2.84
CA HIS A 101 -49.31 -6.51 2.63
C HIS A 101 -47.90 -6.84 2.13
N LEU A 102 -47.30 -7.91 2.66
CA LEU A 102 -45.99 -8.30 2.15
C LEU A 102 -46.09 -8.83 0.71
N LYS A 103 -47.18 -9.54 0.38
CA LYS A 103 -47.37 -10.03 -0.98
C LYS A 103 -47.52 -8.87 -1.95
N GLU A 104 -48.39 -7.92 -1.62
CA GLU A 104 -48.53 -6.75 -2.46
C GLU A 104 -47.23 -5.94 -2.54
N TYR A 105 -46.51 -5.82 -1.43
CA TYR A 105 -45.23 -5.10 -1.47
C TYR A 105 -44.32 -5.64 -2.58
N HIS A 106 -44.35 -6.95 -2.82
CA HIS A 106 -43.28 -7.53 -3.61
C HIS A 106 -43.58 -7.51 -5.11
N ILE A 107 -44.85 -7.69 -5.48
CA ILE A 107 -45.21 -7.62 -6.89
C ILE A 107 -44.97 -6.21 -7.41
N LYS A 108 -45.20 -5.20 -6.57
CA LYS A 108 -44.74 -3.84 -6.85
C LYS A 108 -43.20 -3.71 -6.91
N HIS A 109 -42.43 -4.69 -6.46
CA HIS A 109 -40.97 -4.68 -6.58
C HIS A 109 -40.47 -5.77 -7.51
N ASN A 110 -41.35 -6.32 -8.34
CA ASN A 110 -41.03 -7.33 -9.35
C ASN A 110 -40.21 -8.47 -8.77
N ILE A 111 -40.53 -8.87 -7.54
CA ILE A 111 -40.12 -10.17 -6.98
C ILE A 111 -41.37 -11.00 -6.79
N LEU A 112 -41.32 -12.26 -7.24
CA LEU A 112 -42.54 -13.04 -7.33
C LEU A 112 -42.48 -14.37 -6.61
N TYR A 113 -41.35 -14.71 -6.00
CA TYR A 113 -41.23 -15.96 -5.28
C TYR A 113 -40.88 -15.66 -3.82
N PHE A 114 -41.60 -16.31 -2.91
CA PHE A 114 -41.26 -16.40 -1.50
C PHE A 114 -40.72 -17.79 -1.19
N LEU A 115 -39.60 -17.85 -0.49
CA LEU A 115 -39.12 -19.08 0.11
C LEU A 115 -39.01 -18.93 1.62
N THR A 116 -39.42 -19.98 2.35
CA THR A 116 -39.33 -20.00 3.81
C THR A 116 -39.08 -21.43 4.24
N TYR A 117 -38.47 -21.61 5.42
CA TYR A 117 -38.44 -22.90 6.12
C TYR A 117 -39.47 -22.86 7.24
N ALA A 118 -40.27 -23.92 7.35
CA ALA A 118 -41.36 -23.99 8.31
C ALA A 118 -41.26 -25.27 9.13
N ASP A 119 -41.13 -25.14 10.45
CA ASP A 119 -41.12 -26.30 11.31
C ASP A 119 -42.49 -26.96 11.31
N GLU A 120 -42.58 -28.10 11.99
CA GLU A 120 -43.84 -28.83 12.07
C GLU A 120 -44.99 -27.91 12.51
N TYR A 121 -44.72 -26.95 13.40
CA TYR A 121 -45.79 -26.19 14.03
C TYR A 121 -46.20 -24.94 13.26
N ALA A 122 -45.51 -24.57 12.18
CA ALA A 122 -45.86 -23.36 11.45
C ALA A 122 -46.42 -23.65 10.05
N ILE A 123 -46.50 -24.92 9.66
CA ILE A 123 -46.67 -25.25 8.25
C ILE A 123 -48.06 -24.89 7.76
N GLY A 124 -49.08 -25.12 8.58
CA GLY A 124 -50.44 -24.84 8.15
C GLY A 124 -50.74 -23.36 8.05
N TYR A 125 -50.05 -22.54 8.86
CA TYR A 125 -50.14 -21.11 8.67
C TYR A 125 -49.79 -20.76 7.24
N PHE A 126 -48.58 -21.14 6.83
CA PHE A 126 -48.10 -20.82 5.49
C PHE A 126 -48.95 -21.50 4.41
N LYS A 127 -49.40 -22.73 4.64
CA LYS A 127 -50.35 -23.33 3.71
C LYS A 127 -51.54 -22.41 3.49
N LYS A 128 -52.09 -21.86 4.57
CA LYS A 128 -53.27 -21.00 4.44
C LYS A 128 -52.95 -19.64 3.86
N GLN A 129 -51.68 -19.29 3.72
CA GLN A 129 -51.23 -18.08 3.05
C GLN A 129 -50.67 -18.37 1.66
N GLY A 130 -51.00 -19.54 1.10
CA GLY A 130 -50.64 -19.87 -0.26
C GLY A 130 -49.30 -20.54 -0.43
N PHE A 131 -48.62 -20.90 0.64
CA PHE A 131 -47.33 -21.53 0.45
C PHE A 131 -47.51 -23.01 0.17
N SER A 132 -46.49 -23.61 -0.44
CA SER A 132 -46.53 -24.99 -0.89
C SER A 132 -45.19 -25.67 -0.61
N LYS A 133 -45.23 -26.96 -0.28
CA LYS A 133 -43.98 -27.69 -0.09
C LYS A 133 -43.29 -28.02 -1.40
N ASP A 134 -44.01 -27.97 -2.52
CA ASP A 134 -43.45 -28.23 -3.84
C ASP A 134 -42.71 -26.99 -4.35
N ILE A 135 -41.39 -27.06 -4.44
CA ILE A 135 -40.54 -25.91 -4.76
C ILE A 135 -40.26 -25.90 -6.25
N LYS A 136 -40.78 -24.92 -6.98
CA LYS A 136 -40.37 -24.78 -8.37
C LYS A 136 -39.04 -24.08 -8.50
N VAL A 137 -38.62 -23.30 -7.51
CA VAL A 137 -37.32 -22.63 -7.65
C VAL A 137 -36.22 -23.69 -7.62
N PRO A 138 -35.21 -23.60 -8.48
CA PRO A 138 -34.15 -24.63 -8.50
C PRO A 138 -33.25 -24.51 -7.28
N LYS A 139 -32.85 -25.66 -6.76
CA LYS A 139 -32.04 -25.67 -5.55
C LYS A 139 -30.80 -24.80 -5.74
N SER A 140 -30.27 -24.76 -6.96
CA SER A 140 -29.14 -23.91 -7.29
C SER A 140 -29.42 -22.42 -7.10
N ARG A 141 -30.69 -22.02 -7.16
CA ARG A 141 -31.04 -20.61 -7.09
C ARG A 141 -31.06 -20.08 -5.66
N TYR A 142 -31.42 -20.90 -4.69
CA TYR A 142 -31.56 -20.46 -3.31
C TYR A 142 -30.57 -21.06 -2.34
N LEU A 143 -30.05 -22.26 -2.61
CA LEU A 143 -29.20 -22.94 -1.63
C LEU A 143 -28.00 -22.07 -1.26
N GLY A 144 -27.73 -21.98 0.04
CA GLY A 144 -26.67 -21.12 0.51
C GLY A 144 -26.96 -19.65 0.42
N TYR A 145 -28.17 -19.27 0.04
CA TYR A 145 -28.64 -17.89 0.16
C TYR A 145 -29.73 -17.72 1.21
N ILE A 146 -30.58 -18.71 1.40
CA ILE A 146 -31.53 -18.67 2.50
C ILE A 146 -30.91 -19.41 3.67
N LYS A 147 -31.27 -19.01 4.89
CA LYS A 147 -30.73 -19.72 6.05
C LYS A 147 -31.38 -21.10 6.07
N ASP A 148 -30.55 -22.12 6.02
CA ASP A 148 -31.05 -23.48 6.01
C ASP A 148 -31.35 -23.91 7.44
N TYR A 149 -32.43 -24.66 7.61
CA TYR A 149 -32.89 -25.18 8.90
C TYR A 149 -33.14 -26.65 8.64
N GLU A 150 -32.12 -27.48 8.88
CA GLU A 150 -32.28 -28.91 8.71
C GLU A 150 -33.39 -29.39 9.63
N GLY A 151 -34.23 -30.30 9.12
CA GLY A 151 -35.39 -30.78 9.84
C GLY A 151 -36.64 -29.92 9.70
N ALA A 152 -36.52 -28.73 9.10
CA ALA A 152 -37.65 -27.88 8.79
C ALA A 152 -38.00 -28.03 7.31
N THR A 153 -39.29 -27.91 7.02
CA THR A 153 -39.81 -28.05 5.66
C THR A 153 -39.66 -26.72 4.90
N LEU A 154 -38.87 -26.73 3.83
CA LEU A 154 -38.83 -25.57 2.94
C LEU A 154 -40.17 -25.43 2.23
N MET A 155 -40.76 -24.23 2.31
CA MET A 155 -42.01 -23.87 1.67
C MET A 155 -41.77 -22.80 0.62
N GLU A 156 -42.63 -22.75 -0.39
CA GLU A 156 -42.53 -21.75 -1.44
C GLU A 156 -43.86 -21.08 -1.65
N CYS A 157 -43.83 -19.86 -2.22
CA CYS A 157 -45.03 -19.12 -2.58
C CYS A 157 -44.78 -18.36 -3.87
N GLU A 158 -45.74 -18.41 -4.80
CA GLU A 158 -45.62 -17.75 -6.08
C GLU A 158 -46.69 -16.67 -6.13
N LEU A 159 -46.28 -15.44 -6.45
CA LEU A 159 -47.14 -14.27 -6.39
C LEU A 159 -47.53 -13.87 -7.79
N ASN A 160 -48.76 -13.40 -7.97
CA ASN A 160 -49.25 -13.02 -9.28
C ASN A 160 -49.23 -11.50 -9.40
N PRO A 161 -48.48 -10.92 -10.33
CA PRO A 161 -48.42 -9.45 -10.40
C PRO A 161 -49.65 -8.82 -11.02
N ARG A 162 -50.60 -9.63 -11.49
CA ARG A 162 -51.85 -9.14 -12.05
C ARG A 162 -52.96 -9.11 -11.01
N ILE A 163 -52.61 -9.41 -9.77
CA ILE A 163 -53.52 -9.52 -8.64
C ILE A 163 -53.27 -8.36 -7.69
N PRO A 164 -54.29 -7.76 -7.11
CA PRO A 164 -54.08 -6.87 -5.96
C PRO A 164 -54.22 -7.65 -4.67
N TYR A 165 -53.20 -7.63 -3.79
CA TYR A 165 -53.27 -8.43 -2.56
C TYR A 165 -53.96 -7.68 -1.42
N THR A 166 -53.80 -6.37 -1.36
CA THR A 166 -54.39 -5.55 -0.32
C THR A 166 -55.51 -4.68 -0.85
N GLY B 1 2.44 -17.17 27.12
CA GLY B 1 2.25 -17.03 25.69
C GLY B 1 0.88 -16.48 25.40
N ILE B 2 0.82 -15.21 25.02
CA ILE B 2 -0.44 -14.52 24.73
C ILE B 2 -0.85 -14.94 23.33
N ILE B 3 -1.85 -15.85 23.19
CA ILE B 3 -2.33 -16.16 21.83
C ILE B 3 -3.37 -15.13 21.43
N GLU B 4 -3.52 -14.93 20.13
CA GLU B 4 -4.53 -13.99 19.63
C GLU B 4 -4.74 -14.22 18.14
N PHE B 5 -5.97 -13.94 17.68
CA PHE B 5 -6.42 -14.12 16.32
C PHE B 5 -6.69 -12.77 15.67
N HIS B 6 -6.61 -12.75 14.34
CA HIS B 6 -6.77 -11.52 13.57
C HIS B 6 -7.11 -11.92 12.14
N VAL B 7 -8.11 -11.28 11.55
CA VAL B 7 -8.40 -11.45 10.13
C VAL B 7 -7.77 -10.30 9.39
N ILE B 8 -6.77 -10.61 8.56
CA ILE B 8 -5.90 -9.60 7.97
C ILE B 8 -5.83 -9.84 6.48
N GLY B 9 -5.28 -8.87 5.76
CA GLY B 9 -5.06 -9.04 4.35
C GLY B 9 -4.21 -7.93 3.80
N ASN B 10 -4.14 -7.87 2.48
CA ASN B 10 -3.42 -6.82 1.81
C ASN B 10 -4.43 -5.87 1.18
N SER B 11 -4.24 -4.57 1.41
CA SER B 11 -5.20 -3.58 0.92
C SER B 11 -4.57 -2.71 -0.16
N ASN B 17 0.77 -0.21 7.07
CA ASN B 17 1.02 -0.95 8.31
C ASN B 17 2.11 -2.01 8.09
N ARG B 18 3.17 -1.94 8.90
CA ARG B 18 4.32 -2.83 8.76
C ARG B 18 4.07 -4.19 9.40
N ARG B 19 3.62 -4.20 10.67
CA ARG B 19 3.45 -5.48 11.35
C ARG B 19 2.46 -6.38 10.61
N VAL B 20 1.43 -5.80 9.98
CA VAL B 20 0.52 -6.60 9.18
C VAL B 20 1.26 -7.17 7.98
N LEU B 21 2.10 -6.35 7.36
CA LEU B 21 2.93 -6.83 6.26
C LEU B 21 3.81 -7.97 6.69
N LEU B 22 4.53 -7.78 7.80
CA LEU B 22 5.39 -8.84 8.29
C LEU B 22 4.57 -10.03 8.69
N TRP B 23 3.37 -9.79 9.23
CA TRP B 23 2.46 -10.89 9.57
C TRP B 23 2.10 -11.74 8.36
N LEU B 24 1.80 -11.11 7.23
CA LEU B 24 1.52 -11.89 6.01
C LEU B 24 2.75 -12.66 5.52
N VAL B 25 3.92 -12.03 5.56
CA VAL B 25 5.13 -12.78 5.25
C VAL B 25 5.27 -13.97 6.20
N GLY B 26 5.08 -13.72 7.49
CA GLY B 26 5.02 -14.84 8.43
C GLY B 26 4.03 -15.91 8.01
N LEU B 27 2.86 -15.49 7.53
CA LEU B 27 1.88 -16.47 7.07
C LEU B 27 2.39 -17.22 5.84
N GLN B 28 2.81 -16.48 4.79
CA GLN B 28 3.30 -17.12 3.57
C GLN B 28 4.40 -18.14 3.88
N ASN B 29 5.27 -17.84 4.85
CA ASN B 29 6.27 -18.80 5.31
C ASN B 29 5.63 -20.07 5.85
N VAL B 30 4.79 -19.94 6.88
CA VAL B 30 4.22 -21.11 7.52
C VAL B 30 3.48 -21.97 6.49
N PHE B 31 2.86 -21.32 5.49
CA PHE B 31 2.14 -22.05 4.46
C PHE B 31 3.09 -22.86 3.59
N SER B 32 4.12 -22.22 3.03
CA SER B 32 5.07 -22.90 2.17
C SER B 32 5.64 -24.11 2.86
N HIS B 33 6.12 -23.92 4.08
CA HIS B 33 6.85 -24.97 4.75
C HIS B 33 5.93 -26.12 5.12
N GLN B 34 4.69 -25.83 5.46
CA GLN B 34 3.78 -26.90 5.83
C GLN B 34 3.09 -27.54 4.62
N LEU B 35 3.06 -26.87 3.47
CA LEU B 35 2.43 -27.36 2.26
C LEU B 35 3.50 -27.30 1.17
N PRO B 36 4.45 -28.25 1.18
CA PRO B 36 5.60 -28.12 0.27
C PRO B 36 5.26 -28.25 -1.20
N ARG B 37 4.26 -29.04 -1.56
CA ARG B 37 3.97 -29.21 -2.98
C ARG B 37 3.35 -27.96 -3.60
N MET B 38 3.01 -26.96 -2.77
CA MET B 38 2.53 -25.68 -3.29
C MET B 38 3.71 -24.78 -3.63
N PRO B 39 3.81 -24.27 -4.86
CA PRO B 39 4.83 -23.27 -5.17
C PRO B 39 4.81 -22.11 -4.17
N LYS B 40 6.00 -21.69 -3.72
CA LYS B 40 6.07 -20.60 -2.75
C LYS B 40 5.45 -19.32 -3.32
N GLU B 41 5.64 -19.07 -4.62
CA GLU B 41 5.20 -17.81 -5.20
C GLU B 41 3.71 -17.78 -5.42
N TYR B 42 3.13 -18.93 -5.70
CA TYR B 42 1.69 -19.03 -5.75
C TYR B 42 1.11 -18.68 -4.39
N ILE B 43 1.64 -19.28 -3.32
CA ILE B 43 1.15 -19.01 -1.97
C ILE B 43 1.19 -17.52 -1.69
N ALA B 44 2.29 -16.86 -2.06
CA ALA B 44 2.41 -15.43 -1.77
C ALA B 44 1.50 -14.61 -2.66
N ARG B 45 1.30 -15.05 -3.90
CA ARG B 45 0.48 -14.28 -4.83
C ARG B 45 -0.95 -14.18 -4.30
N LEU B 46 -1.47 -15.28 -3.76
CA LEU B 46 -2.80 -15.32 -3.13
C LEU B 46 -2.85 -14.63 -1.77
N VAL B 47 -1.88 -14.90 -0.88
CA VAL B 47 -1.91 -14.28 0.45
C VAL B 47 -1.92 -12.76 0.32
N PHE B 48 -1.09 -12.23 -0.57
CA PHE B 48 -1.04 -10.81 -0.82
C PHE B 48 -2.00 -10.36 -1.89
N ASP B 49 -2.88 -11.25 -2.35
CA ASP B 49 -3.98 -10.77 -3.17
C ASP B 49 -5.05 -10.14 -2.30
N PRO B 50 -5.63 -9.01 -2.73
CA PRO B 50 -6.58 -8.29 -1.87
C PRO B 50 -7.94 -8.96 -1.70
N LYS B 51 -8.42 -9.73 -2.66
CA LYS B 51 -9.68 -10.43 -2.42
C LYS B 51 -9.50 -11.62 -1.48
N HIS B 52 -8.25 -11.96 -1.12
CA HIS B 52 -7.96 -13.03 -0.18
C HIS B 52 -7.69 -12.43 1.20
N LYS B 53 -8.44 -12.88 2.20
CA LYS B 53 -8.18 -12.58 3.59
C LYS B 53 -7.51 -13.79 4.24
N THR B 54 -6.98 -13.57 5.45
CA THR B 54 -6.26 -14.61 6.17
C THR B 54 -6.47 -14.46 7.66
N LEU B 55 -6.84 -15.54 8.33
CA LEU B 55 -7.01 -15.53 9.78
C LEU B 55 -5.69 -15.97 10.41
N ALA B 56 -4.95 -14.97 10.89
CA ALA B 56 -3.65 -15.20 11.50
C ALA B 56 -3.80 -15.60 12.96
N LEU B 57 -3.11 -16.67 13.36
CA LEU B 57 -2.98 -17.08 14.76
C LEU B 57 -1.62 -16.62 15.28
N ILE B 58 -1.64 -15.76 16.30
CA ILE B 58 -0.48 -14.96 16.74
C ILE B 58 -0.11 -15.38 18.16
N LYS B 59 0.88 -16.26 18.31
CA LYS B 59 1.39 -16.60 19.64
C LYS B 59 2.51 -15.66 20.05
N ASP B 60 2.26 -14.88 21.09
CA ASP B 60 3.26 -14.00 21.68
C ASP B 60 3.96 -13.19 20.59
N GLY B 61 3.15 -12.54 19.75
CA GLY B 61 3.64 -11.62 18.76
C GLY B 61 3.91 -12.20 17.39
N ARG B 62 4.22 -13.49 17.29
CA ARG B 62 4.59 -14.10 16.03
C ARG B 62 3.48 -14.98 15.49
N VAL B 63 3.36 -14.99 14.16
CA VAL B 63 2.51 -15.94 13.47
C VAL B 63 2.96 -17.36 13.79
N ILE B 64 2.00 -18.25 14.08
CA ILE B 64 2.31 -19.67 14.23
C ILE B 64 1.21 -20.47 13.59
N GLY B 65 0.39 -19.83 12.76
CA GLY B 65 -0.71 -20.52 12.10
C GLY B 65 -1.68 -19.61 11.37
N GLY B 66 -2.43 -20.17 10.43
CA GLY B 66 -3.44 -19.38 9.74
C GLY B 66 -4.33 -20.21 8.84
N ILE B 67 -5.40 -19.56 8.38
CA ILE B 67 -6.24 -20.05 7.28
C ILE B 67 -6.37 -18.94 6.25
N CYS B 68 -5.90 -19.19 5.04
CA CYS B 68 -6.15 -18.26 3.94
C CYS B 68 -7.45 -18.66 3.28
N PHE B 69 -8.38 -17.74 3.21
CA PHE B 69 -9.68 -18.00 2.63
C PHE B 69 -10.02 -16.87 1.68
N ARG B 70 -10.95 -17.14 0.78
CA ARG B 70 -11.46 -16.14 -0.14
C ARG B 70 -12.98 -16.16 -0.03
N MET B 71 -13.59 -15.01 0.29
CA MET B 71 -15.04 -14.95 0.44
C MET B 71 -15.72 -14.66 -0.90
N PHE B 72 -16.80 -15.38 -1.16
CA PHE B 72 -17.58 -15.23 -2.40
C PHE B 72 -19.02 -14.96 -2.03
N PRO B 73 -19.33 -13.77 -1.49
CA PRO B 73 -20.73 -13.44 -1.16
C PRO B 73 -21.72 -13.68 -2.30
N THR B 74 -21.48 -13.07 -3.46
CA THR B 74 -22.28 -13.32 -4.65
C THR B 74 -22.61 -14.79 -4.86
N GLN B 75 -21.73 -15.69 -4.44
CA GLN B 75 -21.94 -17.11 -4.65
C GLN B 75 -22.43 -17.84 -3.41
N GLY B 76 -22.47 -17.17 -2.26
CA GLY B 76 -22.95 -17.79 -1.05
C GLY B 76 -22.03 -18.78 -0.37
N PHE B 77 -20.72 -18.68 -0.57
CA PHE B 77 -19.78 -19.55 0.13
C PHE B 77 -18.41 -18.89 0.25
N THR B 78 -17.52 -19.57 0.99
CA THR B 78 -16.11 -19.23 1.07
C THR B 78 -15.22 -20.40 0.66
N GLU B 79 -14.10 -20.06 0.07
CA GLU B 79 -13.06 -20.99 -0.34
C GLU B 79 -12.03 -21.05 0.77
N ILE B 80 -11.75 -22.25 1.29
CA ILE B 80 -10.63 -22.43 2.20
C ILE B 80 -9.42 -22.69 1.34
N VAL B 81 -8.45 -21.79 1.39
CA VAL B 81 -7.38 -21.79 0.42
C VAL B 81 -6.11 -22.43 0.97
N PHE B 82 -5.73 -22.09 2.20
CA PHE B 82 -4.59 -22.71 2.87
C PHE B 82 -4.89 -22.88 4.35
N CYS B 83 -4.38 -23.97 4.94
CA CYS B 83 -4.40 -24.19 6.38
C CYS B 83 -3.04 -24.65 6.85
N ALA B 84 -2.53 -24.03 7.91
CA ALA B 84 -1.30 -24.53 8.50
C ALA B 84 -1.14 -24.10 9.95
N VAL B 85 -0.56 -24.98 10.75
CA VAL B 85 0.02 -24.63 12.03
C VAL B 85 1.48 -25.02 12.00
N THR B 86 2.34 -24.14 12.47
CA THR B 86 3.77 -24.42 12.39
C THR B 86 4.11 -25.68 13.17
N SER B 87 5.24 -26.29 12.80
CA SER B 87 5.52 -27.68 13.16
C SER B 87 5.57 -27.88 14.67
N ASN B 88 6.28 -27.02 15.40
CA ASN B 88 6.37 -27.11 16.85
C ASN B 88 5.03 -26.92 17.56
N GLU B 89 4.04 -26.31 16.93
CA GLU B 89 2.77 -26.00 17.60
C GLU B 89 1.62 -26.92 17.21
N GLN B 90 1.89 -28.03 16.53
CA GLN B 90 0.79 -28.85 16.04
C GLN B 90 0.33 -29.83 17.10
N VAL B 91 -0.90 -30.30 16.91
CA VAL B 91 -1.60 -31.21 17.79
C VAL B 91 -1.65 -30.63 19.21
N LYS B 92 -2.12 -29.39 19.33
CA LYS B 92 -2.38 -28.75 20.61
C LYS B 92 -3.80 -28.22 20.64
N GLY B 93 -4.53 -28.38 19.54
CA GLY B 93 -5.83 -27.79 19.34
C GLY B 93 -5.84 -26.55 18.48
N TYR B 94 -4.66 -26.02 18.14
CA TYR B 94 -4.60 -24.75 17.44
C TYR B 94 -5.34 -24.81 16.11
N GLY B 95 -5.23 -25.94 15.40
CA GLY B 95 -5.91 -26.08 14.12
C GLY B 95 -7.41 -26.02 14.26
N THR B 96 -7.95 -26.66 15.28
CA THR B 96 -9.41 -26.61 15.45
C THR B 96 -9.87 -25.24 15.93
N HIS B 97 -9.10 -24.59 16.79
CA HIS B 97 -9.47 -23.24 17.21
C HIS B 97 -9.47 -22.27 16.03
N LEU B 98 -8.55 -22.44 15.09
CA LEU B 98 -8.55 -21.55 13.94
C LEU B 98 -9.78 -21.76 13.08
N MET B 99 -10.23 -23.00 12.93
CA MET B 99 -11.42 -23.20 12.13
C MET B 99 -12.64 -22.57 12.81
N ASN B 100 -12.76 -22.76 14.14
CA ASN B 100 -13.93 -22.24 14.87
C ASN B 100 -14.00 -20.72 14.78
N HIS B 101 -12.87 -20.03 14.91
CA HIS B 101 -12.90 -18.58 14.74
C HIS B 101 -13.30 -18.21 13.31
N LEU B 102 -12.74 -18.91 12.31
CA LEU B 102 -13.17 -18.70 10.93
C LEU B 102 -14.67 -18.94 10.78
N LYS B 103 -15.21 -19.92 11.51
CA LYS B 103 -16.62 -20.20 11.40
C LYS B 103 -17.46 -19.08 12.02
N GLU B 104 -17.04 -18.54 13.17
CA GLU B 104 -17.76 -17.42 13.78
C GLU B 104 -17.72 -16.17 12.91
N TYR B 105 -16.54 -15.85 12.39
CA TYR B 105 -16.44 -14.75 11.45
C TYR B 105 -17.41 -14.96 10.30
N HIS B 106 -17.52 -16.18 9.83
CA HIS B 106 -18.40 -16.40 8.71
C HIS B 106 -19.86 -16.49 9.14
N ILE B 107 -20.17 -16.58 10.43
CA ILE B 107 -21.56 -16.45 10.83
C ILE B 107 -21.97 -14.99 10.82
N LYS B 108 -21.20 -14.14 11.49
CA LYS B 108 -21.44 -12.71 11.57
C LYS B 108 -21.28 -11.99 10.24
N HIS B 109 -21.12 -12.74 9.15
CA HIS B 109 -21.00 -12.16 7.81
C HIS B 109 -21.96 -12.77 6.79
N ASN B 110 -22.94 -13.55 7.23
CA ASN B 110 -23.99 -14.10 6.34
C ASN B 110 -23.49 -15.04 5.30
N ILE B 111 -22.56 -15.88 5.67
CA ILE B 111 -21.94 -16.90 4.80
C ILE B 111 -21.88 -18.21 5.57
N LEU B 112 -22.62 -19.21 5.12
CA LEU B 112 -22.71 -20.44 5.91
C LEU B 112 -22.32 -21.68 5.11
N TYR B 113 -21.36 -21.55 4.20
CA TYR B 113 -20.86 -22.68 3.42
C TYR B 113 -19.38 -22.50 3.13
N PHE B 114 -18.60 -23.51 3.51
CA PHE B 114 -17.16 -23.62 3.21
C PHE B 114 -16.95 -24.65 2.13
N LEU B 115 -16.12 -24.32 1.14
CA LEU B 115 -15.63 -25.29 0.16
C LEU B 115 -14.12 -25.31 0.16
N THR B 116 -13.55 -26.51 0.05
CA THR B 116 -12.11 -26.68 -0.05
C THR B 116 -11.80 -27.94 -0.84
N TYR B 117 -10.63 -27.95 -1.47
CA TYR B 117 -10.04 -29.18 -1.98
C TYR B 117 -9.03 -29.70 -0.97
N ALA B 118 -9.04 -31.00 -0.74
CA ALA B 118 -8.18 -31.58 0.28
C ALA B 118 -7.46 -32.77 -0.32
N ASP B 119 -6.12 -32.83 -0.18
CA ASP B 119 -5.50 -34.08 -0.55
C ASP B 119 -5.70 -35.10 0.57
N GLU B 120 -5.20 -36.32 0.36
CA GLU B 120 -5.57 -37.40 1.25
C GLU B 120 -5.06 -37.17 2.67
N TYR B 121 -3.93 -36.46 2.81
CA TYR B 121 -3.38 -36.21 4.13
C TYR B 121 -4.17 -35.16 4.89
N ALA B 122 -4.86 -34.26 4.17
CA ALA B 122 -5.69 -33.21 4.76
C ALA B 122 -7.15 -33.59 4.92
N ILE B 123 -7.62 -34.69 4.32
CA ILE B 123 -9.03 -35.05 4.44
C ILE B 123 -9.39 -35.32 5.89
N GLY B 124 -8.49 -35.98 6.62
CA GLY B 124 -8.79 -36.27 8.01
C GLY B 124 -9.09 -35.03 8.81
N TYR B 125 -8.31 -33.97 8.58
CA TYR B 125 -8.45 -32.76 9.37
C TYR B 125 -9.76 -32.07 9.07
N PHE B 126 -10.13 -32.01 7.80
CA PHE B 126 -11.36 -31.33 7.43
C PHE B 126 -12.58 -32.10 7.88
N LYS B 127 -12.56 -33.44 7.85
CA LYS B 127 -13.68 -34.17 8.41
C LYS B 127 -13.85 -33.82 9.87
N LYS B 128 -12.75 -33.80 10.63
CA LYS B 128 -12.83 -33.46 12.04
C LYS B 128 -13.47 -32.09 12.24
N GLN B 129 -13.29 -31.14 11.32
CA GLN B 129 -13.90 -29.81 11.46
C GLN B 129 -15.31 -29.75 10.93
N GLY B 130 -15.98 -30.89 10.79
CA GLY B 130 -17.34 -30.89 10.28
C GLY B 130 -17.42 -30.68 8.79
N PHE B 131 -16.41 -31.12 8.04
CA PHE B 131 -16.46 -31.11 6.58
C PHE B 131 -16.87 -32.48 6.08
N SER B 132 -17.45 -32.48 4.89
CA SER B 132 -18.02 -33.67 4.29
C SER B 132 -17.68 -33.73 2.82
N LYS B 133 -17.69 -34.96 2.30
CA LYS B 133 -17.44 -35.14 0.87
C LYS B 133 -18.67 -34.93 0.00
N ASP B 134 -19.88 -34.87 0.56
CA ASP B 134 -21.04 -34.69 -0.28
C ASP B 134 -21.34 -33.19 -0.38
N ILE B 135 -21.19 -32.67 -1.59
CA ILE B 135 -21.19 -31.23 -1.83
C ILE B 135 -22.61 -30.86 -2.24
N LYS B 136 -23.33 -30.15 -1.37
CA LYS B 136 -24.70 -29.72 -1.72
C LYS B 136 -24.71 -28.46 -2.57
N VAL B 137 -23.69 -27.61 -2.46
CA VAL B 137 -23.65 -26.48 -3.38
C VAL B 137 -23.56 -27.01 -4.81
N PRO B 138 -24.33 -26.45 -5.75
CA PRO B 138 -24.23 -26.89 -7.14
C PRO B 138 -22.88 -26.56 -7.74
N LYS B 139 -22.39 -27.50 -8.55
CA LYS B 139 -21.22 -27.25 -9.38
C LYS B 139 -21.34 -25.93 -10.11
N SER B 140 -22.52 -25.68 -10.67
CA SER B 140 -22.79 -24.40 -11.31
C SER B 140 -22.41 -23.21 -10.43
N ARG B 141 -22.39 -23.37 -9.11
CA ARG B 141 -22.12 -22.20 -8.27
C ARG B 141 -20.65 -22.06 -7.89
N TYR B 142 -19.92 -23.16 -7.74
CA TYR B 142 -18.52 -23.03 -7.34
C TYR B 142 -17.55 -23.19 -8.48
N LEU B 143 -17.90 -23.95 -9.52
CA LEU B 143 -16.92 -24.29 -10.54
C LEU B 143 -16.50 -23.05 -11.32
N GLY B 144 -15.18 -22.88 -11.47
CA GLY B 144 -14.61 -21.72 -12.09
C GLY B 144 -14.53 -20.50 -11.21
N TYR B 145 -15.02 -20.58 -9.97
CA TYR B 145 -14.82 -19.54 -8.97
C TYR B 145 -13.78 -19.96 -7.95
N ILE B 146 -13.86 -21.17 -7.46
CA ILE B 146 -12.82 -21.74 -6.62
C ILE B 146 -11.81 -22.42 -7.53
N LYS B 147 -10.55 -22.40 -7.12
CA LYS B 147 -9.53 -23.05 -7.92
C LYS B 147 -9.65 -24.54 -7.70
N ASP B 148 -9.88 -25.29 -8.77
CA ASP B 148 -10.07 -26.70 -8.52
C ASP B 148 -8.73 -27.42 -8.65
N TYR B 149 -8.72 -28.64 -8.14
CA TYR B 149 -7.49 -29.42 -8.09
C TYR B 149 -7.87 -30.82 -8.55
N GLU B 150 -7.43 -31.17 -9.76
CA GLU B 150 -7.38 -32.56 -10.25
C GLU B 150 -6.93 -33.50 -9.15
N GLY B 151 -7.81 -34.37 -8.68
CA GLY B 151 -7.39 -35.41 -7.76
C GLY B 151 -7.44 -35.07 -6.29
N ALA B 152 -7.73 -33.83 -5.93
CA ALA B 152 -8.06 -33.51 -4.56
C ALA B 152 -9.56 -33.60 -4.38
N THR B 153 -9.98 -34.04 -3.21
CA THR B 153 -11.40 -34.17 -2.90
C THR B 153 -12.01 -32.81 -2.60
N LEU B 154 -13.17 -32.54 -3.16
CA LEU B 154 -13.90 -31.36 -2.79
C LEU B 154 -14.66 -31.64 -1.49
N MET B 155 -14.36 -30.87 -0.45
CA MET B 155 -14.96 -31.06 0.87
C MET B 155 -15.88 -29.88 1.17
N GLU B 156 -17.03 -30.15 1.76
CA GLU B 156 -17.97 -29.06 2.01
C GLU B 156 -18.31 -28.99 3.49
N CYS B 157 -18.58 -27.76 3.94
CA CYS B 157 -18.96 -27.49 5.31
C CYS B 157 -20.10 -26.50 5.35
N GLU B 158 -21.10 -26.79 6.17
CA GLU B 158 -22.29 -25.97 6.31
C GLU B 158 -22.39 -25.54 7.77
N LEU B 159 -22.50 -24.23 8.00
CA LEU B 159 -22.43 -23.63 9.32
C LEU B 159 -23.81 -23.29 9.84
N ASN B 160 -23.94 -23.26 11.17
CA ASN B 160 -25.19 -22.90 11.84
C ASN B 160 -25.14 -21.51 12.44
N PRO B 161 -25.84 -20.54 11.87
CA PRO B 161 -25.75 -19.16 12.36
C PRO B 161 -26.37 -18.98 13.75
N ARG B 162 -27.08 -20.00 14.25
CA ARG B 162 -27.69 -20.00 15.57
C ARG B 162 -26.80 -20.68 16.62
N ILE B 163 -25.52 -20.87 16.30
CA ILE B 163 -24.54 -21.48 17.20
C ILE B 163 -23.40 -20.51 17.51
N PRO B 164 -22.89 -20.49 18.75
CA PRO B 164 -21.59 -19.86 18.99
C PRO B 164 -20.49 -20.87 18.73
N TYR B 165 -19.48 -20.46 17.95
CA TYR B 165 -18.34 -21.32 17.69
C TYR B 165 -17.12 -20.95 18.53
N THR B 166 -17.09 -19.76 19.12
CA THR B 166 -16.00 -19.41 20.02
C THR B 166 -16.54 -18.93 21.36
N GLY C 1 15.17 -18.25 -20.07
CA GLY C 1 14.56 -16.96 -19.76
C GLY C 1 15.54 -15.80 -19.59
N ILE C 2 15.05 -14.57 -19.77
CA ILE C 2 15.92 -13.41 -19.77
C ILE C 2 16.16 -12.93 -18.34
N ILE C 3 17.40 -12.55 -18.05
CA ILE C 3 17.85 -12.22 -16.71
C ILE C 3 17.67 -10.72 -16.48
N GLU C 4 17.15 -10.34 -15.31
CA GLU C 4 17.01 -8.94 -14.92
C GLU C 4 17.60 -8.70 -13.55
N PHE C 5 18.29 -7.57 -13.39
CA PHE C 5 18.79 -7.11 -12.10
C PHE C 5 18.03 -5.84 -11.70
N HIS C 6 17.52 -5.81 -10.47
CA HIS C 6 16.85 -4.64 -9.95
C HIS C 6 17.20 -4.44 -8.48
N VAL C 7 17.49 -3.21 -8.12
CA VAL C 7 17.72 -2.82 -6.74
C VAL C 7 16.40 -2.31 -6.21
N ILE C 8 15.83 -3.00 -5.23
CA ILE C 8 14.49 -2.72 -4.74
C ILE C 8 14.56 -2.61 -3.22
N GLY C 9 13.40 -2.30 -2.63
CA GLY C 9 13.29 -2.18 -1.18
C GLY C 9 11.90 -1.69 -0.83
N ASN C 10 11.63 -1.70 0.48
CA ASN C 10 10.39 -1.14 1.01
C ASN C 10 10.52 0.39 1.05
N SER C 11 9.48 1.11 0.61
CA SER C 11 9.62 2.54 0.29
C SER C 11 9.22 3.47 1.43
N LEU C 12 8.54 2.98 2.46
CA LEU C 12 8.01 3.82 3.54
C LEU C 12 7.28 5.05 2.98
N ASN C 17 3.73 -0.88 -4.79
CA ASN C 17 3.93 -1.67 -6.00
C ASN C 17 3.72 -3.17 -5.75
N ARG C 18 2.75 -3.76 -6.45
CA ARG C 18 2.47 -5.18 -6.26
C ARG C 18 3.64 -6.05 -6.70
N ARG C 19 4.33 -5.67 -7.76
CA ARG C 19 5.38 -6.52 -8.31
C ARG C 19 6.62 -6.50 -7.43
N VAL C 20 6.98 -5.32 -6.91
CA VAL C 20 8.10 -5.23 -5.97
C VAL C 20 7.77 -5.95 -4.67
N LEU C 21 6.52 -5.84 -4.23
CA LEU C 21 6.10 -6.52 -3.02
C LEU C 21 6.35 -8.02 -3.09
N LEU C 22 5.79 -8.70 -4.10
CA LEU C 22 6.00 -10.14 -4.22
C LEU C 22 7.46 -10.48 -4.50
N TRP C 23 8.23 -9.58 -5.10
CA TRP C 23 9.67 -9.81 -5.24
C TRP C 23 10.38 -9.79 -3.89
N LEU C 24 9.96 -8.90 -3.00
CA LEU C 24 10.58 -8.84 -1.69
C LEU C 24 10.27 -10.09 -0.87
N VAL C 25 9.06 -10.63 -1.02
CA VAL C 25 8.75 -11.91 -0.42
C VAL C 25 9.52 -13.03 -1.10
N GLY C 26 9.72 -12.95 -2.41
CA GLY C 26 10.53 -13.96 -3.06
C GLY C 26 11.93 -14.00 -2.49
N LEU C 27 12.53 -12.81 -2.32
CA LEU C 27 13.86 -12.70 -1.72
C LEU C 27 13.86 -13.25 -0.30
N GLN C 28 12.92 -12.78 0.52
CA GLN C 28 12.74 -13.34 1.86
C GLN C 28 12.63 -14.88 1.86
N ASN C 29 12.20 -15.50 0.74
CA ASN C 29 12.14 -16.95 0.74
C ASN C 29 13.47 -17.59 0.37
N VAL C 30 14.15 -17.10 -0.69
CA VAL C 30 15.43 -17.69 -1.04
C VAL C 30 16.52 -17.27 -0.06
N PHE C 31 16.34 -16.15 0.65
CA PHE C 31 17.26 -15.86 1.75
C PHE C 31 16.99 -16.81 2.90
N SER C 32 15.73 -16.95 3.29
CA SER C 32 15.45 -17.72 4.47
C SER C 32 15.57 -19.22 4.20
N HIS C 33 15.63 -19.60 2.93
CA HIS C 33 15.76 -21.02 2.64
C HIS C 33 17.22 -21.43 2.59
N GLN C 34 18.08 -20.56 2.06
CA GLN C 34 19.51 -20.84 1.87
C GLN C 34 20.35 -20.43 3.08
N LEU C 35 19.77 -19.75 4.07
CA LEU C 35 20.44 -19.40 5.32
C LEU C 35 19.59 -19.96 6.47
N PRO C 36 19.61 -21.28 6.64
CA PRO C 36 18.54 -21.94 7.38
C PRO C 36 18.63 -21.81 8.89
N ARG C 37 19.66 -21.20 9.42
CA ARG C 37 19.80 -21.15 10.86
C ARG C 37 19.52 -19.74 11.30
N MET C 38 19.03 -18.93 10.38
CA MET C 38 18.70 -17.57 10.69
C MET C 38 17.17 -17.43 10.84
N PRO C 39 16.68 -16.65 11.82
CA PRO C 39 15.23 -16.59 12.01
C PRO C 39 14.54 -16.00 10.78
N LYS C 40 13.50 -16.70 10.31
CA LYS C 40 12.70 -16.25 9.17
C LYS C 40 12.22 -14.83 9.41
N GLU C 41 11.75 -14.59 10.63
CA GLU C 41 11.26 -13.29 11.07
C GLU C 41 12.31 -12.22 10.90
N TYR C 42 13.56 -12.54 11.30
CA TYR C 42 14.64 -11.58 11.24
C TYR C 42 14.94 -11.21 9.80
N ILE C 43 15.12 -12.21 8.94
CA ILE C 43 15.35 -11.95 7.52
C ILE C 43 14.22 -11.12 6.94
N ALA C 44 12.97 -11.50 7.26
CA ALA C 44 11.83 -10.74 6.76
C ALA C 44 11.85 -9.31 7.28
N ARG C 45 12.16 -9.13 8.56
CA ARG C 45 12.17 -7.78 9.09
C ARG C 45 13.16 -6.92 8.35
N LEU C 46 14.32 -7.48 8.00
CA LEU C 46 15.35 -6.69 7.35
C LEU C 46 15.05 -6.46 5.88
N VAL C 47 14.63 -7.49 5.14
CA VAL C 47 14.31 -7.35 3.73
C VAL C 47 13.28 -6.22 3.53
N PHE C 48 12.33 -6.11 4.45
CA PHE C 48 11.24 -5.13 4.38
C PHE C 48 11.54 -3.88 5.18
N ASP C 49 12.76 -3.74 5.69
CA ASP C 49 13.14 -2.51 6.34
C ASP C 49 13.38 -1.43 5.29
N PRO C 50 12.91 -0.20 5.50
CA PRO C 50 13.01 0.80 4.43
C PRO C 50 14.44 1.26 4.21
N LYS C 51 15.31 1.11 5.18
CA LYS C 51 16.62 1.68 5.04
C LYS C 51 17.60 0.63 4.51
N HIS C 52 17.13 -0.61 4.34
CA HIS C 52 17.86 -1.66 3.60
C HIS C 52 17.33 -1.77 2.17
N LYS C 53 18.25 -2.01 1.24
CA LYS C 53 17.96 -2.27 -0.16
C LYS C 53 18.43 -3.67 -0.54
N THR C 54 17.82 -4.22 -1.57
CA THR C 54 18.13 -5.57 -1.99
C THR C 54 18.29 -5.61 -3.50
N LEU C 55 19.48 -5.97 -3.97
CA LEU C 55 19.66 -6.25 -5.39
C LEU C 55 19.03 -7.60 -5.70
N ALA C 56 17.93 -7.60 -6.44
CA ALA C 56 17.22 -8.82 -6.79
C ALA C 56 17.63 -9.30 -8.17
N LEU C 57 17.95 -10.58 -8.29
CA LEU C 57 18.24 -11.21 -9.58
C LEU C 57 17.00 -11.95 -10.05
N ILE C 58 16.42 -11.49 -11.17
CA ILE C 58 15.16 -12.00 -11.68
C ILE C 58 15.41 -12.80 -12.95
N LYS C 59 14.85 -14.00 -13.02
CA LYS C 59 14.87 -14.81 -14.23
C LYS C 59 13.45 -15.33 -14.45
N ASP C 60 12.78 -14.80 -15.47
CA ASP C 60 11.40 -15.14 -15.80
C ASP C 60 10.46 -14.68 -14.70
N GLY C 61 10.48 -13.39 -14.38
CA GLY C 61 9.56 -12.79 -13.45
C GLY C 61 9.71 -13.29 -12.02
N ARG C 62 10.48 -14.37 -11.85
CA ARG C 62 10.63 -15.06 -10.58
C ARG C 62 12.02 -14.80 -10.00
N VAL C 63 12.09 -14.76 -8.68
CA VAL C 63 13.32 -14.48 -7.96
C VAL C 63 14.17 -15.73 -7.86
N ILE C 64 15.43 -15.64 -8.26
CA ILE C 64 16.36 -16.75 -8.13
C ILE C 64 17.54 -16.43 -7.23
N GLY C 65 17.70 -15.18 -6.82
CA GLY C 65 18.78 -14.81 -5.93
C GLY C 65 18.75 -13.35 -5.59
N GLY C 66 19.83 -12.88 -4.99
CA GLY C 66 19.91 -11.46 -4.69
C GLY C 66 20.83 -11.22 -3.52
N ILE C 67 21.08 -9.93 -3.28
CA ILE C 67 21.99 -9.50 -2.22
C ILE C 67 21.31 -8.41 -1.42
N CYS C 68 21.00 -8.71 -0.15
CA CYS C 68 20.46 -7.70 0.75
C CYS C 68 21.61 -6.94 1.40
N PHE C 69 21.61 -5.62 1.24
CA PHE C 69 22.70 -4.79 1.76
C PHE C 69 22.14 -3.58 2.46
N ARG C 70 22.95 -2.79 3.06
CA ARG C 70 22.53 -1.61 3.77
C ARG C 70 23.66 -0.58 3.63
N MET C 71 23.46 0.51 2.96
CA MET C 71 24.50 1.49 2.71
C MET C 71 24.69 2.43 3.90
N PHE C 72 25.93 2.89 4.07
CA PHE C 72 26.29 3.86 5.11
C PHE C 72 27.16 4.93 4.48
N PRO C 73 26.56 5.84 3.72
CA PRO C 73 27.38 6.92 3.13
C PRO C 73 28.12 7.73 4.18
N THR C 74 27.44 8.14 5.25
CA THR C 74 28.08 8.84 6.37
C THR C 74 29.31 8.11 6.88
N GLN C 75 29.50 6.84 6.51
CA GLN C 75 30.61 6.05 7.00
C GLN C 75 31.45 5.45 5.88
N GLY C 76 31.08 5.70 4.63
CA GLY C 76 31.92 5.37 3.51
C GLY C 76 31.89 3.93 3.05
N PHE C 77 31.08 3.08 3.69
CA PHE C 77 31.01 1.67 3.30
C PHE C 77 29.56 1.24 3.13
N THR C 78 29.39 -0.03 2.72
CA THR C 78 28.10 -0.72 2.67
C THR C 78 28.19 -2.04 3.42
N GLU C 79 27.23 -2.29 4.29
CA GLU C 79 27.13 -3.56 5.00
C GLU C 79 26.33 -4.52 4.14
N ILE C 80 26.87 -5.72 3.94
CA ILE C 80 26.19 -6.74 3.17
C ILE C 80 25.53 -7.71 4.14
N VAL C 81 24.21 -7.81 4.06
CA VAL C 81 23.42 -8.50 5.08
C VAL C 81 23.12 -9.94 4.71
N PHE C 82 22.58 -10.18 3.51
CA PHE C 82 22.25 -11.52 3.04
C PHE C 82 22.71 -11.68 1.60
N CYS C 83 23.29 -12.84 1.26
CA CYS C 83 23.53 -13.24 -0.13
C CYS C 83 23.11 -14.69 -0.34
N ALA C 84 22.17 -14.91 -1.26
CA ALA C 84 21.78 -16.27 -1.63
C ALA C 84 21.35 -16.31 -3.08
N VAL C 85 21.77 -17.36 -3.77
CA VAL C 85 21.18 -17.78 -5.03
C VAL C 85 20.42 -19.06 -4.74
N THR C 86 19.27 -19.23 -5.39
CA THR C 86 18.49 -20.42 -5.09
C THR C 86 19.23 -21.66 -5.58
N SER C 87 18.90 -22.81 -5.01
CA SER C 87 19.68 -24.02 -5.26
C SER C 87 19.80 -24.54 -6.68
N ASN C 88 18.72 -24.45 -7.46
CA ASN C 88 18.61 -25.08 -8.77
C ASN C 88 19.35 -24.19 -9.77
N GLU C 89 19.99 -23.10 -9.29
CA GLU C 89 20.74 -22.20 -10.16
C GLU C 89 22.05 -21.72 -9.53
N GLN C 90 22.56 -22.43 -8.53
CA GLN C 90 23.85 -22.08 -7.99
C GLN C 90 24.98 -22.66 -8.83
N VAL C 91 26.19 -22.16 -8.59
CA VAL C 91 27.39 -22.53 -9.33
C VAL C 91 27.04 -22.43 -10.81
N LYS C 92 26.56 -21.26 -11.21
CA LYS C 92 26.38 -20.91 -12.61
C LYS C 92 26.93 -19.52 -12.87
N GLY C 93 27.71 -18.99 -11.93
CA GLY C 93 28.16 -17.62 -11.99
C GLY C 93 27.15 -16.60 -11.54
N TYR C 94 25.93 -17.02 -11.20
CA TYR C 94 24.89 -16.06 -10.80
C TYR C 94 25.32 -15.26 -9.56
N GLY C 95 25.91 -15.92 -8.57
CA GLY C 95 26.41 -15.19 -7.42
C GLY C 95 27.42 -14.12 -7.81
N THR C 96 28.30 -14.41 -8.76
CA THR C 96 29.33 -13.45 -9.12
C THR C 96 28.74 -12.23 -9.82
N HIS C 97 27.75 -12.43 -10.69
CA HIS C 97 27.12 -11.33 -11.40
C HIS C 97 26.40 -10.39 -10.44
N LEU C 98 25.69 -10.97 -9.47
CA LEU C 98 25.09 -10.20 -8.40
C LEU C 98 26.12 -9.35 -7.67
N MET C 99 27.24 -9.96 -7.26
CA MET C 99 28.29 -9.20 -6.60
C MET C 99 28.84 -8.13 -7.53
N ASN C 100 28.98 -8.46 -8.82
CA ASN C 100 29.54 -7.51 -9.78
C ASN C 100 28.58 -6.36 -10.06
N HIS C 101 27.28 -6.65 -10.17
CA HIS C 101 26.32 -5.55 -10.24
C HIS C 101 26.41 -4.67 -9.00
N LEU C 102 26.44 -5.28 -7.82
CA LEU C 102 26.51 -4.51 -6.58
C LEU C 102 27.68 -3.54 -6.62
N LYS C 103 28.86 -4.03 -7.04
CA LYS C 103 30.04 -3.19 -7.15
C LYS C 103 29.83 -2.04 -8.12
N GLU C 104 29.31 -2.34 -9.32
CA GLU C 104 28.93 -1.29 -10.25
C GLU C 104 27.96 -0.29 -9.61
N TYR C 105 26.91 -0.78 -8.95
CA TYR C 105 25.95 0.11 -8.31
C TYR C 105 26.61 1.02 -7.29
N HIS C 106 27.60 0.49 -6.57
CA HIS C 106 28.16 1.29 -5.48
C HIS C 106 29.22 2.27 -5.98
N ILE C 107 29.99 1.89 -7.00
CA ILE C 107 30.92 2.84 -7.60
C ILE C 107 30.17 4.09 -8.03
N LYS C 108 29.02 3.92 -8.69
CA LYS C 108 28.20 5.06 -9.10
C LYS C 108 27.65 5.84 -7.91
N HIS C 109 27.55 5.23 -6.74
CA HIS C 109 27.07 5.93 -5.55
C HIS C 109 28.20 6.29 -4.59
N ASN C 110 29.45 6.29 -5.10
CA ASN C 110 30.62 6.82 -4.37
C ASN C 110 30.83 6.14 -3.01
N ILE C 111 30.47 4.86 -2.91
CA ILE C 111 30.82 4.02 -1.78
C ILE C 111 31.73 2.93 -2.33
N LEU C 112 32.93 2.82 -1.77
CA LEU C 112 33.93 1.92 -2.35
C LEU C 112 34.44 0.88 -1.35
N TYR C 113 33.63 0.53 -0.36
CA TYR C 113 34.04 -0.41 0.70
C TYR C 113 32.86 -1.29 1.08
N PHE C 114 33.04 -2.60 1.01
CA PHE C 114 32.06 -3.54 1.52
C PHE C 114 32.59 -4.15 2.81
N LEU C 115 31.71 -4.26 3.80
CA LEU C 115 32.00 -4.99 5.02
C LEU C 115 30.93 -6.06 5.17
N THR C 116 31.36 -7.28 5.50
CA THR C 116 30.46 -8.41 5.66
C THR C 116 31.09 -9.36 6.68
N TYR C 117 30.25 -10.16 7.33
CA TYR C 117 30.71 -11.25 8.16
C TYR C 117 30.48 -12.54 7.39
N ALA C 118 31.43 -13.45 7.51
CA ALA C 118 31.41 -14.69 6.74
C ALA C 118 31.59 -15.86 7.68
N ASP C 119 30.56 -16.70 7.77
CA ASP C 119 30.70 -18.01 8.37
C ASP C 119 31.63 -18.87 7.51
N GLU C 120 31.92 -20.06 8.00
CA GLU C 120 32.83 -20.94 7.29
C GLU C 120 32.21 -21.52 6.02
N TYR C 121 30.88 -21.52 5.93
CA TYR C 121 30.23 -22.13 4.77
C TYR C 121 30.25 -21.20 3.57
N ALA C 122 30.66 -19.94 3.76
CA ALA C 122 30.51 -18.89 2.77
C ALA C 122 31.77 -18.07 2.55
N ILE C 123 32.79 -18.26 3.38
CA ILE C 123 33.94 -17.37 3.34
C ILE C 123 34.69 -17.49 2.02
N GLY C 124 34.71 -18.68 1.41
CA GLY C 124 35.44 -18.84 0.16
C GLY C 124 34.83 -18.06 -0.98
N TYR C 125 33.50 -18.06 -1.07
CA TYR C 125 32.83 -17.29 -2.09
C TYR C 125 33.21 -15.83 -2.04
N PHE C 126 33.35 -15.28 -0.83
CA PHE C 126 33.72 -13.87 -0.66
C PHE C 126 35.16 -13.62 -1.02
N LYS C 127 36.07 -14.50 -0.60
CA LYS C 127 37.44 -14.42 -1.09
C LYS C 127 37.45 -14.34 -2.61
N LYS C 128 36.75 -15.26 -3.27
CA LYS C 128 36.67 -15.26 -4.74
C LYS C 128 35.98 -14.04 -5.31
N GLN C 129 35.30 -13.24 -4.50
CA GLN C 129 34.72 -11.97 -4.92
C GLN C 129 35.59 -10.77 -4.57
N GLY C 130 36.85 -11.01 -4.20
CA GLY C 130 37.74 -9.93 -3.86
C GLY C 130 37.55 -9.39 -2.47
N PHE C 131 37.26 -10.26 -1.50
CA PHE C 131 37.21 -9.86 -0.12
C PHE C 131 38.45 -10.39 0.60
N SER C 132 38.82 -9.70 1.67
CA SER C 132 39.92 -10.13 2.51
C SER C 132 39.56 -9.90 3.97
N LYS C 133 40.29 -10.59 4.84
CA LYS C 133 40.23 -10.39 6.28
C LYS C 133 40.94 -9.11 6.69
N ASP C 134 41.57 -8.41 5.77
CA ASP C 134 42.40 -7.27 6.12
C ASP C 134 41.49 -6.05 6.13
N ILE C 135 40.95 -5.73 7.31
CA ILE C 135 39.93 -4.67 7.44
C ILE C 135 40.65 -3.33 7.44
N LYS C 136 40.73 -2.67 6.30
CA LYS C 136 41.33 -1.34 6.26
C LYS C 136 40.42 -0.26 6.81
N VAL C 137 39.10 -0.47 6.79
CA VAL C 137 38.17 0.51 7.39
C VAL C 137 38.47 0.63 8.88
N PRO C 138 38.69 1.85 9.41
CA PRO C 138 38.83 2.01 10.86
C PRO C 138 37.69 1.38 11.62
N LYS C 139 38.03 0.62 12.64
CA LYS C 139 37.02 0.12 13.55
C LYS C 139 36.18 1.27 14.11
N SER C 140 36.80 2.45 14.26
CA SER C 140 36.09 3.69 14.61
C SER C 140 34.82 3.88 13.79
N ARG C 141 34.88 3.55 12.49
CA ARG C 141 33.80 3.81 11.53
C ARG C 141 32.72 2.74 11.51
N TYR C 142 33.00 1.50 11.88
CA TYR C 142 31.95 0.51 11.67
C TYR C 142 31.35 -0.09 12.93
N LEU C 143 31.97 0.00 14.11
CA LEU C 143 31.23 -0.56 15.24
C LEU C 143 29.94 0.19 15.45
N GLY C 144 28.94 -0.54 15.93
CA GLY C 144 27.64 0.05 16.13
C GLY C 144 26.92 0.38 14.87
N TYR C 145 27.51 0.09 13.70
CA TYR C 145 26.83 0.23 12.43
C TYR C 145 26.64 -1.09 11.69
N ILE C 146 27.56 -2.03 11.82
CA ILE C 146 27.41 -3.36 11.25
C ILE C 146 27.05 -4.32 12.37
N LYS C 147 26.16 -5.27 12.06
CA LYS C 147 25.72 -6.22 13.05
C LYS C 147 26.95 -7.02 13.43
N ASP C 148 27.58 -6.69 14.56
CA ASP C 148 28.73 -7.45 15.03
C ASP C 148 28.27 -8.88 15.37
N TYR C 149 28.88 -9.86 14.71
CA TYR C 149 28.69 -11.27 15.02
C TYR C 149 29.98 -11.82 15.62
N GLU C 150 29.84 -12.56 16.70
CA GLU C 150 30.97 -13.27 17.27
C GLU C 150 30.99 -14.67 16.67
N GLY C 151 32.19 -15.20 16.46
CA GLY C 151 32.36 -16.48 15.82
C GLY C 151 32.43 -16.41 14.31
N ALA C 152 31.96 -15.32 13.71
CA ALA C 152 32.13 -15.09 12.29
C ALA C 152 33.34 -14.18 12.03
N THR C 153 33.85 -14.30 10.81
CA THR C 153 34.98 -13.52 10.34
C THR C 153 34.50 -12.28 9.61
N LEU C 154 34.93 -11.11 10.07
CA LEU C 154 34.67 -9.89 9.33
C LEU C 154 35.56 -9.83 8.09
N MET C 155 34.95 -9.65 6.92
CA MET C 155 35.67 -9.54 5.66
C MET C 155 35.47 -8.16 5.09
N GLU C 156 36.50 -7.65 4.41
CA GLU C 156 36.41 -6.37 3.72
C GLU C 156 36.63 -6.55 2.23
N CYS C 157 35.98 -5.71 1.46
CA CYS C 157 36.26 -5.54 0.04
C CYS C 157 36.38 -4.05 -0.28
N GLU C 158 37.45 -3.69 -1.00
CA GLU C 158 37.68 -2.31 -1.43
C GLU C 158 37.49 -2.17 -2.94
N LEU C 159 36.51 -1.37 -3.34
CA LEU C 159 36.19 -1.17 -4.74
C LEU C 159 37.16 -0.21 -5.40
N ASN C 160 37.21 -0.27 -6.74
CA ASN C 160 38.13 0.51 -7.54
C ASN C 160 37.34 1.59 -8.26
N PRO C 161 37.56 2.87 -7.97
CA PRO C 161 36.66 3.90 -8.50
C PRO C 161 36.86 4.08 -9.99
N ARG C 162 35.74 4.23 -10.71
CA ARG C 162 35.76 4.29 -12.17
C ARG C 162 35.00 5.52 -12.66
N ILE C 163 35.61 6.19 -13.64
CA ILE C 163 35.00 7.32 -14.33
C ILE C 163 34.03 6.75 -15.36
N PRO C 164 32.71 6.86 -15.14
CA PRO C 164 31.75 6.15 -15.99
C PRO C 164 31.81 6.60 -17.45
N TYR C 165 31.34 5.72 -18.33
CA TYR C 165 31.38 5.91 -19.79
C TYR C 165 32.81 6.04 -20.33
N GLY D 1 34.14 42.01 -23.95
CA GLY D 1 33.17 43.05 -23.68
C GLY D 1 32.65 42.95 -22.27
N ILE D 2 31.33 42.97 -22.10
CA ILE D 2 30.74 42.75 -20.79
C ILE D 2 31.19 41.40 -20.25
N ILE D 3 31.65 41.37 -19.01
CA ILE D 3 31.91 40.13 -18.29
C ILE D 3 30.92 40.05 -17.14
N GLU D 4 30.56 38.82 -16.77
CA GLU D 4 29.36 38.63 -15.98
C GLU D 4 29.28 37.22 -15.40
N PHE D 5 29.01 37.09 -14.11
CA PHE D 5 28.99 35.80 -13.42
C PHE D 5 27.57 35.44 -13.00
N HIS D 6 27.26 34.15 -13.02
CA HIS D 6 25.96 33.72 -12.54
C HIS D 6 26.05 32.31 -12.01
N VAL D 7 25.41 32.05 -10.88
CA VAL D 7 25.41 30.70 -10.33
C VAL D 7 24.18 30.00 -10.88
N ILE D 8 24.42 29.12 -11.84
CA ILE D 8 23.37 28.50 -12.66
C ILE D 8 23.26 27.03 -12.26
N GLY D 9 22.10 26.43 -12.52
CA GLY D 9 21.92 25.00 -12.26
C GLY D 9 20.63 24.53 -12.90
N ASN D 10 20.42 23.21 -12.88
CA ASN D 10 19.20 22.64 -13.45
C ASN D 10 18.24 22.24 -12.32
N SER D 11 17.25 23.11 -12.05
CA SER D 11 16.31 22.90 -10.97
C SER D 11 14.98 22.34 -11.50
N LEU D 12 14.02 22.19 -10.59
CA LEU D 12 12.73 21.62 -10.92
C LEU D 12 11.63 22.63 -10.59
N ASN D 17 14.37 28.39 -18.00
CA ASN D 17 14.66 29.47 -18.93
C ASN D 17 15.48 28.93 -20.11
N ARG D 18 15.19 29.42 -21.32
CA ARG D 18 16.03 29.06 -22.47
C ARG D 18 17.43 29.62 -22.27
N ARG D 19 17.54 30.85 -21.77
CA ARG D 19 18.85 31.44 -21.53
C ARG D 19 19.69 30.53 -20.65
N VAL D 20 19.14 30.13 -19.52
CA VAL D 20 19.88 29.28 -18.59
C VAL D 20 20.18 27.92 -19.20
N LEU D 21 19.24 27.38 -19.99
CA LEU D 21 19.43 26.04 -20.53
C LEU D 21 20.60 26.00 -21.52
N LEU D 22 20.66 26.98 -22.43
CA LEU D 22 21.76 27.03 -23.37
C LEU D 22 23.06 27.39 -22.68
N TRP D 23 23.00 28.28 -21.69
CA TRP D 23 24.16 28.54 -20.84
C TRP D 23 24.76 27.26 -20.32
N LEU D 24 23.91 26.41 -19.74
CA LEU D 24 24.34 25.11 -19.26
C LEU D 24 24.99 24.29 -20.38
N VAL D 25 24.38 24.27 -21.57
CA VAL D 25 24.94 23.49 -22.67
C VAL D 25 26.33 24.00 -23.03
N GLY D 26 26.46 25.32 -23.16
CA GLY D 26 27.78 25.91 -23.34
C GLY D 26 28.75 25.46 -22.29
N LEU D 27 28.29 25.36 -21.04
CA LEU D 27 29.17 24.92 -19.95
C LEU D 27 29.57 23.46 -20.12
N GLN D 28 28.60 22.60 -20.44
CA GLN D 28 28.92 21.23 -20.79
C GLN D 28 29.90 21.17 -21.97
N ASN D 29 29.72 22.05 -22.96
CA ASN D 29 30.65 22.11 -24.10
C ASN D 29 32.05 22.50 -23.64
N VAL D 30 32.17 23.66 -22.97
CA VAL D 30 33.49 24.14 -22.57
C VAL D 30 34.16 23.14 -21.65
N PHE D 31 33.40 22.58 -20.70
CA PHE D 31 33.95 21.54 -19.82
C PHE D 31 34.41 20.34 -20.60
N SER D 32 33.58 19.88 -21.54
CA SER D 32 33.92 18.62 -22.15
C SER D 32 35.08 18.78 -23.09
N HIS D 33 35.25 19.98 -23.64
CA HIS D 33 36.34 20.20 -24.59
C HIS D 33 37.65 20.34 -23.87
N GLN D 34 37.69 21.18 -22.83
CA GLN D 34 38.90 21.41 -22.06
C GLN D 34 39.27 20.21 -21.20
N LEU D 35 38.36 19.26 -21.01
CA LEU D 35 38.62 18.01 -20.30
C LEU D 35 38.38 16.87 -21.29
N PRO D 36 39.31 16.65 -22.23
CA PRO D 36 39.00 15.80 -23.38
C PRO D 36 38.87 14.34 -23.01
N ARG D 37 39.54 13.89 -21.95
CA ARG D 37 39.44 12.48 -21.58
C ARG D 37 38.20 12.18 -20.72
N MET D 38 37.47 13.20 -20.30
CA MET D 38 36.22 12.97 -19.61
C MET D 38 35.13 12.57 -20.60
N PRO D 39 34.41 11.48 -20.35
CA PRO D 39 33.23 11.16 -21.15
C PRO D 39 32.24 12.32 -21.22
N LYS D 40 31.86 12.71 -22.44
CA LYS D 40 30.97 13.86 -22.61
C LYS D 40 29.69 13.72 -21.78
N GLU D 41 29.14 12.52 -21.69
CA GLU D 41 27.83 12.42 -21.04
C GLU D 41 27.96 12.42 -19.53
N TYR D 42 29.05 11.87 -19.01
CA TYR D 42 29.28 11.99 -17.57
C TYR D 42 29.33 13.45 -17.15
N ILE D 43 29.99 14.29 -17.94
CA ILE D 43 29.93 15.74 -17.78
C ILE D 43 28.49 16.24 -17.87
N ALA D 44 27.71 15.65 -18.77
CA ALA D 44 26.35 16.12 -18.98
C ALA D 44 25.48 15.81 -17.78
N ARG D 45 25.51 14.55 -17.30
CA ARG D 45 24.65 14.21 -16.17
C ARG D 45 24.99 15.08 -14.98
N LEU D 46 26.24 15.51 -14.87
CA LEU D 46 26.62 16.33 -13.73
C LEU D 46 26.14 17.77 -13.89
N VAL D 47 26.41 18.40 -15.04
CA VAL D 47 26.05 19.81 -15.19
C VAL D 47 24.55 19.98 -15.02
N PHE D 48 23.79 18.99 -15.49
CA PHE D 48 22.34 19.04 -15.49
C PHE D 48 21.75 18.34 -14.28
N ASP D 49 22.59 17.81 -13.40
CA ASP D 49 22.11 17.31 -12.11
C ASP D 49 21.54 18.47 -11.31
N PRO D 50 20.41 18.28 -10.61
CA PRO D 50 19.86 19.37 -9.81
C PRO D 50 20.74 19.73 -8.63
N LYS D 51 21.37 18.73 -8.01
CA LYS D 51 22.21 19.00 -6.85
C LYS D 51 23.56 19.58 -7.23
N HIS D 52 23.88 19.69 -8.52
CA HIS D 52 25.04 20.45 -8.98
C HIS D 52 24.63 21.85 -9.43
N LYS D 53 25.41 22.82 -9.02
CA LYS D 53 25.29 24.17 -9.51
C LYS D 53 26.59 24.50 -10.22
N THR D 54 26.53 25.48 -11.13
CA THR D 54 27.70 25.89 -11.89
C THR D 54 27.82 27.40 -11.81
N LEU D 55 29.03 27.88 -11.53
CA LEU D 55 29.35 29.31 -11.61
C LEU D 55 29.78 29.62 -13.03
N ALA D 56 28.89 30.26 -13.79
CA ALA D 56 29.12 30.53 -15.21
C ALA D 56 29.83 31.87 -15.41
N LEU D 57 30.79 31.90 -16.33
CA LEU D 57 31.51 33.10 -16.74
C LEU D 57 31.08 33.44 -18.15
N ILE D 58 30.17 34.41 -18.28
CA ILE D 58 29.66 34.87 -19.57
C ILE D 58 30.45 36.09 -20.03
N LYS D 59 30.83 36.12 -21.31
CA LYS D 59 31.53 37.27 -21.89
C LYS D 59 30.88 37.66 -23.21
N ASP D 60 30.22 38.84 -23.22
CA ASP D 60 29.46 39.31 -24.37
C ASP D 60 28.42 38.27 -24.79
N GLY D 61 27.68 37.77 -23.79
CA GLY D 61 26.59 36.88 -24.02
C GLY D 61 26.92 35.41 -23.94
N ARG D 62 28.21 35.05 -23.94
CA ARG D 62 28.63 33.69 -24.28
C ARG D 62 29.48 33.01 -23.22
N VAL D 63 29.16 31.74 -22.95
CA VAL D 63 29.90 30.93 -21.98
C VAL D 63 31.33 30.74 -22.45
N ILE D 64 32.29 31.24 -21.66
CA ILE D 64 33.72 31.03 -21.92
C ILE D 64 34.42 30.31 -20.78
N GLY D 65 33.70 29.92 -19.73
CA GLY D 65 34.35 29.39 -18.54
C GLY D 65 33.31 29.06 -17.50
N GLY D 66 33.74 28.32 -16.48
CA GLY D 66 32.86 27.96 -15.39
C GLY D 66 33.47 27.01 -14.38
N ILE D 67 32.87 26.93 -13.20
CA ILE D 67 33.26 25.99 -12.17
C ILE D 67 32.02 25.23 -11.74
N CYS D 68 31.96 23.94 -12.03
CA CYS D 68 30.81 23.14 -11.63
C CYS D 68 31.10 22.56 -10.25
N PHE D 69 30.16 22.70 -9.32
CA PHE D 69 30.38 22.23 -7.97
C PHE D 69 29.11 21.61 -7.39
N ARG D 70 29.30 20.83 -6.33
CA ARG D 70 28.21 20.31 -5.53
C ARG D 70 28.45 20.75 -4.09
N MET D 71 27.48 21.44 -3.50
CA MET D 71 27.57 21.82 -2.10
C MET D 71 27.06 20.68 -1.22
N PHE D 72 27.77 20.43 -0.12
CA PHE D 72 27.38 19.43 0.89
C PHE D 72 27.23 20.10 2.26
N PRO D 73 26.26 21.02 2.41
CA PRO D 73 26.21 21.80 3.67
C PRO D 73 26.05 20.95 4.93
N THR D 74 25.26 19.90 4.91
CA THR D 74 25.22 18.98 6.05
C THR D 74 26.56 18.33 6.36
N GLN D 75 27.60 18.60 5.56
CA GLN D 75 28.92 18.08 5.82
C GLN D 75 29.98 19.17 5.77
N GLY D 76 29.56 20.40 5.51
CA GLY D 76 30.41 21.54 5.77
C GLY D 76 31.38 21.90 4.68
N PHE D 77 31.29 21.27 3.51
CA PHE D 77 32.22 21.53 2.43
C PHE D 77 31.47 21.56 1.11
N THR D 78 32.16 22.01 0.08
CA THR D 78 31.74 21.91 -1.29
C THR D 78 32.75 21.07 -2.07
N GLU D 79 32.23 20.22 -2.96
CA GLU D 79 33.08 19.47 -3.90
C GLU D 79 33.21 20.31 -5.16
N ILE D 80 34.45 20.57 -5.59
CA ILE D 80 34.70 21.20 -6.88
C ILE D 80 34.69 20.12 -7.95
N VAL D 81 33.82 20.24 -8.93
CA VAL D 81 33.68 19.16 -9.90
C VAL D 81 34.41 19.50 -11.19
N PHE D 82 34.08 20.61 -11.83
CA PHE D 82 34.72 20.99 -13.08
C PHE D 82 35.11 22.46 -13.03
N CYS D 83 36.36 22.74 -13.40
CA CYS D 83 36.82 24.07 -13.78
C CYS D 83 37.26 24.03 -15.23
N ALA D 84 37.08 25.15 -15.93
CA ALA D 84 37.64 25.26 -17.27
C ALA D 84 37.48 26.69 -17.76
N VAL D 85 38.39 27.10 -18.61
CA VAL D 85 38.25 28.31 -19.40
C VAL D 85 38.52 27.92 -20.84
N THR D 86 37.73 28.46 -21.76
CA THR D 86 37.99 28.13 -23.15
C THR D 86 39.36 28.64 -23.56
N SER D 87 40.01 27.90 -24.45
CA SER D 87 41.46 27.99 -24.56
C SER D 87 41.91 29.38 -25.00
N ASN D 88 41.17 30.03 -25.92
CA ASN D 88 41.64 31.38 -26.26
C ASN D 88 41.31 32.42 -25.21
N GLU D 89 40.76 32.02 -24.05
CA GLU D 89 40.59 32.92 -22.92
C GLU D 89 41.46 32.51 -21.74
N GLN D 90 42.30 31.50 -21.92
CA GLN D 90 43.15 31.13 -20.82
C GLN D 90 44.30 32.11 -20.65
N VAL D 91 44.91 32.05 -19.47
CA VAL D 91 46.08 32.82 -19.11
C VAL D 91 45.68 34.29 -19.29
N LYS D 92 44.59 34.67 -18.66
CA LYS D 92 44.17 36.07 -18.61
C LYS D 92 43.63 36.44 -17.23
N GLY D 93 43.77 35.54 -16.25
CA GLY D 93 43.14 35.70 -14.97
C GLY D 93 41.68 35.25 -14.89
N TYR D 94 41.08 34.81 -15.99
CA TYR D 94 39.68 34.37 -15.91
C TYR D 94 39.54 33.23 -14.90
N GLY D 95 40.44 32.26 -14.96
CA GLY D 95 40.40 31.17 -13.99
C GLY D 95 40.38 31.65 -12.56
N THR D 96 41.25 32.62 -12.22
CA THR D 96 41.33 33.05 -10.83
C THR D 96 40.07 33.77 -10.40
N HIS D 97 39.59 34.72 -11.21
CA HIS D 97 38.33 35.40 -10.91
C HIS D 97 37.15 34.43 -10.77
N LEU D 98 37.09 33.42 -11.62
CA LEU D 98 36.09 32.36 -11.42
C LEU D 98 36.23 31.75 -10.03
N MET D 99 37.46 31.44 -9.61
CA MET D 99 37.62 30.85 -8.28
C MET D 99 37.24 31.86 -7.21
N ASN D 100 37.81 33.07 -7.25
CA ASN D 100 37.53 34.08 -6.23
C ASN D 100 36.05 34.37 -6.11
N HIS D 101 35.32 34.36 -7.23
CA HIS D 101 33.87 34.46 -7.11
C HIS D 101 33.29 33.28 -6.35
N LEU D 102 33.69 32.05 -6.70
CA LEU D 102 33.16 30.87 -6.02
C LEU D 102 33.46 30.90 -4.53
N LYS D 103 34.56 31.53 -4.15
CA LYS D 103 34.86 31.66 -2.73
C LYS D 103 33.88 32.64 -2.09
N GLU D 104 33.80 33.87 -2.61
CA GLU D 104 32.87 34.87 -2.12
C GLU D 104 31.47 34.28 -1.97
N TYR D 105 31.03 33.49 -2.97
CA TYR D 105 29.70 32.87 -2.92
C TYR D 105 29.56 31.99 -1.69
N HIS D 106 30.63 31.26 -1.35
CA HIS D 106 30.54 30.24 -0.31
C HIS D 106 30.73 30.80 1.09
N ILE D 107 31.50 31.87 1.21
CA ILE D 107 31.49 32.64 2.44
C ILE D 107 30.04 32.98 2.81
N LYS D 108 29.29 33.48 1.82
CA LYS D 108 27.92 33.87 2.05
C LYS D 108 26.99 32.71 2.39
N HIS D 109 27.33 31.46 2.04
CA HIS D 109 26.51 30.35 2.51
C HIS D 109 27.15 29.59 3.67
N ASN D 110 28.12 30.19 4.36
CA ASN D 110 28.82 29.54 5.49
C ASN D 110 29.13 28.09 5.19
N ILE D 111 29.67 27.86 4.00
CA ILE D 111 30.49 26.69 3.75
C ILE D 111 31.90 27.22 3.51
N LEU D 112 32.87 26.71 4.28
CA LEU D 112 34.20 27.29 4.32
C LEU D 112 35.31 26.34 3.89
N TYR D 113 34.98 25.16 3.36
CA TYR D 113 35.97 24.21 2.88
C TYR D 113 35.59 23.77 1.47
N PHE D 114 36.57 23.76 0.57
CA PHE D 114 36.48 23.16 -0.76
C PHE D 114 37.30 21.87 -0.78
N LEU D 115 36.73 20.81 -1.35
CA LEU D 115 37.51 19.63 -1.70
C LEU D 115 37.44 19.37 -3.19
N THR D 116 38.56 18.93 -3.77
CA THR D 116 38.62 18.57 -5.18
C THR D 116 39.80 17.63 -5.40
N TYR D 117 39.84 17.06 -6.61
CA TYR D 117 40.94 16.20 -7.04
C TYR D 117 41.71 16.89 -8.17
N ALA D 118 43.02 16.66 -8.21
CA ALA D 118 43.92 17.41 -9.08
C ALA D 118 44.84 16.47 -9.85
N ASP D 119 44.63 16.33 -11.16
CA ASP D 119 45.56 15.57 -11.99
C ASP D 119 46.84 16.39 -12.19
N GLU D 120 47.81 15.81 -12.90
CA GLU D 120 49.02 16.55 -13.27
C GLU D 120 48.67 17.90 -13.84
N TYR D 121 47.69 17.94 -14.75
CA TYR D 121 47.50 19.06 -15.65
C TYR D 121 46.88 20.28 -14.99
N ALA D 122 46.41 20.20 -13.75
CA ALA D 122 45.75 21.34 -13.18
C ALA D 122 46.03 21.55 -11.70
N ILE D 123 46.97 20.81 -11.12
CA ILE D 123 47.24 20.97 -9.71
C ILE D 123 47.92 22.32 -9.46
N GLY D 124 48.74 22.78 -10.40
CA GLY D 124 49.38 24.07 -10.24
C GLY D 124 48.38 25.21 -10.18
N TYR D 125 47.36 25.19 -11.03
CA TYR D 125 46.31 26.19 -10.93
C TYR D 125 45.67 26.14 -9.56
N PHE D 126 45.31 24.95 -9.09
CA PHE D 126 44.66 24.81 -7.79
C PHE D 126 45.55 25.29 -6.67
N LYS D 127 46.86 25.06 -6.75
CA LYS D 127 47.72 25.60 -5.71
C LYS D 127 47.76 27.11 -5.76
N LYS D 128 47.78 27.71 -6.96
CA LYS D 128 47.75 29.17 -7.03
C LYS D 128 46.46 29.74 -6.46
N GLN D 129 45.40 28.94 -6.37
CA GLN D 129 44.13 29.31 -5.74
C GLN D 129 44.05 28.91 -4.29
N GLY D 130 45.17 28.57 -3.67
CA GLY D 130 45.23 28.25 -2.26
C GLY D 130 44.77 26.87 -1.87
N PHE D 131 44.81 25.91 -2.76
CA PHE D 131 44.52 24.54 -2.34
C PHE D 131 45.78 23.87 -1.83
N SER D 132 45.60 23.05 -0.80
CA SER D 132 46.66 22.30 -0.16
C SER D 132 46.35 20.82 -0.23
N LYS D 133 47.41 19.99 -0.29
CA LYS D 133 47.21 18.55 -0.18
C LYS D 133 46.95 18.11 1.25
N ASP D 134 47.24 18.95 2.23
CA ASP D 134 46.83 18.66 3.60
C ASP D 134 45.31 18.78 3.67
N ILE D 135 44.65 17.74 4.14
CA ILE D 135 43.20 17.71 4.19
C ILE D 135 42.79 17.82 5.65
N LYS D 136 42.51 19.05 6.08
CA LYS D 136 42.03 19.32 7.43
C LYS D 136 40.74 18.55 7.74
N VAL D 137 39.90 18.34 6.72
CA VAL D 137 38.53 17.84 6.88
C VAL D 137 38.56 16.35 7.23
N PRO D 138 37.67 15.88 8.13
CA PRO D 138 37.62 14.44 8.43
C PRO D 138 37.27 13.57 7.23
N LYS D 139 38.19 12.66 6.90
CA LYS D 139 37.93 11.59 5.95
C LYS D 139 36.60 10.90 6.23
N SER D 140 36.12 10.98 7.48
CA SER D 140 34.80 10.50 7.87
C SER D 140 33.68 11.41 7.35
N ARG D 141 34.00 12.58 6.81
CA ARG D 141 33.01 13.54 6.37
C ARG D 141 32.78 13.61 4.87
N TYR D 142 33.54 12.88 4.07
CA TYR D 142 33.42 12.99 2.63
C TYR D 142 33.62 11.68 1.91
N LEU D 143 33.89 10.59 2.64
CA LEU D 143 34.32 9.37 1.98
C LEU D 143 33.18 8.75 1.18
N GLY D 144 31.95 8.87 1.67
CA GLY D 144 30.79 8.40 0.96
C GLY D 144 30.09 9.40 0.07
N TYR D 145 30.58 10.63 -0.01
CA TYR D 145 29.91 11.71 -0.74
C TYR D 145 30.57 12.10 -2.05
N ILE D 146 31.90 12.35 -2.05
CA ILE D 146 32.58 12.88 -3.24
C ILE D 146 33.06 11.72 -4.11
N LYS D 147 32.97 11.91 -5.43
CA LYS D 147 33.57 10.97 -6.39
C LYS D 147 35.08 10.97 -6.23
N ASP D 148 35.64 9.81 -5.94
CA ASP D 148 37.08 9.65 -5.86
C ASP D 148 37.64 9.38 -7.25
N TYR D 149 38.61 10.21 -7.66
CA TYR D 149 39.36 10.01 -8.90
C TYR D 149 40.74 9.50 -8.48
N GLU D 150 40.82 8.19 -8.27
CA GLU D 150 42.07 7.62 -7.79
C GLU D 150 43.18 7.77 -8.83
N GLY D 151 44.34 8.21 -8.38
CA GLY D 151 45.39 8.65 -9.27
C GLY D 151 45.48 10.14 -9.41
N ALA D 152 44.63 10.89 -8.71
CA ALA D 152 44.65 12.35 -8.73
C ALA D 152 44.66 12.86 -7.30
N THR D 153 45.60 13.76 -6.99
CA THR D 153 45.79 14.25 -5.63
C THR D 153 44.53 14.93 -5.12
N LEU D 154 43.96 14.44 -4.01
CA LEU D 154 42.90 15.18 -3.34
C LEU D 154 43.47 16.42 -2.69
N MET D 155 42.85 17.55 -2.91
CA MET D 155 43.32 18.77 -2.31
C MET D 155 42.17 19.51 -1.65
N GLU D 156 42.50 20.30 -0.64
CA GLU D 156 41.51 21.06 0.10
C GLU D 156 41.83 22.55 0.04
N CYS D 157 40.79 23.36 0.17
CA CYS D 157 40.94 24.80 0.32
C CYS D 157 40.03 25.26 1.44
N GLU D 158 40.59 25.96 2.43
CA GLU D 158 39.79 26.49 3.51
C GLU D 158 39.65 28.01 3.32
N LEU D 159 38.42 28.51 3.49
CA LEU D 159 38.08 29.90 3.20
C LEU D 159 38.08 30.73 4.47
N ASN D 160 38.45 32.00 4.33
CA ASN D 160 38.36 32.94 5.44
C ASN D 160 37.13 33.82 5.24
N PRO D 161 36.08 33.69 6.05
CA PRO D 161 34.86 34.48 5.79
C PRO D 161 35.01 35.97 6.09
N ARG D 162 36.11 36.38 6.75
CA ARG D 162 36.30 37.77 7.11
C ARG D 162 36.88 38.62 5.98
N ILE D 163 37.51 38.02 5.02
CA ILE D 163 38.14 38.69 3.88
C ILE D 163 37.15 38.79 2.73
N PRO D 164 37.20 39.87 1.94
CA PRO D 164 36.56 39.86 0.62
C PRO D 164 37.38 39.08 -0.39
N TYR D 165 36.68 38.38 -1.27
CA TYR D 165 37.36 37.78 -2.41
C TYR D 165 36.94 38.40 -3.73
N THR D 166 35.75 39.01 -3.77
CA THR D 166 35.26 39.77 -4.92
C THR D 166 35.70 41.22 -4.87
N GLY E 1 11.31 -7.63 -35.74
CA GLY E 1 11.97 -6.45 -35.19
C GLY E 1 11.71 -6.35 -33.71
N ILE E 2 11.10 -5.25 -33.27
CA ILE E 2 10.55 -5.19 -31.92
C ILE E 2 9.16 -5.78 -31.95
N ILE E 3 8.87 -6.61 -30.95
CA ILE E 3 7.59 -7.30 -30.81
C ILE E 3 7.01 -6.98 -29.43
N GLU E 4 5.78 -6.48 -29.42
CA GLU E 4 5.12 -6.21 -28.16
C GLU E 4 3.68 -6.73 -28.22
N PHE E 5 3.12 -6.93 -27.03
CA PHE E 5 1.74 -7.34 -26.80
C PHE E 5 1.05 -6.25 -26.03
N HIS E 6 -0.22 -6.02 -26.34
CA HIS E 6 -0.97 -4.93 -25.71
C HIS E 6 -2.42 -5.34 -25.65
N VAL E 7 -2.97 -5.44 -24.45
CA VAL E 7 -4.40 -5.62 -24.32
C VAL E 7 -5.04 -4.26 -24.54
N ILE E 8 -5.89 -4.15 -25.55
CA ILE E 8 -6.47 -2.88 -25.96
C ILE E 8 -7.98 -3.06 -26.09
N GLY E 9 -8.64 -2.02 -26.57
CA GLY E 9 -10.08 -2.06 -26.68
C GLY E 9 -10.66 -0.67 -26.63
N ASN E 10 -11.98 -0.59 -26.79
CA ASN E 10 -12.63 0.70 -26.90
C ASN E 10 -13.30 1.03 -25.57
N SER E 11 -12.98 2.18 -24.98
CA SER E 11 -13.29 2.44 -23.57
C SER E 11 -14.69 3.00 -23.36
N LEU E 12 -15.35 3.47 -24.41
CA LEU E 12 -16.61 4.16 -24.28
C LEU E 12 -16.35 5.34 -23.32
N ASN E 17 -7.17 8.56 -27.86
CA ASN E 17 -5.89 7.90 -28.11
C ASN E 17 -5.91 7.28 -29.48
N ARG E 18 -5.15 7.84 -30.43
CA ARG E 18 -5.22 7.44 -31.82
C ARG E 18 -4.34 6.26 -32.18
N ARG E 19 -3.21 6.07 -31.51
CA ARG E 19 -2.40 4.93 -31.89
C ARG E 19 -3.09 3.63 -31.54
N VAL E 20 -3.88 3.63 -30.46
CA VAL E 20 -4.78 2.52 -30.15
C VAL E 20 -5.83 2.33 -31.24
N LEU E 21 -6.54 3.41 -31.57
CA LEU E 21 -7.59 3.37 -32.57
C LEU E 21 -7.11 2.78 -33.90
N LEU E 22 -6.02 3.33 -34.44
CA LEU E 22 -5.39 2.73 -35.61
C LEU E 22 -4.98 1.28 -35.37
N TRP E 23 -4.72 0.92 -34.11
CA TRP E 23 -4.37 -0.47 -33.79
C TRP E 23 -5.60 -1.36 -33.83
N LEU E 24 -6.71 -0.89 -33.28
CA LEU E 24 -7.96 -1.65 -33.40
C LEU E 24 -8.31 -1.87 -34.87
N VAL E 25 -8.32 -0.79 -35.66
CA VAL E 25 -8.64 -0.93 -37.08
C VAL E 25 -7.70 -1.92 -37.75
N GLY E 26 -6.44 -1.95 -37.34
CA GLY E 26 -5.53 -2.94 -37.89
C GLY E 26 -5.99 -4.34 -37.58
N LEU E 27 -6.44 -4.57 -36.34
CA LEU E 27 -7.00 -5.86 -35.93
C LEU E 27 -8.25 -6.20 -36.75
N GLN E 28 -9.23 -5.29 -36.78
CA GLN E 28 -10.43 -5.51 -37.60
C GLN E 28 -10.10 -5.87 -39.05
N ASN E 29 -9.00 -5.33 -39.58
CA ASN E 29 -8.56 -5.74 -40.90
C ASN E 29 -8.06 -7.19 -40.86
N VAL E 30 -7.10 -7.46 -39.97
CA VAL E 30 -6.44 -8.76 -39.93
C VAL E 30 -7.47 -9.86 -39.69
N PHE E 31 -8.32 -9.68 -38.68
CA PHE E 31 -9.40 -10.64 -38.43
C PHE E 31 -10.24 -10.82 -39.68
N SER E 32 -10.78 -9.71 -40.18
CA SER E 32 -11.68 -9.80 -41.32
C SER E 32 -11.02 -10.49 -42.50
N HIS E 33 -9.69 -10.39 -42.59
CA HIS E 33 -9.00 -10.92 -43.76
C HIS E 33 -8.63 -12.37 -43.59
N GLN E 34 -8.37 -12.79 -42.38
CA GLN E 34 -8.14 -14.20 -42.15
C GLN E 34 -9.45 -14.98 -42.00
N LEU E 35 -10.54 -14.29 -41.68
CA LEU E 35 -11.84 -14.91 -41.50
C LEU E 35 -12.80 -14.30 -42.51
N PRO E 36 -12.60 -14.60 -43.79
CA PRO E 36 -13.31 -13.86 -44.84
C PRO E 36 -14.80 -14.14 -44.88
N ARG E 37 -15.26 -15.31 -44.48
CA ARG E 37 -16.68 -15.60 -44.60
C ARG E 37 -17.48 -15.21 -43.33
N MET E 38 -16.99 -14.24 -42.58
CA MET E 38 -17.65 -13.59 -41.48
C MET E 38 -17.89 -12.13 -41.85
N PRO E 39 -19.11 -11.62 -41.72
CA PRO E 39 -19.36 -10.23 -42.10
C PRO E 39 -18.43 -9.25 -41.41
N LYS E 40 -17.71 -8.41 -42.18
CA LYS E 40 -16.76 -7.47 -41.59
C LYS E 40 -17.47 -6.52 -40.62
N GLU E 41 -18.74 -6.17 -40.91
CA GLU E 41 -19.54 -5.33 -40.01
C GLU E 41 -19.55 -5.94 -38.62
N TYR E 42 -19.80 -7.25 -38.57
CA TYR E 42 -19.90 -7.94 -37.30
C TYR E 42 -18.56 -7.97 -36.59
N ILE E 43 -17.50 -8.31 -37.32
CA ILE E 43 -16.16 -8.32 -36.74
C ILE E 43 -15.86 -6.96 -36.11
N ALA E 44 -16.08 -5.89 -36.89
CA ALA E 44 -15.79 -4.54 -36.42
C ALA E 44 -16.62 -4.16 -35.21
N ARG E 45 -17.92 -4.49 -35.24
CA ARG E 45 -18.77 -4.05 -34.15
C ARG E 45 -18.30 -4.67 -32.85
N LEU E 46 -17.84 -5.91 -32.91
CA LEU E 46 -17.24 -6.57 -31.76
C LEU E 46 -15.94 -5.89 -31.35
N VAL E 47 -14.92 -5.87 -32.23
CA VAL E 47 -13.60 -5.35 -31.88
C VAL E 47 -13.69 -4.03 -31.13
N PHE E 48 -14.59 -3.16 -31.58
CA PHE E 48 -14.82 -1.86 -30.98
C PHE E 48 -15.88 -1.89 -29.90
N ASP E 49 -16.60 -3.00 -29.71
CA ASP E 49 -17.52 -3.04 -28.60
C ASP E 49 -16.74 -2.90 -27.30
N PRO E 50 -17.25 -2.14 -26.32
CA PRO E 50 -16.46 -1.91 -25.10
C PRO E 50 -16.40 -3.10 -24.15
N LYS E 51 -17.46 -3.91 -24.05
CA LYS E 51 -17.37 -5.15 -23.28
C LYS E 51 -16.38 -6.16 -23.87
N HIS E 52 -15.73 -5.85 -24.99
CA HIS E 52 -14.75 -6.71 -25.62
C HIS E 52 -13.35 -6.11 -25.50
N LYS E 53 -12.38 -6.99 -25.26
CA LYS E 53 -10.97 -6.68 -25.22
C LYS E 53 -10.28 -7.38 -26.38
N THR E 54 -9.11 -6.85 -26.77
CA THR E 54 -8.33 -7.49 -27.82
C THR E 54 -6.85 -7.44 -27.45
N LEU E 55 -6.18 -8.58 -27.46
CA LEU E 55 -4.74 -8.62 -27.17
C LEU E 55 -4.00 -8.51 -28.48
N ALA E 56 -3.28 -7.41 -28.64
CA ALA E 56 -2.66 -7.06 -29.91
C ALA E 56 -1.22 -7.52 -29.93
N LEU E 57 -0.76 -7.86 -31.13
CA LEU E 57 0.60 -8.32 -31.37
C LEU E 57 1.24 -7.35 -32.36
N ILE E 58 2.08 -6.45 -31.84
CA ILE E 58 2.68 -5.37 -32.62
C ILE E 58 4.10 -5.80 -33.02
N LYS E 59 4.38 -5.79 -34.32
CA LYS E 59 5.73 -6.03 -34.82
C LYS E 59 6.12 -4.88 -35.74
N ASP E 60 7.07 -4.07 -35.29
CA ASP E 60 7.55 -2.92 -36.06
C ASP E 60 6.41 -1.97 -36.39
N GLY E 61 5.66 -1.61 -35.36
CA GLY E 61 4.57 -0.67 -35.47
C GLY E 61 3.26 -1.31 -35.89
N ARG E 62 3.37 -2.35 -36.72
CA ARG E 62 2.25 -2.87 -37.48
C ARG E 62 1.62 -4.05 -36.73
N VAL E 63 0.29 -4.07 -36.70
CA VAL E 63 -0.46 -5.13 -36.04
C VAL E 63 -0.42 -6.38 -36.89
N ILE E 64 0.25 -7.41 -36.39
CA ILE E 64 0.37 -8.65 -37.15
C ILE E 64 -0.60 -9.74 -36.67
N GLY E 65 -1.29 -9.54 -35.56
CA GLY E 65 -2.28 -10.51 -35.13
C GLY E 65 -2.88 -10.13 -33.79
N GLY E 66 -3.70 -11.02 -33.29
CA GLY E 66 -4.24 -10.79 -31.96
C GLY E 66 -5.37 -11.73 -31.65
N ILE E 67 -5.84 -11.62 -30.42
CA ILE E 67 -6.96 -12.44 -29.95
C ILE E 67 -7.99 -11.50 -29.37
N CYS E 68 -9.20 -11.54 -29.91
CA CYS E 68 -10.32 -10.79 -29.38
C CYS E 68 -11.04 -11.68 -28.39
N PHE E 69 -11.18 -11.21 -27.16
CA PHE E 69 -11.82 -12.03 -26.16
C PHE E 69 -12.87 -11.23 -25.43
N ARG E 70 -13.58 -11.91 -24.54
CA ARG E 70 -14.66 -11.35 -23.77
C ARG E 70 -14.56 -12.01 -22.41
N MET E 71 -14.25 -11.23 -21.37
CA MET E 71 -14.19 -11.75 -20.02
C MET E 71 -15.58 -11.70 -19.45
N PHE E 72 -16.04 -12.83 -18.95
CA PHE E 72 -17.31 -12.86 -18.26
C PHE E 72 -17.03 -13.07 -16.79
N PRO E 73 -16.51 -12.05 -16.08
CA PRO E 73 -16.04 -12.32 -14.72
C PRO E 73 -17.15 -12.81 -13.81
N THR E 74 -18.38 -12.32 -13.97
CA THR E 74 -19.49 -12.84 -13.18
C THR E 74 -19.70 -14.32 -13.41
N GLN E 75 -19.54 -14.79 -14.66
CA GLN E 75 -19.78 -16.18 -15.02
C GLN E 75 -18.53 -17.05 -14.95
N GLY E 76 -17.36 -16.46 -14.75
CA GLY E 76 -16.22 -17.24 -14.39
C GLY E 76 -15.38 -17.74 -15.53
N PHE E 77 -15.63 -17.27 -16.74
CA PHE E 77 -14.88 -17.72 -17.89
C PHE E 77 -14.66 -16.54 -18.82
N THR E 78 -13.94 -16.80 -19.89
CA THR E 78 -13.62 -15.81 -20.89
C THR E 78 -13.87 -16.47 -22.22
N GLU E 79 -14.55 -15.76 -23.10
CA GLU E 79 -14.81 -16.22 -24.44
C GLU E 79 -13.66 -15.83 -25.36
N ILE E 80 -13.16 -16.78 -26.13
CA ILE E 80 -12.26 -16.46 -27.22
C ILE E 80 -13.12 -16.26 -28.46
N VAL E 81 -12.98 -15.10 -29.09
CA VAL E 81 -13.91 -14.68 -30.14
C VAL E 81 -13.25 -14.72 -31.51
N PHE E 82 -12.04 -14.15 -31.64
CA PHE E 82 -11.25 -14.17 -32.88
C PHE E 82 -9.79 -14.44 -32.56
N CYS E 83 -9.15 -15.34 -33.32
CA CYS E 83 -7.71 -15.52 -33.33
C CYS E 83 -7.20 -15.40 -34.76
N ALA E 84 -6.36 -14.41 -35.04
CA ALA E 84 -5.71 -14.37 -36.34
C ALA E 84 -4.29 -13.86 -36.21
N VAL E 85 -3.39 -14.35 -37.08
CA VAL E 85 -2.12 -13.64 -37.34
C VAL E 85 -1.97 -13.51 -38.86
N THR E 86 -1.24 -12.46 -39.29
CA THR E 86 -1.16 -12.12 -40.72
C THR E 86 -0.62 -13.29 -41.52
N SER E 87 -1.06 -13.36 -42.77
CA SER E 87 -0.82 -14.55 -43.59
C SER E 87 0.67 -14.86 -43.67
N ASN E 88 1.51 -13.82 -43.73
CA ASN E 88 2.95 -13.99 -43.90
C ASN E 88 3.74 -13.96 -42.57
N GLU E 89 3.08 -14.13 -41.41
CA GLU E 89 3.80 -14.33 -40.16
C GLU E 89 3.25 -15.50 -39.35
N GLN E 90 2.50 -16.38 -39.98
CA GLN E 90 2.05 -17.58 -39.29
C GLN E 90 3.17 -18.62 -39.26
N VAL E 91 2.92 -19.67 -38.49
CA VAL E 91 3.77 -20.84 -38.36
C VAL E 91 5.13 -20.38 -37.85
N LYS E 92 5.16 -19.42 -36.93
CA LYS E 92 6.43 -19.08 -36.30
C LYS E 92 6.30 -18.99 -34.79
N GLY E 93 5.21 -19.49 -34.22
CA GLY E 93 4.97 -19.40 -32.81
C GLY E 93 4.22 -18.17 -32.38
N TYR E 94 3.90 -17.28 -33.32
CA TYR E 94 3.23 -16.04 -32.94
C TYR E 94 1.88 -16.32 -32.27
N GLY E 95 1.00 -17.10 -32.91
CA GLY E 95 -0.30 -17.36 -32.33
C GLY E 95 -0.23 -18.10 -31.00
N THR E 96 0.84 -18.88 -30.81
CA THR E 96 1.02 -19.57 -29.53
C THR E 96 1.55 -18.62 -28.46
N HIS E 97 2.44 -17.70 -28.83
CA HIS E 97 2.86 -16.71 -27.86
C HIS E 97 1.70 -15.81 -27.48
N LEU E 98 0.79 -15.57 -28.42
CA LEU E 98 -0.37 -14.73 -28.15
C LEU E 98 -1.28 -15.37 -27.11
N MET E 99 -1.49 -16.68 -27.22
CA MET E 99 -2.37 -17.36 -26.30
C MET E 99 -1.72 -17.48 -24.93
N ASN E 100 -0.41 -17.74 -24.92
CA ASN E 100 0.33 -17.80 -23.65
C ASN E 100 0.22 -16.49 -22.91
N HIS E 101 0.38 -15.38 -23.61
CA HIS E 101 0.13 -14.08 -22.98
C HIS E 101 -1.31 -13.96 -22.52
N LEU E 102 -2.26 -14.45 -23.31
CA LEU E 102 -3.65 -14.37 -22.88
C LEU E 102 -3.89 -15.28 -21.68
N LYS E 103 -3.15 -16.36 -21.58
CA LYS E 103 -3.33 -17.20 -20.41
C LYS E 103 -2.82 -16.48 -19.18
N GLU E 104 -1.61 -15.91 -19.25
CA GLU E 104 -1.08 -15.20 -18.08
C GLU E 104 -1.99 -14.05 -17.68
N TYR E 105 -2.52 -13.31 -18.67
CA TYR E 105 -3.40 -12.19 -18.36
C TYR E 105 -4.57 -12.67 -17.54
N HIS E 106 -5.09 -13.85 -17.85
CA HIS E 106 -6.30 -14.30 -17.17
C HIS E 106 -6.00 -14.92 -15.81
N ILE E 107 -4.79 -15.43 -15.61
CA ILE E 107 -4.41 -15.89 -14.29
C ILE E 107 -4.41 -14.73 -13.30
N LYS E 108 -3.72 -13.63 -13.64
CA LYS E 108 -3.73 -12.45 -12.76
C LYS E 108 -5.13 -11.89 -12.53
N HIS E 109 -6.04 -12.00 -13.49
CA HIS E 109 -7.42 -11.57 -13.27
C HIS E 109 -8.30 -12.69 -12.76
N ASN E 110 -7.70 -13.71 -12.14
CA ASN E 110 -8.38 -14.90 -11.66
C ASN E 110 -9.62 -15.22 -12.48
N ILE E 111 -9.45 -15.46 -13.78
CA ILE E 111 -10.43 -16.16 -14.62
C ILE E 111 -9.68 -17.31 -15.25
N LEU E 112 -10.04 -18.55 -14.88
CA LEU E 112 -9.24 -19.72 -15.21
C LEU E 112 -9.94 -20.67 -16.16
N TYR E 113 -10.90 -20.20 -16.96
CA TYR E 113 -11.55 -21.02 -17.98
C TYR E 113 -11.80 -20.18 -19.22
N PHE E 114 -11.38 -20.70 -20.37
CA PHE E 114 -11.69 -20.15 -21.69
C PHE E 114 -12.75 -21.01 -22.35
N LEU E 115 -13.66 -20.39 -23.09
CA LEU E 115 -14.60 -21.12 -23.94
C LEU E 115 -14.57 -20.56 -25.35
N THR E 116 -14.69 -21.44 -26.33
CA THR E 116 -14.65 -21.02 -27.72
C THR E 116 -15.48 -21.97 -28.56
N TYR E 117 -16.14 -21.41 -29.57
CA TYR E 117 -16.82 -22.20 -30.60
C TYR E 117 -15.92 -22.17 -31.83
N ALA E 118 -15.26 -23.29 -32.12
CA ALA E 118 -14.21 -23.35 -33.13
C ALA E 118 -14.75 -23.81 -34.48
N ASP E 119 -14.27 -23.20 -35.54
CA ASP E 119 -14.55 -23.81 -36.82
C ASP E 119 -13.56 -24.94 -37.11
N GLU E 120 -13.80 -25.68 -38.19
CA GLU E 120 -13.02 -26.90 -38.40
C GLU E 120 -11.55 -26.59 -38.68
N TYR E 121 -11.27 -25.44 -39.27
CA TYR E 121 -9.89 -25.03 -39.51
C TYR E 121 -9.17 -24.59 -38.24
N ALA E 122 -9.91 -24.15 -37.24
CA ALA E 122 -9.32 -23.71 -35.99
C ALA E 122 -8.94 -24.85 -35.06
N ILE E 123 -9.65 -25.98 -35.15
CA ILE E 123 -9.63 -26.93 -34.05
C ILE E 123 -8.21 -27.39 -33.74
N GLY E 124 -7.41 -27.63 -34.78
CA GLY E 124 -6.05 -28.08 -34.54
C GLY E 124 -5.30 -27.11 -33.65
N TYR E 125 -5.41 -25.81 -33.95
CA TYR E 125 -4.70 -24.79 -33.22
C TYR E 125 -5.12 -24.78 -31.76
N PHE E 126 -6.41 -24.79 -31.48
CA PHE E 126 -6.80 -24.71 -30.08
C PHE E 126 -6.33 -25.93 -29.32
N LYS E 127 -6.28 -27.08 -29.98
CA LYS E 127 -5.80 -28.27 -29.31
C LYS E 127 -4.32 -28.15 -28.96
N LYS E 128 -3.48 -27.66 -29.88
CA LYS E 128 -2.09 -27.41 -29.50
C LYS E 128 -2.01 -26.42 -28.35
N GLN E 129 -2.88 -25.41 -28.35
CA GLN E 129 -3.05 -24.53 -27.20
C GLN E 129 -3.74 -25.21 -26.01
N GLY E 130 -3.93 -26.52 -26.03
CA GLY E 130 -4.50 -27.17 -24.89
C GLY E 130 -6.00 -27.08 -24.71
N PHE E 131 -6.76 -26.83 -25.77
CA PHE E 131 -8.21 -26.87 -25.69
C PHE E 131 -8.71 -28.28 -25.91
N SER E 132 -9.89 -28.57 -25.38
CA SER E 132 -10.51 -29.87 -25.63
C SER E 132 -12.02 -29.72 -25.71
N LYS E 133 -12.67 -30.78 -26.20
CA LYS E 133 -14.10 -30.78 -26.35
C LYS E 133 -14.83 -31.17 -25.09
N ASP E 134 -14.11 -31.55 -24.04
CA ASP E 134 -14.72 -31.96 -22.78
C ASP E 134 -14.96 -30.69 -21.95
N ILE E 135 -16.19 -30.20 -21.97
CA ILE E 135 -16.55 -28.92 -21.35
C ILE E 135 -16.98 -29.15 -19.90
N LYS E 136 -16.15 -28.72 -18.94
CA LYS E 136 -16.50 -28.82 -17.53
C LYS E 136 -17.50 -27.76 -17.07
N VAL E 137 -17.58 -26.61 -17.75
CA VAL E 137 -18.43 -25.48 -17.36
C VAL E 137 -19.90 -25.81 -17.65
N PRO E 138 -20.75 -25.85 -16.64
CA PRO E 138 -22.17 -26.22 -16.87
C PRO E 138 -22.82 -25.37 -17.95
N LYS E 139 -23.65 -26.01 -18.80
CA LYS E 139 -24.33 -25.33 -19.91
C LYS E 139 -24.94 -24.04 -19.43
N SER E 140 -25.72 -24.11 -18.34
CA SER E 140 -26.31 -22.96 -17.70
C SER E 140 -25.34 -21.82 -17.53
N ARG E 141 -24.05 -22.11 -17.48
CA ARG E 141 -23.11 -21.04 -17.17
C ARG E 141 -22.62 -20.29 -18.39
N TYR E 142 -22.52 -20.95 -19.54
CA TYR E 142 -22.08 -20.27 -20.73
C TYR E 142 -23.16 -20.11 -21.78
N LEU E 143 -24.31 -20.78 -21.62
CA LEU E 143 -25.24 -20.88 -22.72
C LEU E 143 -25.94 -19.54 -22.96
N GLY E 144 -25.82 -19.00 -24.17
CA GLY E 144 -26.44 -17.74 -24.46
C GLY E 144 -25.56 -16.55 -24.17
N TYR E 145 -24.64 -16.69 -23.22
CA TYR E 145 -23.61 -15.68 -23.07
C TYR E 145 -22.64 -15.73 -24.23
N ILE E 146 -22.49 -16.89 -24.87
CA ILE E 146 -21.70 -17.04 -26.09
C ILE E 146 -22.59 -17.65 -27.15
N LYS E 147 -22.56 -17.07 -28.34
CA LYS E 147 -23.40 -17.56 -29.43
C LYS E 147 -22.93 -18.95 -29.90
N ASP E 148 -23.90 -19.83 -30.03
CA ASP E 148 -23.69 -21.24 -30.35
C ASP E 148 -23.96 -21.37 -31.82
N TYR E 149 -22.93 -21.10 -32.62
CA TYR E 149 -23.07 -21.17 -34.07
C TYR E 149 -23.19 -22.61 -34.51
N GLU E 150 -24.18 -22.89 -35.36
CA GLU E 150 -24.46 -24.26 -35.73
C GLU E 150 -23.34 -24.73 -36.65
N GLY E 151 -22.78 -25.88 -36.34
CA GLY E 151 -21.60 -26.36 -37.02
C GLY E 151 -20.31 -26.12 -36.28
N ALA E 152 -20.32 -25.24 -35.29
CA ALA E 152 -19.10 -24.87 -34.60
C ALA E 152 -18.92 -25.78 -33.39
N THR E 153 -17.67 -25.97 -33.00
CA THR E 153 -17.32 -26.94 -31.95
C THR E 153 -17.00 -26.19 -30.67
N LEU E 154 -17.81 -26.40 -29.63
CA LEU E 154 -17.51 -25.79 -28.34
C LEU E 154 -16.28 -26.46 -27.76
N MET E 155 -15.26 -25.68 -27.46
CA MET E 155 -14.04 -26.19 -26.85
C MET E 155 -13.74 -25.40 -25.58
N GLU E 156 -12.99 -26.05 -24.69
CA GLU E 156 -12.68 -25.50 -23.38
C GLU E 156 -11.20 -25.64 -23.06
N CYS E 157 -10.71 -24.70 -22.26
CA CYS E 157 -9.33 -24.72 -21.76
C CYS E 157 -9.29 -24.24 -20.32
N GLU E 158 -8.80 -25.11 -19.43
CA GLU E 158 -8.64 -24.75 -18.03
C GLU E 158 -7.21 -24.29 -17.83
N LEU E 159 -7.03 -23.16 -17.15
CA LEU E 159 -5.70 -22.60 -16.88
C LEU E 159 -5.20 -23.01 -15.50
N ASN E 160 -3.89 -23.27 -15.39
CA ASN E 160 -3.30 -23.66 -14.11
C ASN E 160 -2.59 -22.47 -13.48
N PRO E 161 -3.10 -21.91 -12.39
CA PRO E 161 -2.59 -20.63 -11.90
C PRO E 161 -1.26 -20.73 -11.18
N ARG E 162 -0.72 -21.93 -10.99
CA ARG E 162 0.59 -22.14 -10.37
C ARG E 162 1.72 -22.28 -11.38
N ILE E 163 1.39 -22.40 -12.67
CA ILE E 163 2.35 -22.51 -13.76
C ILE E 163 2.63 -21.16 -14.41
N PRO E 164 3.88 -20.89 -14.76
CA PRO E 164 4.21 -19.66 -15.50
C PRO E 164 4.08 -19.82 -17.02
N TYR E 165 3.06 -19.20 -17.63
CA TYR E 165 2.82 -19.36 -19.07
C TYR E 165 3.73 -18.50 -19.94
N THR E 166 4.04 -17.28 -19.50
CA THR E 166 4.98 -16.41 -20.18
C THR E 166 6.39 -16.55 -19.62
N GLY F 1 -47.32 8.60 -43.28
CA GLY F 1 -46.70 9.41 -42.23
C GLY F 1 -45.26 9.00 -41.97
N ILE F 2 -44.46 9.93 -41.44
CA ILE F 2 -43.10 9.58 -41.09
C ILE F 2 -43.14 8.57 -39.95
N ILE F 3 -42.54 7.41 -40.18
CA ILE F 3 -42.47 6.36 -39.16
C ILE F 3 -41.14 6.39 -38.44
N GLU F 4 -41.17 6.08 -37.14
CA GLU F 4 -40.00 6.16 -36.27
C GLU F 4 -40.06 5.04 -35.23
N PHE F 5 -38.89 4.49 -34.91
CA PHE F 5 -38.70 3.59 -33.79
C PHE F 5 -37.84 4.26 -32.72
N HIS F 6 -38.22 4.11 -31.46
CA HIS F 6 -37.49 4.74 -30.36
C HIS F 6 -37.56 3.82 -29.15
N VAL F 7 -36.41 3.43 -28.60
CA VAL F 7 -36.38 2.68 -27.35
C VAL F 7 -36.43 3.68 -26.21
N ILE F 8 -37.50 3.62 -25.42
CA ILE F 8 -37.78 4.61 -24.39
C ILE F 8 -38.18 3.89 -23.11
N GLY F 9 -38.13 4.63 -22.02
CA GLY F 9 -38.67 4.16 -20.75
C GLY F 9 -38.57 5.25 -19.71
N ASN F 10 -38.99 4.91 -18.49
CA ASN F 10 -39.03 5.85 -17.38
C ASN F 10 -37.71 5.77 -16.60
N SER F 11 -36.78 6.68 -16.87
CA SER F 11 -35.45 6.57 -16.27
C SER F 11 -35.50 7.05 -14.83
N LEU F 12 -34.33 7.22 -14.21
CA LEU F 12 -34.29 7.78 -12.86
C LEU F 12 -33.52 9.09 -12.83
N ALA F 16 -40.42 12.30 -16.83
CA ALA F 16 -39.22 12.22 -17.65
C ALA F 16 -39.19 13.38 -18.66
N ASN F 17 -38.82 13.04 -19.89
CA ASN F 17 -38.98 13.94 -21.03
C ASN F 17 -40.47 14.00 -21.40
N ARG F 18 -41.05 15.21 -21.50
CA ARG F 18 -42.50 15.26 -21.71
C ARG F 18 -42.92 14.65 -23.05
N ARG F 19 -42.02 14.53 -24.01
CA ARG F 19 -42.44 13.85 -25.23
C ARG F 19 -42.33 12.34 -25.07
N VAL F 20 -41.34 11.88 -24.32
CA VAL F 20 -41.27 10.46 -23.95
C VAL F 20 -42.42 10.09 -23.02
N LEU F 21 -42.68 10.92 -22.01
CA LEU F 21 -43.66 10.58 -21.01
C LEU F 21 -45.06 10.44 -21.61
N LEU F 22 -45.38 11.26 -22.62
CA LEU F 22 -46.68 11.11 -23.28
C LEU F 22 -46.68 9.91 -24.22
N TRP F 23 -45.52 9.54 -24.75
CA TRP F 23 -45.43 8.32 -25.55
C TRP F 23 -45.68 7.09 -24.68
N LEU F 24 -45.12 7.08 -23.47
CA LEU F 24 -45.33 5.96 -22.57
C LEU F 24 -46.83 5.78 -22.24
N VAL F 25 -47.56 6.89 -22.05
CA VAL F 25 -49.00 6.71 -21.81
C VAL F 25 -49.68 6.31 -23.09
N GLY F 26 -49.17 6.77 -24.23
CA GLY F 26 -49.73 6.33 -25.49
C GLY F 26 -49.65 4.83 -25.60
N LEU F 27 -48.55 4.26 -25.09
CA LEU F 27 -48.33 2.83 -25.11
C LEU F 27 -49.16 2.13 -24.06
N GLN F 28 -49.10 2.58 -22.81
CA GLN F 28 -50.02 2.14 -21.76
C GLN F 28 -51.44 2.05 -22.29
N ASN F 29 -51.86 3.00 -23.13
CA ASN F 29 -53.17 2.91 -23.80
C ASN F 29 -53.24 1.75 -24.78
N VAL F 30 -52.32 1.72 -25.76
CA VAL F 30 -52.37 0.70 -26.82
C VAL F 30 -52.24 -0.70 -26.24
N PHE F 31 -51.33 -0.88 -25.29
CA PHE F 31 -51.19 -2.17 -24.65
C PHE F 31 -52.48 -2.58 -23.95
N SER F 32 -53.06 -1.67 -23.16
CA SER F 32 -54.19 -2.17 -22.39
C SER F 32 -55.37 -2.35 -23.30
N HIS F 33 -55.48 -1.54 -24.33
CA HIS F 33 -56.64 -1.64 -25.17
C HIS F 33 -56.56 -2.85 -26.06
N GLN F 34 -55.35 -3.21 -26.50
CA GLN F 34 -55.17 -4.40 -27.30
C GLN F 34 -55.09 -5.67 -26.46
N LEU F 35 -54.83 -5.54 -25.16
CA LEU F 35 -54.74 -6.67 -24.24
C LEU F 35 -55.76 -6.45 -23.13
N PRO F 36 -57.05 -6.39 -23.45
CA PRO F 36 -58.02 -5.87 -22.49
C PRO F 36 -58.38 -6.81 -21.38
N ARG F 37 -57.74 -7.96 -21.22
CA ARG F 37 -58.04 -8.79 -20.06
C ARG F 37 -56.88 -8.87 -19.08
N MET F 38 -56.02 -7.84 -19.12
CA MET F 38 -54.96 -7.57 -18.16
C MET F 38 -55.20 -6.22 -17.52
N PRO F 39 -55.16 -6.12 -16.19
CA PRO F 39 -55.53 -4.86 -15.54
C PRO F 39 -54.65 -3.71 -16.04
N LYS F 40 -55.31 -2.60 -16.42
CA LYS F 40 -54.61 -1.41 -16.86
C LYS F 40 -53.53 -1.03 -15.88
N GLU F 41 -53.80 -1.25 -14.59
CA GLU F 41 -52.82 -0.91 -13.57
C GLU F 41 -51.56 -1.72 -13.76
N TYR F 42 -51.72 -3.02 -14.01
CA TYR F 42 -50.56 -3.87 -14.18
C TYR F 42 -49.76 -3.43 -15.40
N ILE F 43 -50.45 -3.07 -16.48
CA ILE F 43 -49.78 -2.57 -17.67
C ILE F 43 -49.06 -1.26 -17.37
N ALA F 44 -49.74 -0.33 -16.68
CA ALA F 44 -49.13 0.96 -16.42
C ALA F 44 -47.90 0.83 -15.54
N ARG F 45 -47.99 0.00 -14.50
CA ARG F 45 -46.87 -0.16 -13.57
C ARG F 45 -45.64 -0.61 -14.31
N LEU F 46 -45.80 -1.58 -15.20
CA LEU F 46 -44.69 -2.11 -15.99
C LEU F 46 -44.14 -1.10 -16.99
N VAL F 47 -44.98 -0.56 -17.89
CA VAL F 47 -44.52 0.39 -18.90
C VAL F 47 -43.66 1.49 -18.28
N PHE F 48 -44.02 1.91 -17.06
CA PHE F 48 -43.28 2.93 -16.34
C PHE F 48 -42.32 2.36 -15.32
N ASP F 49 -42.21 1.05 -15.22
CA ASP F 49 -41.14 0.50 -14.42
C ASP F 49 -39.82 0.80 -15.10
N PRO F 50 -38.81 1.23 -14.34
CA PRO F 50 -37.56 1.61 -14.97
C PRO F 50 -36.68 0.43 -15.40
N LYS F 51 -36.76 -0.73 -14.75
CA LYS F 51 -36.08 -1.85 -15.37
C LYS F 51 -36.77 -2.33 -16.66
N HIS F 52 -37.82 -1.67 -17.14
CA HIS F 52 -38.50 -2.06 -18.38
C HIS F 52 -38.31 -0.96 -19.41
N LYS F 53 -37.88 -1.33 -20.62
CA LYS F 53 -37.87 -0.38 -21.70
C LYS F 53 -38.98 -0.75 -22.65
N THR F 54 -39.26 0.15 -23.58
CA THR F 54 -40.31 -0.07 -24.56
C THR F 54 -39.77 0.41 -25.89
N LEU F 55 -39.95 -0.37 -26.95
CA LEU F 55 -39.61 0.06 -28.29
C LEU F 55 -40.89 0.57 -28.92
N ALA F 56 -40.99 1.89 -29.11
CA ALA F 56 -42.23 2.52 -29.55
C ALA F 56 -42.24 2.68 -31.06
N LEU F 57 -43.42 2.51 -31.67
CA LEU F 57 -43.62 2.72 -33.09
C LEU F 57 -44.40 4.01 -33.27
N ILE F 58 -43.72 5.03 -33.80
CA ILE F 58 -44.22 6.40 -33.96
C ILE F 58 -44.58 6.65 -35.42
N LYS F 59 -45.86 6.70 -35.75
CA LYS F 59 -46.30 7.08 -37.10
C LYS F 59 -46.94 8.46 -37.03
N ASP F 60 -46.38 9.41 -37.78
CA ASP F 60 -46.90 10.76 -37.80
C ASP F 60 -46.96 11.33 -36.39
N GLY F 61 -45.98 10.98 -35.57
CA GLY F 61 -45.93 11.56 -34.25
C GLY F 61 -46.78 10.87 -33.20
N ARG F 62 -47.90 10.30 -33.60
CA ARG F 62 -48.73 9.47 -32.71
C ARG F 62 -48.10 8.07 -32.55
N VAL F 63 -48.39 7.42 -31.40
CA VAL F 63 -47.94 6.06 -31.14
C VAL F 63 -48.93 5.06 -31.72
N ILE F 64 -48.43 4.01 -32.36
CA ILE F 64 -49.31 3.05 -33.02
C ILE F 64 -48.91 1.61 -32.70
N GLY F 65 -48.04 1.42 -31.71
CA GLY F 65 -47.61 0.09 -31.35
C GLY F 65 -46.28 0.13 -30.62
N GLY F 66 -45.93 -1.01 -30.04
CA GLY F 66 -44.65 -1.11 -29.38
C GLY F 66 -44.49 -2.47 -28.75
N ILE F 67 -43.25 -2.78 -28.39
CA ILE F 67 -42.93 -3.99 -27.63
C ILE F 67 -42.30 -3.59 -26.32
N CYS F 68 -43.04 -3.80 -25.24
CA CYS F 68 -42.49 -3.63 -23.91
C CYS F 68 -41.56 -4.80 -23.60
N PHE F 69 -40.38 -4.50 -23.07
CA PHE F 69 -39.46 -5.60 -22.78
C PHE F 69 -38.66 -5.32 -21.53
N ARG F 70 -37.95 -6.35 -21.07
CA ARG F 70 -37.13 -6.27 -19.87
C ARG F 70 -35.82 -7.00 -20.14
N MET F 71 -34.70 -6.26 -20.21
CA MET F 71 -33.41 -6.89 -20.45
C MET F 71 -32.86 -7.42 -19.14
N PHE F 72 -32.62 -8.71 -19.09
CA PHE F 72 -31.95 -9.33 -17.97
C PHE F 72 -30.54 -9.68 -18.43
N PRO F 73 -29.61 -8.71 -18.51
CA PRO F 73 -28.25 -9.04 -18.95
C PRO F 73 -27.56 -10.07 -18.08
N THR F 74 -27.57 -9.93 -16.76
CA THR F 74 -26.95 -10.92 -15.89
C THR F 74 -27.33 -12.34 -16.24
N GLN F 75 -28.52 -12.53 -16.80
CA GLN F 75 -28.97 -13.86 -17.19
C GLN F 75 -28.92 -14.09 -18.69
N GLY F 76 -28.59 -13.08 -19.47
CA GLY F 76 -28.35 -13.28 -20.87
C GLY F 76 -29.57 -13.39 -21.74
N PHE F 77 -30.71 -12.88 -21.28
CA PHE F 77 -31.92 -12.94 -22.08
C PHE F 77 -32.72 -11.68 -21.84
N THR F 78 -33.56 -11.36 -22.80
CA THR F 78 -34.56 -10.32 -22.63
C THR F 78 -35.91 -11.01 -22.62
N GLU F 79 -36.85 -10.45 -21.87
CA GLU F 79 -38.23 -10.92 -21.87
C GLU F 79 -39.11 -10.00 -22.72
N ILE F 80 -39.83 -10.58 -23.67
CA ILE F 80 -40.92 -9.85 -24.33
C ILE F 80 -42.08 -9.91 -23.38
N VAL F 81 -42.61 -8.76 -22.98
CA VAL F 81 -43.70 -8.71 -22.02
C VAL F 81 -45.01 -8.20 -22.64
N PHE F 82 -44.97 -7.15 -23.45
CA PHE F 82 -46.16 -6.76 -24.23
C PHE F 82 -45.79 -6.50 -25.67
N CYS F 83 -46.69 -6.87 -26.58
CA CYS F 83 -46.61 -6.49 -28.00
C CYS F 83 -47.98 -6.08 -28.45
N ALA F 84 -48.07 -4.94 -29.13
CA ALA F 84 -49.36 -4.53 -29.63
C ALA F 84 -49.13 -3.56 -30.78
N VAL F 85 -50.01 -3.62 -31.77
CA VAL F 85 -50.14 -2.54 -32.75
C VAL F 85 -51.58 -2.06 -32.72
N THR F 86 -51.74 -0.73 -32.81
CA THR F 86 -53.05 -0.13 -32.97
C THR F 86 -53.86 -0.93 -33.97
N SER F 87 -55.17 -0.93 -33.76
CA SER F 87 -56.05 -1.75 -34.57
C SER F 87 -56.13 -1.33 -36.03
N ASN F 88 -56.16 -0.02 -36.31
CA ASN F 88 -56.18 0.51 -37.67
C ASN F 88 -54.85 0.33 -38.38
N GLU F 89 -53.89 -0.34 -37.73
CA GLU F 89 -52.54 -0.47 -38.26
C GLU F 89 -52.04 -1.91 -38.22
N GLN F 90 -52.90 -2.85 -37.83
CA GLN F 90 -52.50 -4.25 -37.87
C GLN F 90 -52.57 -4.83 -39.28
N VAL F 91 -51.91 -5.97 -39.43
CA VAL F 91 -51.64 -6.67 -40.68
C VAL F 91 -51.11 -5.67 -41.71
N LYS F 92 -50.05 -4.96 -41.35
CA LYS F 92 -49.37 -4.12 -42.34
C LYS F 92 -47.85 -4.32 -42.32
N GLY F 93 -47.35 -5.30 -41.56
CA GLY F 93 -45.94 -5.50 -41.36
C GLY F 93 -45.36 -4.78 -40.16
N TYR F 94 -46.20 -4.14 -39.34
CA TYR F 94 -45.70 -3.34 -38.23
C TYR F 94 -45.22 -4.20 -37.09
N GLY F 95 -45.95 -5.25 -36.74
CA GLY F 95 -45.47 -6.13 -35.70
C GLY F 95 -44.19 -6.82 -36.08
N THR F 96 -43.96 -7.02 -37.38
CA THR F 96 -42.73 -7.71 -37.79
C THR F 96 -41.55 -6.76 -37.91
N HIS F 97 -41.78 -5.51 -38.27
CA HIS F 97 -40.72 -4.52 -38.16
C HIS F 97 -40.38 -4.24 -36.71
N LEU F 98 -41.39 -4.12 -35.85
CA LEU F 98 -41.12 -3.87 -34.44
C LEU F 98 -40.26 -4.98 -33.86
N MET F 99 -40.54 -6.23 -34.23
CA MET F 99 -39.72 -7.33 -33.74
C MET F 99 -38.34 -7.30 -34.38
N ASN F 100 -38.25 -6.95 -35.67
CA ASN F 100 -36.95 -6.92 -36.34
C ASN F 100 -36.05 -5.89 -35.71
N HIS F 101 -36.61 -4.73 -35.37
CA HIS F 101 -35.83 -3.74 -34.67
C HIS F 101 -35.43 -4.23 -33.29
N LEU F 102 -36.40 -4.77 -32.53
CA LEU F 102 -36.06 -5.30 -31.22
C LEU F 102 -34.87 -6.25 -31.34
N LYS F 103 -34.89 -7.14 -32.34
CA LYS F 103 -33.78 -8.06 -32.55
C LYS F 103 -32.47 -7.32 -32.79
N GLU F 104 -32.43 -6.45 -33.80
CA GLU F 104 -31.21 -5.71 -34.11
C GLU F 104 -30.65 -4.99 -32.89
N TYR F 105 -31.52 -4.38 -32.10
CA TYR F 105 -31.12 -3.67 -30.89
C TYR F 105 -30.42 -4.58 -29.91
N HIS F 106 -30.83 -5.85 -29.86
CA HIS F 106 -30.31 -6.75 -28.83
C HIS F 106 -29.01 -7.38 -29.24
N ILE F 107 -28.88 -7.76 -30.51
CA ILE F 107 -27.56 -8.01 -31.08
C ILE F 107 -26.59 -6.92 -30.67
N LYS F 108 -26.94 -5.66 -30.91
CA LYS F 108 -25.96 -4.62 -30.60
C LYS F 108 -25.71 -4.49 -29.11
N HIS F 109 -26.60 -4.98 -28.26
CA HIS F 109 -26.32 -5.05 -26.82
C HIS F 109 -25.85 -6.41 -26.36
N ASN F 110 -25.42 -7.27 -27.26
CA ASN F 110 -24.85 -8.56 -26.89
C ASN F 110 -25.82 -9.38 -26.02
N ILE F 111 -27.07 -9.46 -26.46
CA ILE F 111 -28.09 -10.33 -25.85
C ILE F 111 -28.72 -11.16 -26.96
N LEU F 112 -28.70 -12.48 -26.82
CA LEU F 112 -29.02 -13.34 -27.94
C LEU F 112 -30.19 -14.27 -27.70
N TYR F 113 -30.91 -14.11 -26.60
CA TYR F 113 -32.09 -14.90 -26.32
C TYR F 113 -33.22 -13.97 -25.93
N PHE F 114 -34.39 -14.18 -26.55
CA PHE F 114 -35.64 -13.59 -26.13
C PHE F 114 -36.46 -14.71 -25.50
N LEU F 115 -37.07 -14.45 -24.36
CA LEU F 115 -38.09 -15.33 -23.81
C LEU F 115 -39.42 -14.61 -23.71
N THR F 116 -40.51 -15.37 -23.84
CA THR F 116 -41.83 -14.81 -23.58
C THR F 116 -42.78 -15.92 -23.20
N TYR F 117 -43.81 -15.55 -22.44
CA TYR F 117 -44.94 -16.41 -22.16
C TYR F 117 -46.07 -15.90 -23.02
N ALA F 118 -46.43 -16.65 -24.06
CA ALA F 118 -47.41 -16.18 -25.01
C ALA F 118 -48.77 -16.75 -24.63
N ASP F 119 -49.82 -15.94 -24.74
CA ASP F 119 -51.11 -16.57 -24.54
C ASP F 119 -51.52 -17.26 -25.83
N GLU F 120 -52.71 -17.84 -25.82
CA GLU F 120 -53.10 -18.66 -26.95
C GLU F 120 -53.12 -17.84 -28.23
N TYR F 121 -53.57 -16.58 -28.14
CA TYR F 121 -53.83 -15.75 -29.32
C TYR F 121 -52.56 -15.13 -29.92
N ALA F 122 -51.48 -15.03 -29.15
CA ALA F 122 -50.21 -14.52 -29.63
C ALA F 122 -49.37 -15.56 -30.38
N ILE F 123 -49.44 -16.83 -29.98
CA ILE F 123 -48.50 -17.86 -30.45
C ILE F 123 -48.25 -17.79 -31.96
N GLY F 124 -49.30 -17.59 -32.75
CA GLY F 124 -49.08 -17.48 -34.18
C GLY F 124 -48.08 -16.39 -34.54
N TYR F 125 -48.28 -15.19 -34.00
CA TYR F 125 -47.37 -14.10 -34.32
C TYR F 125 -45.94 -14.45 -33.95
N PHE F 126 -45.74 -14.99 -32.75
CA PHE F 126 -44.37 -15.25 -32.31
C PHE F 126 -43.67 -16.28 -33.19
N LYS F 127 -44.39 -17.31 -33.62
CA LYS F 127 -43.82 -18.27 -34.54
C LYS F 127 -43.32 -17.57 -35.79
N LYS F 128 -44.16 -16.71 -36.40
CA LYS F 128 -43.77 -15.99 -37.60
C LYS F 128 -42.59 -15.08 -37.37
N GLN F 129 -42.35 -14.68 -36.13
CA GLN F 129 -41.11 -14.00 -35.77
C GLN F 129 -40.01 -14.98 -35.38
N GLY F 130 -40.10 -16.22 -35.86
CA GLY F 130 -39.09 -17.23 -35.58
C GLY F 130 -38.96 -17.68 -34.15
N PHE F 131 -40.04 -17.58 -33.37
CA PHE F 131 -40.04 -18.07 -31.99
C PHE F 131 -40.39 -19.55 -31.93
N SER F 132 -39.87 -20.22 -30.92
CA SER F 132 -39.96 -21.67 -30.81
C SER F 132 -40.49 -22.05 -29.44
N LYS F 133 -41.21 -23.17 -29.39
CA LYS F 133 -41.58 -23.71 -28.09
C LYS F 133 -40.43 -24.47 -27.46
N ASP F 134 -39.49 -24.93 -28.27
CA ASP F 134 -38.32 -25.66 -27.79
C ASP F 134 -37.36 -24.67 -27.13
N ILE F 135 -37.19 -24.82 -25.82
CA ILE F 135 -36.49 -23.84 -25.00
C ILE F 135 -35.07 -24.35 -24.77
N LYS F 136 -34.10 -23.63 -25.32
CA LYS F 136 -32.71 -24.01 -25.13
C LYS F 136 -32.11 -23.48 -23.81
N VAL F 137 -32.67 -22.41 -23.26
CA VAL F 137 -32.14 -21.80 -22.03
C VAL F 137 -32.53 -22.66 -20.83
N PRO F 138 -31.59 -23.08 -19.98
CA PRO F 138 -31.98 -23.88 -18.82
C PRO F 138 -32.99 -23.16 -17.94
N LYS F 139 -33.89 -23.95 -17.34
CA LYS F 139 -34.88 -23.41 -16.43
C LYS F 139 -34.26 -22.53 -15.32
N SER F 140 -33.06 -22.90 -14.84
CA SER F 140 -32.44 -22.18 -13.74
C SER F 140 -32.14 -20.72 -14.09
N ARG F 141 -32.19 -20.34 -15.36
CA ARG F 141 -31.75 -19.01 -15.77
C ARG F 141 -32.88 -18.02 -15.84
N TYR F 142 -34.08 -18.50 -16.11
CA TYR F 142 -35.22 -17.63 -16.31
C TYR F 142 -36.29 -17.81 -15.26
N LEU F 143 -36.31 -18.94 -14.56
CA LEU F 143 -37.43 -19.23 -13.68
C LEU F 143 -37.42 -18.25 -12.52
N GLY F 144 -38.58 -17.69 -12.22
CA GLY F 144 -38.68 -16.65 -11.22
C GLY F 144 -38.50 -15.27 -11.77
N TYR F 145 -37.58 -15.09 -12.72
CA TYR F 145 -37.33 -13.76 -13.28
C TYR F 145 -38.47 -13.32 -14.20
N ILE F 146 -38.99 -14.24 -15.00
CA ILE F 146 -40.13 -13.98 -15.87
C ILE F 146 -41.30 -14.76 -15.31
N LYS F 147 -42.50 -14.15 -15.31
CA LYS F 147 -43.62 -14.74 -14.59
C LYS F 147 -44.32 -15.83 -15.42
N ASP F 148 -44.43 -17.03 -14.83
CA ASP F 148 -44.98 -18.24 -15.48
C ASP F 148 -46.49 -18.27 -15.27
N TYR F 149 -47.21 -17.56 -16.12
CA TYR F 149 -48.67 -17.57 -16.01
C TYR F 149 -49.21 -18.94 -16.40
N GLU F 150 -50.05 -19.49 -15.54
CA GLU F 150 -50.67 -20.78 -15.83
C GLU F 150 -51.51 -20.70 -17.09
N GLY F 151 -51.24 -21.61 -18.02
CA GLY F 151 -51.98 -21.70 -19.26
C GLY F 151 -51.36 -20.94 -20.40
N ALA F 152 -50.15 -20.40 -20.19
CA ALA F 152 -49.43 -19.60 -21.16
C ALA F 152 -48.17 -20.34 -21.58
N THR F 153 -47.73 -20.08 -22.81
CA THR F 153 -46.77 -20.94 -23.49
C THR F 153 -45.43 -20.22 -23.53
N LEU F 154 -44.44 -20.73 -22.79
CA LEU F 154 -43.10 -20.19 -22.93
C LEU F 154 -42.62 -20.41 -24.36
N MET F 155 -42.11 -19.35 -24.98
CA MET F 155 -41.53 -19.42 -26.31
C MET F 155 -40.22 -18.64 -26.30
N GLU F 156 -39.30 -19.08 -27.15
CA GLU F 156 -37.93 -18.61 -27.16
C GLU F 156 -37.54 -18.20 -28.57
N CYS F 157 -36.53 -17.35 -28.64
CA CYS F 157 -35.99 -16.86 -29.89
C CYS F 157 -34.50 -16.71 -29.71
N GLU F 158 -33.74 -17.28 -30.63
CA GLU F 158 -32.30 -17.31 -30.53
C GLU F 158 -31.77 -16.41 -31.63
N LEU F 159 -31.04 -15.37 -31.25
CA LEU F 159 -30.59 -14.40 -32.23
C LEU F 159 -29.19 -14.75 -32.70
N ASN F 160 -28.90 -14.36 -33.94
CA ASN F 160 -27.58 -14.52 -34.53
C ASN F 160 -26.98 -13.15 -34.74
N PRO F 161 -25.80 -12.88 -34.19
CA PRO F 161 -25.22 -11.54 -34.32
C PRO F 161 -24.66 -11.24 -35.70
N ARG F 162 -24.50 -12.23 -36.56
CA ARG F 162 -23.94 -11.97 -37.88
C ARG F 162 -25.01 -11.66 -38.89
N ILE F 163 -26.21 -11.41 -38.44
CA ILE F 163 -27.36 -11.15 -39.32
C ILE F 163 -27.76 -9.70 -39.18
N PRO F 164 -27.89 -8.96 -40.29
CA PRO F 164 -28.61 -7.69 -40.27
C PRO F 164 -30.09 -7.98 -40.12
N TYR F 165 -30.69 -7.55 -39.01
CA TYR F 165 -32.12 -7.72 -38.82
C TYR F 165 -32.96 -6.59 -39.41
N THR F 166 -32.43 -5.37 -39.43
CA THR F 166 -33.18 -4.21 -39.89
C THR F 166 -32.57 -3.59 -41.16
N GLY G 1 -3.19 -6.90 38.50
CA GLY G 1 -4.21 -6.84 37.48
C GLY G 1 -3.61 -7.09 36.11
N ILE G 2 -4.23 -6.56 35.04
CA ILE G 2 -3.58 -6.56 33.73
C ILE G 2 -2.26 -5.81 33.82
N ILE G 3 -1.21 -6.44 33.29
CA ILE G 3 0.10 -5.83 33.22
C ILE G 3 0.35 -5.50 31.78
N GLU G 4 0.78 -4.28 31.52
CA GLU G 4 0.99 -3.87 30.15
C GLU G 4 2.19 -2.95 30.06
N PHE G 5 2.79 -2.98 28.88
CA PHE G 5 3.95 -2.16 28.55
C PHE G 5 3.54 -1.27 27.41
N HIS G 6 3.71 0.02 27.60
CA HIS G 6 3.52 0.93 26.48
C HIS G 6 4.75 1.79 26.34
N VAL G 7 5.21 1.93 25.10
CA VAL G 7 6.25 2.90 24.77
C VAL G 7 5.53 4.20 24.42
N ILE G 8 5.67 5.20 25.30
CA ILE G 8 4.89 6.43 25.23
C ILE G 8 5.82 7.64 25.25
N GLY G 9 5.33 8.76 24.73
CA GLY G 9 6.08 10.00 24.77
C GLY G 9 5.23 11.19 24.38
N ASN G 10 5.84 12.36 24.37
CA ASN G 10 5.18 13.59 23.94
C ASN G 10 5.51 13.88 22.46
N SER G 11 4.47 14.05 21.64
CA SER G 11 4.68 14.31 20.21
C SER G 11 4.84 15.79 19.91
N ASN G 17 -3.85 13.62 24.17
CA ASN G 17 -4.37 12.42 24.83
C ASN G 17 -4.08 12.40 26.33
N ARG G 18 -5.16 12.24 27.10
CA ARG G 18 -5.07 12.36 28.55
C ARG G 18 -4.41 11.14 29.16
N ARG G 19 -4.77 9.93 28.70
CA ARG G 19 -4.28 8.70 29.32
C ARG G 19 -2.75 8.64 29.30
N VAL G 20 -2.15 9.02 28.18
CA VAL G 20 -0.70 9.06 28.03
C VAL G 20 -0.10 10.14 28.92
N LEU G 21 -0.72 11.32 28.91
CA LEU G 21 -0.23 12.47 29.66
C LEU G 21 -0.11 12.17 31.15
N LEU G 22 -1.20 11.63 31.75
CA LEU G 22 -1.16 11.27 33.16
C LEU G 22 -0.18 10.14 33.41
N TRP G 23 0.01 9.26 32.43
CA TRP G 23 1.08 8.27 32.51
C TRP G 23 2.45 8.94 32.53
N LEU G 24 2.62 10.01 31.75
CA LEU G 24 3.91 10.70 31.74
C LEU G 24 4.15 11.42 33.07
N VAL G 25 3.11 12.05 33.64
CA VAL G 25 3.29 12.57 34.99
C VAL G 25 3.54 11.42 35.96
N GLY G 26 2.82 10.31 35.78
CA GLY G 26 3.08 9.15 36.60
C GLY G 26 4.54 8.76 36.60
N LEU G 27 5.13 8.66 35.40
CA LEU G 27 6.54 8.30 35.25
C LEU G 27 7.44 9.34 35.89
N GLN G 28 7.21 10.61 35.59
CA GLN G 28 8.01 11.67 36.18
C GLN G 28 7.93 11.66 37.70
N ASN G 29 6.78 11.25 38.25
CA ASN G 29 6.70 11.05 39.69
C ASN G 29 7.57 9.89 40.15
N VAL G 30 7.59 8.80 39.38
CA VAL G 30 8.35 7.63 39.80
C VAL G 30 9.84 7.85 39.62
N PHE G 31 10.23 8.61 38.59
CA PHE G 31 11.65 8.86 38.38
C PHE G 31 12.19 9.84 39.42
N SER G 32 11.42 10.87 39.73
CA SER G 32 11.89 11.83 40.73
C SER G 32 12.00 11.18 42.10
N HIS G 33 11.08 10.27 42.38
CA HIS G 33 11.01 9.74 43.73
C HIS G 33 12.03 8.63 43.96
N GLN G 34 12.27 7.77 42.94
CA GLN G 34 13.31 6.75 43.05
C GLN G 34 14.72 7.27 42.72
N LEU G 35 14.81 8.28 41.89
CA LEU G 35 16.11 8.85 41.61
C LEU G 35 16.14 10.26 42.20
N PRO G 36 16.27 10.39 43.52
CA PRO G 36 16.13 11.72 44.13
C PRO G 36 17.28 12.64 43.80
N ARG G 37 18.42 12.10 43.38
CA ARG G 37 19.55 12.99 43.20
C ARG G 37 19.41 13.91 41.98
N MET G 38 18.29 13.91 41.27
CA MET G 38 18.22 14.80 40.12
C MET G 38 17.00 15.70 40.14
N PRO G 39 17.17 16.99 39.83
CA PRO G 39 16.08 17.96 40.03
C PRO G 39 14.82 17.51 39.32
N LYS G 40 13.70 17.62 40.02
CA LYS G 40 12.46 17.19 39.40
C LYS G 40 12.16 18.01 38.15
N GLU G 41 12.65 19.24 38.08
CA GLU G 41 12.45 20.02 36.86
C GLU G 41 13.24 19.42 35.69
N TYR G 42 14.40 18.81 35.98
CA TYR G 42 15.19 18.14 34.94
C TYR G 42 14.46 16.91 34.41
N ILE G 43 14.00 16.05 35.33
CA ILE G 43 13.28 14.84 34.94
C ILE G 43 12.03 15.18 34.14
N ALA G 44 11.40 16.32 34.43
CA ALA G 44 10.20 16.67 33.70
C ALA G 44 10.52 17.01 32.25
N ARG G 45 11.53 17.83 32.02
CA ARG G 45 11.86 18.25 30.66
C ARG G 45 12.23 17.04 29.81
N LEU G 46 13.12 16.20 30.35
CA LEU G 46 13.55 15.01 29.62
C LEU G 46 12.42 14.03 29.39
N VAL G 47 11.48 13.87 30.33
CA VAL G 47 10.39 12.93 30.09
C VAL G 47 9.45 13.47 29.00
N PHE G 48 9.15 14.76 29.06
CA PHE G 48 8.17 15.35 28.16
C PHE G 48 8.80 15.88 26.88
N ASP G 49 10.09 15.53 26.63
CA ASP G 49 10.75 15.95 25.40
C ASP G 49 10.29 15.06 24.24
N PRO G 50 10.22 15.63 23.02
CA PRO G 50 9.77 14.84 21.86
C PRO G 50 10.73 13.72 21.53
N LYS G 51 12.03 14.03 21.57
CA LYS G 51 13.07 13.09 21.19
C LYS G 51 13.25 12.01 22.22
N HIS G 52 12.69 12.16 23.41
CA HIS G 52 12.75 11.11 24.42
C HIS G 52 11.46 10.29 24.41
N LYS G 53 11.62 8.98 24.48
CA LYS G 53 10.52 8.04 24.63
C LYS G 53 10.65 7.34 25.98
N THR G 54 9.57 6.72 26.42
CA THR G 54 9.57 6.02 27.69
C THR G 54 8.78 4.73 27.56
N LEU G 55 9.37 3.62 28.01
CA LEU G 55 8.66 2.35 28.14
C LEU G 55 8.00 2.33 29.51
N ALA G 56 6.69 2.25 29.52
CA ALA G 56 5.91 2.36 30.74
C ALA G 56 5.35 1.01 31.11
N LEU G 57 5.68 0.56 32.32
CA LEU G 57 5.06 -0.61 32.92
C LEU G 57 3.80 -0.17 33.66
N ILE G 58 2.67 -0.81 33.36
CA ILE G 58 1.38 -0.40 33.90
C ILE G 58 0.74 -1.59 34.62
N LYS G 59 0.55 -1.46 35.93
CA LYS G 59 -0.29 -2.39 36.67
C LYS G 59 -1.64 -1.75 36.96
N ASP G 60 -2.69 -2.28 36.31
CA ASP G 60 -4.06 -1.83 36.53
C ASP G 60 -4.14 -0.32 36.44
N GLY G 61 -4.09 0.16 35.21
CA GLY G 61 -4.19 1.58 34.92
C GLY G 61 -3.05 2.45 35.40
N ARG G 62 -2.30 2.01 36.41
CA ARG G 62 -1.34 2.85 37.12
C ARG G 62 0.09 2.54 36.74
N VAL G 63 0.85 3.61 36.42
CA VAL G 63 2.29 3.51 36.26
C VAL G 63 2.89 3.05 37.56
N ILE G 64 3.80 2.07 37.48
CA ILE G 64 4.64 1.64 38.60
C ILE G 64 6.11 1.57 38.21
N GLY G 65 6.45 1.77 36.94
CA GLY G 65 7.84 1.73 36.57
C GLY G 65 8.00 2.10 35.12
N GLY G 66 9.24 2.29 34.74
CA GLY G 66 9.50 2.44 33.33
C GLY G 66 10.94 2.78 33.09
N ILE G 67 11.27 2.86 31.80
CA ILE G 67 12.59 3.27 31.34
C ILE G 67 12.41 4.44 30.36
N CYS G 68 13.13 5.53 30.62
CA CYS G 68 13.21 6.64 29.68
C CYS G 68 14.50 6.51 28.88
N PHE G 69 14.39 6.62 27.56
CA PHE G 69 15.57 6.44 26.72
C PHE G 69 15.57 7.47 25.60
N ARG G 70 16.67 7.50 24.86
CA ARG G 70 16.90 8.46 23.79
C ARG G 70 17.64 7.73 22.67
N MET G 71 16.91 7.39 21.59
CA MET G 71 17.47 6.62 20.48
C MET G 71 18.34 7.51 19.60
N PHE G 72 19.54 7.03 19.27
CA PHE G 72 20.46 7.76 18.40
C PHE G 72 20.74 6.94 17.15
N PRO G 73 19.70 6.68 16.35
CA PRO G 73 19.90 5.77 15.21
C PRO G 73 20.92 6.30 14.25
N THR G 74 21.07 7.62 14.21
CA THR G 74 22.19 8.23 13.51
C THR G 74 23.52 7.88 14.16
N GLN G 75 23.51 7.37 15.38
CA GLN G 75 24.75 7.07 16.08
C GLN G 75 24.95 5.58 16.32
N GLY G 76 23.90 4.77 16.16
CA GLY G 76 23.99 3.35 16.31
C GLY G 76 23.51 2.81 17.64
N PHE G 77 23.30 3.67 18.64
CA PHE G 77 23.05 3.20 19.99
C PHE G 77 21.84 3.91 20.57
N THR G 78 21.49 3.53 21.79
CA THR G 78 20.39 4.11 22.55
C THR G 78 20.83 4.42 23.96
N GLU G 79 20.59 5.65 24.40
CA GLU G 79 20.97 6.11 25.73
C GLU G 79 19.86 5.81 26.72
N ILE G 80 20.21 5.14 27.81
CA ILE G 80 19.23 4.89 28.86
C ILE G 80 19.34 5.99 29.91
N VAL G 81 18.26 6.77 30.05
CA VAL G 81 18.29 8.00 30.86
C VAL G 81 17.81 7.74 32.30
N PHE G 82 16.58 7.24 32.48
CA PHE G 82 16.00 6.94 33.79
C PHE G 82 15.48 5.51 33.82
N CYS G 83 15.76 4.79 34.93
CA CYS G 83 15.19 3.48 35.23
C CYS G 83 14.71 3.46 36.66
N ALA G 84 13.41 3.33 36.86
CA ALA G 84 12.87 3.20 38.20
C ALA G 84 11.76 2.17 38.20
N VAL G 85 11.60 1.49 39.33
CA VAL G 85 10.41 0.72 39.65
C VAL G 85 9.96 1.14 41.03
N THR G 86 8.66 1.45 41.18
CA THR G 86 8.16 2.01 42.43
C THR G 86 8.37 1.04 43.58
N SER G 87 8.63 1.62 44.77
CA SER G 87 9.25 0.86 45.86
C SER G 87 8.44 -0.37 46.26
N ASN G 88 7.12 -0.33 46.19
CA ASN G 88 6.36 -1.52 46.51
C ASN G 88 6.25 -2.49 45.33
N GLU G 89 7.13 -2.40 44.34
CA GLU G 89 7.06 -3.32 43.22
C GLU G 89 8.45 -3.83 42.82
N GLN G 90 9.48 -3.42 43.53
CA GLN G 90 10.83 -3.88 43.22
C GLN G 90 10.94 -5.36 43.53
N VAL G 91 12.09 -5.92 43.15
CA VAL G 91 12.47 -7.31 43.41
C VAL G 91 11.33 -8.31 43.21
N LYS G 92 10.45 -8.03 42.27
CA LYS G 92 9.59 -9.04 41.66
C LYS G 92 9.88 -9.21 40.18
N GLY G 93 11.14 -9.00 39.79
CA GLY G 93 11.53 -9.20 38.41
C GLY G 93 10.91 -8.25 37.41
N TYR G 94 10.35 -7.13 37.87
CA TYR G 94 9.77 -6.15 36.96
C TYR G 94 10.84 -5.46 36.13
N GLY G 95 11.90 -5.00 36.79
CA GLY G 95 12.96 -4.32 36.07
C GLY G 95 13.54 -5.16 34.97
N THR G 96 13.53 -6.48 35.13
CA THR G 96 14.04 -7.36 34.08
C THR G 96 13.08 -7.38 32.90
N HIS G 97 11.79 -7.66 33.16
CA HIS G 97 10.78 -7.57 32.12
C HIS G 97 10.84 -6.23 31.41
N LEU G 98 11.11 -5.15 32.15
CA LEU G 98 11.21 -3.85 31.50
C LEU G 98 12.38 -3.83 30.53
N MET G 99 13.55 -4.26 31.01
CA MET G 99 14.69 -4.23 30.11
C MET G 99 14.44 -5.10 28.89
N ASN G 100 13.80 -6.25 29.06
CA ASN G 100 13.59 -7.14 27.92
C ASN G 100 12.65 -6.54 26.89
N HIS G 101 11.53 -5.99 27.34
CA HIS G 101 10.69 -5.29 26.38
C HIS G 101 11.47 -4.20 25.67
N LEU G 102 12.29 -3.46 26.42
CA LEU G 102 13.11 -2.43 25.79
C LEU G 102 14.04 -3.06 24.77
N LYS G 103 14.61 -4.23 25.09
CA LYS G 103 15.50 -4.92 24.16
C LYS G 103 14.75 -5.36 22.92
N GLU G 104 13.63 -6.05 23.11
CA GLU G 104 12.79 -6.44 21.99
C GLU G 104 12.43 -5.24 21.14
N TYR G 105 11.95 -4.16 21.76
CA TYR G 105 11.63 -2.94 21.01
C TYR G 105 12.80 -2.49 20.17
N HIS G 106 14.02 -2.63 20.66
CA HIS G 106 15.15 -2.09 19.93
C HIS G 106 15.59 -3.00 18.79
N ILE G 107 15.50 -4.32 18.97
CA ILE G 107 15.84 -5.19 17.84
C ILE G 107 14.81 -5.03 16.72
N LYS G 108 13.51 -4.95 17.05
CA LYS G 108 12.53 -4.57 16.03
C LYS G 108 12.83 -3.25 15.32
N HIS G 109 13.60 -2.35 15.93
CA HIS G 109 13.96 -1.06 15.32
C HIS G 109 15.42 -1.02 14.93
N ASN G 110 16.06 -2.18 14.87
CA ASN G 110 17.40 -2.36 14.31
C ASN G 110 18.41 -1.39 14.96
N ILE G 111 18.54 -1.54 16.28
CA ILE G 111 19.49 -0.80 17.11
C ILE G 111 20.01 -1.78 18.14
N LEU G 112 21.32 -1.89 18.24
CA LEU G 112 21.88 -3.07 18.89
C LEU G 112 22.91 -2.74 19.96
N TYR G 113 22.97 -1.48 20.41
CA TYR G 113 23.81 -1.10 21.55
C TYR G 113 23.07 -0.12 22.46
N PHE G 114 22.98 -0.49 23.75
CA PHE G 114 22.60 0.40 24.84
C PHE G 114 23.84 1.01 25.49
N LEU G 115 23.76 2.29 25.82
CA LEU G 115 24.77 2.97 26.63
C LEU G 115 24.11 3.70 27.79
N THR G 116 24.64 3.51 29.00
CA THR G 116 24.03 4.11 30.17
C THR G 116 25.10 4.36 31.23
N TYR G 117 24.87 5.38 32.07
CA TYR G 117 25.77 5.73 33.17
C TYR G 117 25.17 5.24 34.48
N ALA G 118 25.74 4.17 35.01
CA ALA G 118 25.19 3.55 36.22
C ALA G 118 25.82 4.16 37.45
N ASP G 119 25.01 4.32 38.48
CA ASP G 119 25.54 4.66 39.80
C ASP G 119 25.92 3.40 40.57
N GLU G 120 26.83 3.57 41.55
CA GLU G 120 27.34 2.43 42.32
C GLU G 120 26.21 1.53 42.77
N TYR G 121 25.11 2.12 43.26
CA TYR G 121 24.02 1.29 43.77
C TYR G 121 23.38 0.48 42.65
N ALA G 122 23.45 0.94 41.40
CA ALA G 122 22.71 0.34 40.30
C ALA G 122 23.47 -0.75 39.54
N ILE G 123 24.81 -0.70 39.53
CA ILE G 123 25.62 -1.51 38.61
C ILE G 123 25.25 -2.98 38.67
N GLY G 124 24.88 -3.46 39.85
CA GLY G 124 24.57 -4.86 39.98
C GLY G 124 23.39 -5.25 39.12
N TYR G 125 22.40 -4.36 39.03
CA TYR G 125 21.22 -4.67 38.24
C TYR G 125 21.54 -4.59 36.75
N PHE G 126 22.50 -3.75 36.36
CA PHE G 126 22.81 -3.62 34.95
C PHE G 126 23.64 -4.78 34.45
N LYS G 127 24.63 -5.23 35.23
CA LYS G 127 25.16 -6.58 35.02
C LYS G 127 24.06 -7.58 34.73
N LYS G 128 23.13 -7.76 35.66
CA LYS G 128 22.14 -8.82 35.53
C LYS G 128 21.24 -8.64 34.32
N GLN G 129 21.26 -7.49 33.67
CA GLN G 129 20.59 -7.27 32.40
C GLN G 129 21.52 -7.46 31.21
N GLY G 130 22.78 -7.77 31.43
CA GLY G 130 23.70 -8.03 30.34
C GLY G 130 24.64 -6.90 30.03
N PHE G 131 24.69 -5.86 30.85
CA PHE G 131 25.56 -4.73 30.58
C PHE G 131 26.96 -4.98 31.11
N SER G 132 27.96 -4.57 30.32
CA SER G 132 29.35 -4.72 30.69
C SER G 132 30.03 -3.37 30.72
N LYS G 133 31.13 -3.30 31.47
CA LYS G 133 32.01 -2.14 31.49
C LYS G 133 32.89 -1.99 30.26
N ASP G 134 33.01 -3.03 29.44
CA ASP G 134 33.85 -2.97 28.24
C ASP G 134 33.08 -2.20 27.17
N ILE G 135 33.38 -0.91 27.05
CA ILE G 135 32.64 -0.02 26.16
C ILE G 135 33.25 -0.12 24.77
N LYS G 136 32.65 -0.97 23.93
CA LYS G 136 33.15 -1.18 22.58
C LYS G 136 32.83 -0.06 21.62
N VAL G 137 32.04 0.93 22.01
CA VAL G 137 31.69 2.02 21.10
C VAL G 137 32.77 3.09 21.19
N PRO G 138 33.29 3.59 20.07
CA PRO G 138 34.27 4.67 20.14
C PRO G 138 33.76 5.83 20.98
N LYS G 139 34.59 6.27 21.92
CA LYS G 139 34.22 7.43 22.71
C LYS G 139 33.78 8.59 21.80
N SER G 140 34.36 8.68 20.60
CA SER G 140 33.98 9.73 19.65
C SER G 140 32.55 9.54 19.16
N ARG G 141 31.99 8.34 19.27
CA ARG G 141 30.64 8.11 18.76
C ARG G 141 29.55 8.61 19.70
N TYR G 142 29.81 8.61 21.02
CA TYR G 142 28.77 8.88 22.00
C TYR G 142 29.02 10.10 22.86
N LEU G 143 30.28 10.44 23.12
CA LEU G 143 30.58 11.67 23.85
C LEU G 143 29.77 12.82 23.28
N GLY G 144 29.12 13.56 24.18
CA GLY G 144 28.30 14.68 23.79
C GLY G 144 26.86 14.33 23.49
N TYR G 145 26.57 13.08 23.17
CA TYR G 145 25.19 12.66 22.96
C TYR G 145 24.61 12.02 24.22
N ILE G 146 25.34 11.05 24.77
CA ILE G 146 25.00 10.48 26.06
C ILE G 146 25.29 11.52 27.15
N LYS G 147 24.30 11.76 28.03
CA LYS G 147 24.42 12.81 29.06
C LYS G 147 25.47 12.39 30.07
N ASP G 148 26.67 12.97 29.96
CA ASP G 148 27.91 12.49 30.58
C ASP G 148 27.95 12.81 32.08
N TYR G 149 27.31 11.97 32.88
CA TYR G 149 27.48 12.07 34.33
C TYR G 149 28.91 11.64 34.66
N GLU G 150 29.72 12.55 35.22
CA GLU G 150 31.07 12.19 35.59
C GLU G 150 31.11 11.64 37.00
N GLY G 151 31.76 10.49 37.16
CA GLY G 151 31.68 9.77 38.40
C GLY G 151 30.79 8.54 38.25
N ALA G 152 29.61 8.73 37.69
CA ALA G 152 28.79 7.58 37.34
C ALA G 152 29.54 6.74 36.30
N THR G 153 29.21 5.45 36.27
CA THR G 153 30.02 4.44 35.60
C THR G 153 29.36 4.05 34.27
N LEU G 154 30.06 4.26 33.17
CA LEU G 154 29.45 4.02 31.88
C LEU G 154 29.44 2.53 31.57
N MET G 155 28.32 2.05 31.07
CA MET G 155 28.25 0.66 30.67
C MET G 155 27.55 0.53 29.32
N GLU G 156 27.87 -0.58 28.67
CA GLU G 156 27.39 -0.95 27.35
C GLU G 156 26.55 -2.21 27.43
N CYS G 157 25.66 -2.36 26.48
CA CYS G 157 24.96 -3.61 26.29
C CYS G 157 24.89 -3.83 24.80
N GLU G 158 24.98 -5.09 24.38
CA GLU G 158 24.93 -5.41 22.97
C GLU G 158 23.83 -6.43 22.74
N LEU G 159 22.92 -6.10 21.84
CA LEU G 159 21.77 -6.96 21.57
C LEU G 159 22.05 -7.89 20.41
N ASN G 160 21.40 -9.07 20.45
CA ASN G 160 21.48 -10.03 19.34
C ASN G 160 20.14 -10.11 18.64
N PRO G 161 20.00 -9.59 17.41
CA PRO G 161 18.68 -9.54 16.77
C PRO G 161 18.12 -10.89 16.36
N ARG G 162 18.80 -11.98 16.73
CA ARG G 162 18.26 -13.33 16.57
C ARG G 162 17.41 -13.76 17.75
N ILE G 163 17.83 -13.46 18.98
CA ILE G 163 17.10 -13.93 20.17
C ILE G 163 15.76 -13.20 20.24
N PRO G 164 14.65 -13.89 20.53
CA PRO G 164 13.45 -13.18 21.00
C PRO G 164 13.61 -12.82 22.46
N TYR G 165 13.73 -11.51 22.75
CA TYR G 165 13.86 -11.10 24.14
C TYR G 165 12.52 -11.18 24.87
N THR G 166 11.41 -11.18 24.12
CA THR G 166 10.06 -11.34 24.67
C THR G 166 9.27 -12.32 23.81
N GLY H 1 18.19 50.74 37.00
CA GLY H 1 17.59 50.35 35.73
C GLY H 1 16.87 49.00 35.75
N ILE H 2 16.24 48.65 34.63
CA ILE H 2 15.54 47.38 34.47
C ILE H 2 16.34 46.53 33.51
N ILE H 3 16.54 45.27 33.85
CA ILE H 3 17.44 44.40 33.12
C ILE H 3 16.70 43.17 32.66
N GLU H 4 16.79 42.87 31.36
CA GLU H 4 16.12 41.73 30.74
C GLU H 4 17.06 41.01 29.80
N PHE H 5 16.84 39.71 29.65
CA PHE H 5 17.59 38.83 28.75
C PHE H 5 16.64 38.27 27.69
N HIS H 6 17.13 38.04 26.47
CA HIS H 6 16.21 37.57 25.41
C HIS H 6 16.98 36.84 24.32
N VAL H 7 16.67 35.57 24.08
CA VAL H 7 17.19 34.86 22.92
C VAL H 7 16.45 35.33 21.68
N ILE H 8 17.15 36.02 20.79
CA ILE H 8 16.56 36.57 19.60
C ILE H 8 17.35 36.05 18.40
N GLY H 9 16.75 36.18 17.24
CA GLY H 9 17.39 35.69 16.05
C GLY H 9 16.63 36.19 14.84
N ASN H 10 17.34 36.23 13.72
CA ASN H 10 16.70 36.65 12.49
C ASN H 10 15.85 35.50 11.96
N SER H 11 14.53 35.68 12.02
CA SER H 11 13.56 34.68 11.55
C SER H 11 13.29 34.87 10.06
N LEU H 12 13.25 33.74 9.34
CA LEU H 12 12.79 33.73 7.97
C LEU H 12 11.26 33.74 7.88
N THR H 13 10.57 33.38 8.97
CA THR H 13 9.12 33.43 9.00
C THR H 13 8.64 34.87 9.20
N ASN H 17 8.81 41.30 12.88
CA ASN H 17 9.00 42.08 14.10
C ASN H 17 10.05 43.19 13.91
N ARG H 18 9.96 44.23 14.75
CA ARG H 18 10.83 45.42 14.67
C ARG H 18 11.59 45.72 15.94
N ARG H 19 11.01 45.50 17.12
CA ARG H 19 11.84 45.58 18.32
C ARG H 19 13.05 44.69 18.16
N VAL H 20 12.82 43.43 17.81
CA VAL H 20 13.91 42.47 17.65
C VAL H 20 14.91 42.96 16.61
N LEU H 21 14.41 43.45 15.48
CA LEU H 21 15.30 43.98 14.44
C LEU H 21 16.26 45.02 15.01
N LEU H 22 15.72 46.09 15.60
CA LEU H 22 16.58 47.11 16.17
C LEU H 22 17.43 46.56 17.30
N TRP H 23 16.97 45.47 17.92
CA TRP H 23 17.76 44.86 18.97
C TRP H 23 18.99 44.17 18.39
N LEU H 24 18.81 43.46 17.28
CA LEU H 24 19.91 42.82 16.58
C LEU H 24 20.90 43.84 16.04
N VAL H 25 20.39 44.93 15.46
CA VAL H 25 21.26 46.00 15.00
C VAL H 25 22.13 46.49 16.14
N GLY H 26 21.53 46.73 17.30
CA GLY H 26 22.30 47.18 18.46
C GLY H 26 23.39 46.22 18.87
N LEU H 27 23.13 44.92 18.72
CA LEU H 27 24.14 43.91 19.01
C LEU H 27 25.26 43.95 17.98
N GLN H 28 24.93 44.02 16.70
CA GLN H 28 25.96 44.19 15.70
C GLN H 28 26.78 45.45 15.97
N ASN H 29 26.17 46.49 16.54
CA ASN H 29 26.95 47.69 16.83
C ASN H 29 27.85 47.49 18.03
N VAL H 30 27.37 46.75 19.03
CA VAL H 30 28.20 46.42 20.19
C VAL H 30 29.31 45.48 19.79
N PHE H 31 28.95 44.34 19.20
CA PHE H 31 29.97 43.37 18.80
C PHE H 31 31.05 44.02 17.94
N SER H 32 30.65 44.83 16.96
CA SER H 32 31.62 45.41 16.03
C SER H 32 32.53 46.40 16.71
N HIS H 33 32.04 47.09 17.73
CA HIS H 33 32.84 48.12 18.35
C HIS H 33 33.68 47.58 19.49
N GLN H 34 33.20 46.52 20.15
CA GLN H 34 34.00 45.84 21.16
C GLN H 34 34.93 44.81 20.54
N LEU H 35 34.64 44.34 19.32
CA LEU H 35 35.46 43.40 18.58
C LEU H 35 35.96 44.07 17.30
N PRO H 36 36.89 45.01 17.44
CA PRO H 36 37.32 45.81 16.28
C PRO H 36 38.04 45.01 15.20
N ARG H 37 38.69 43.90 15.53
CA ARG H 37 39.34 43.13 14.47
C ARG H 37 38.40 42.15 13.78
N MET H 38 37.09 42.22 14.08
CA MET H 38 36.05 41.53 13.32
C MET H 38 35.44 42.52 12.35
N PRO H 39 35.58 42.32 11.04
CA PRO H 39 34.90 43.21 10.09
C PRO H 39 33.41 43.35 10.40
N LYS H 40 32.90 44.60 10.32
CA LYS H 40 31.51 44.86 10.66
C LYS H 40 30.55 44.07 9.76
N GLU H 41 30.87 43.95 8.47
CA GLU H 41 30.01 43.18 7.57
C GLU H 41 29.97 41.71 7.97
N TYR H 42 31.12 41.15 8.36
CA TYR H 42 31.14 39.75 8.79
C TYR H 42 30.27 39.53 10.02
N ILE H 43 30.32 40.44 10.99
CA ILE H 43 29.47 40.30 12.16
C ILE H 43 28.01 40.32 11.77
N ALA H 44 27.62 41.28 10.93
CA ALA H 44 26.19 41.44 10.67
C ALA H 44 25.65 40.26 9.88
N ARG H 45 26.47 39.68 8.98
CA ARG H 45 26.08 38.47 8.25
C ARG H 45 25.69 37.36 9.22
N LEU H 46 26.56 37.12 10.20
CA LEU H 46 26.39 36.07 11.19
C LEU H 46 25.20 36.34 12.11
N VAL H 47 25.05 37.58 12.57
CA VAL H 47 24.01 37.91 13.54
C VAL H 47 22.63 37.68 12.94
N PHE H 48 22.38 38.24 11.75
CA PHE H 48 21.14 38.14 10.98
C PHE H 48 21.03 36.84 10.19
N ASP H 49 21.96 35.92 10.36
CA ASP H 49 21.78 34.58 9.80
C ASP H 49 20.74 33.84 10.63
N PRO H 50 19.91 33.01 10.01
CA PRO H 50 18.80 32.38 10.75
C PRO H 50 19.25 31.38 11.80
N LYS H 51 20.12 30.44 11.40
CA LYS H 51 20.63 29.41 12.30
C LYS H 51 21.53 29.97 13.39
N HIS H 52 21.74 31.28 13.46
CA HIS H 52 22.37 31.92 14.61
C HIS H 52 21.30 32.52 15.52
N LYS H 53 21.36 32.16 16.78
CA LYS H 53 20.61 32.83 17.84
C LYS H 53 21.52 33.82 18.55
N THR H 54 20.93 34.63 19.43
CA THR H 54 21.67 35.68 20.12
C THR H 54 20.99 36.02 21.44
N LEU H 55 21.55 35.56 22.54
CA LEU H 55 21.09 36.04 23.84
C LEU H 55 21.46 37.50 23.99
N ALA H 56 20.46 38.38 24.13
CA ALA H 56 20.69 39.81 24.26
C ALA H 56 20.50 40.26 25.69
N LEU H 57 21.38 41.16 26.13
CA LEU H 57 21.30 41.76 27.45
C LEU H 57 20.78 43.19 27.31
N ILE H 58 19.64 43.47 27.93
CA ILE H 58 18.90 44.71 27.67
C ILE H 58 18.81 45.49 28.98
N LYS H 59 19.27 46.74 28.99
CA LYS H 59 19.09 47.62 30.13
C LYS H 59 18.34 48.85 29.66
N ASP H 60 17.12 49.02 30.17
CA ASP H 60 16.26 50.13 29.79
C ASP H 60 16.07 50.14 28.27
N GLY H 61 15.60 49.01 27.76
CA GLY H 61 15.29 48.86 26.35
C GLY H 61 16.47 48.99 25.40
N ARG H 62 17.67 49.15 25.96
CA ARG H 62 18.87 49.47 25.22
C ARG H 62 19.83 48.30 25.27
N VAL H 63 20.27 47.81 24.12
CA VAL H 63 21.21 46.68 24.08
C VAL H 63 22.54 47.10 24.68
N ILE H 64 23.04 46.33 25.66
CA ILE H 64 24.29 46.68 26.32
C ILE H 64 25.23 45.48 26.36
N GLY H 65 24.97 44.48 25.55
CA GLY H 65 25.76 43.27 25.57
C GLY H 65 24.98 42.10 25.01
N GLY H 66 25.67 40.98 24.90
CA GLY H 66 25.02 39.77 24.45
C GLY H 66 26.02 38.76 23.95
N ILE H 67 25.51 37.55 23.70
CA ILE H 67 26.29 36.49 23.09
C ILE H 67 25.56 36.03 21.82
N CYS H 68 26.29 35.99 20.71
CA CYS H 68 25.84 35.33 19.50
C CYS H 68 26.36 33.90 19.48
N PHE H 69 25.47 32.94 19.28
CA PHE H 69 25.88 31.55 19.24
C PHE H 69 25.18 30.80 18.13
N ARG H 70 25.74 29.65 17.78
CA ARG H 70 25.20 28.76 16.77
C ARG H 70 25.11 27.36 17.36
N MET H 71 23.89 26.86 17.53
CA MET H 71 23.70 25.49 18.02
C MET H 71 23.95 24.46 16.92
N PHE H 72 24.51 23.31 17.30
CA PHE H 72 24.70 22.16 16.42
C PHE H 72 24.14 20.91 17.08
N PRO H 73 22.82 20.85 17.29
CA PRO H 73 22.29 19.74 18.09
C PRO H 73 22.62 18.38 17.50
N THR H 74 22.59 18.24 16.17
CA THR H 74 23.07 17.01 15.54
C THR H 74 24.51 16.71 15.96
N GLN H 75 25.34 17.72 16.13
CA GLN H 75 26.68 17.38 16.55
C GLN H 75 26.80 17.33 18.06
N GLY H 76 25.95 18.05 18.79
CA GLY H 76 25.95 17.98 20.23
C GLY H 76 26.69 19.08 20.97
N PHE H 77 26.87 20.25 20.35
CA PHE H 77 27.62 21.33 20.95
C PHE H 77 27.15 22.64 20.35
N THR H 78 27.46 23.74 21.05
CA THR H 78 27.15 25.07 20.54
C THR H 78 28.43 25.84 20.28
N GLU H 79 28.46 26.56 19.16
CA GLU H 79 29.55 27.47 18.86
C GLU H 79 29.25 28.84 19.44
N ILE H 80 30.07 29.30 20.40
CA ILE H 80 30.05 30.69 20.87
C ILE H 80 30.69 31.57 19.80
N VAL H 81 29.91 32.48 19.22
CA VAL H 81 30.39 33.21 18.06
C VAL H 81 30.93 34.59 18.47
N PHE H 82 30.09 35.45 19.04
CA PHE H 82 30.52 36.73 19.56
C PHE H 82 29.99 36.92 20.96
N CYS H 83 30.74 37.63 21.79
CA CYS H 83 30.12 38.20 22.97
C CYS H 83 30.89 39.42 23.38
N ALA H 84 30.15 40.37 23.90
CA ALA H 84 30.70 41.66 24.28
C ALA H 84 29.74 42.28 25.27
N VAL H 85 30.26 43.15 26.11
CA VAL H 85 29.45 44.06 26.92
C VAL H 85 29.92 45.47 26.58
N THR H 86 28.97 46.38 26.37
CA THR H 86 29.38 47.70 25.94
C THR H 86 30.29 48.33 26.98
N SER H 87 31.04 49.32 26.55
CA SER H 87 32.29 49.68 27.21
C SER H 87 32.04 50.25 28.61
N ASN H 88 31.04 51.12 28.76
CA ASN H 88 30.74 51.68 30.08
C ASN H 88 29.81 50.82 30.92
N GLU H 89 29.68 49.53 30.61
CA GLU H 89 29.00 48.58 31.46
C GLU H 89 29.83 47.35 31.78
N GLN H 90 31.06 47.26 31.28
CA GLN H 90 31.91 46.14 31.64
C GLN H 90 32.26 46.22 33.11
N VAL H 91 32.95 45.18 33.58
CA VAL H 91 33.37 44.94 34.97
C VAL H 91 32.27 45.25 35.98
N LYS H 92 31.03 44.86 35.66
CA LYS H 92 29.94 44.92 36.62
C LYS H 92 29.29 43.57 36.85
N GLY H 93 29.84 42.50 36.26
CA GLY H 93 29.24 41.18 36.33
C GLY H 93 28.26 40.88 35.21
N TYR H 94 28.06 41.80 34.28
CA TYR H 94 27.10 41.55 33.21
C TYR H 94 27.56 40.41 32.33
N GLY H 95 28.87 40.29 32.15
CA GLY H 95 29.40 39.26 31.28
C GLY H 95 29.14 37.87 31.82
N THR H 96 29.19 37.72 33.14
CA THR H 96 28.95 36.39 33.68
C THR H 96 27.47 36.09 33.75
N HIS H 97 26.64 37.11 33.99
CA HIS H 97 25.20 36.89 33.92
C HIS H 97 24.76 36.46 32.53
N LEU H 98 25.34 37.05 31.49
CA LEU H 98 25.07 36.57 30.14
C LEU H 98 25.48 35.10 30.01
N MET H 99 26.66 34.75 30.50
CA MET H 99 27.13 33.37 30.30
C MET H 99 26.21 32.38 31.00
N ASN H 100 25.88 32.67 32.26
CA ASN H 100 25.04 31.79 33.06
C ASN H 100 23.70 31.55 32.39
N HIS H 101 23.02 32.63 32.04
CA HIS H 101 21.77 32.52 31.31
C HIS H 101 21.97 31.67 30.05
N LEU H 102 23.01 31.96 29.26
CA LEU H 102 23.30 31.17 28.07
C LEU H 102 23.43 29.68 28.42
N LYS H 103 24.05 29.36 29.56
CA LYS H 103 24.16 27.98 30.02
C LYS H 103 22.79 27.39 30.36
N GLU H 104 21.92 28.15 31.02
CA GLU H 104 20.58 27.66 31.33
C GLU H 104 19.81 27.30 30.06
N TYR H 105 19.70 28.24 29.12
CA TYR H 105 19.04 27.97 27.85
C TYR H 105 19.52 26.67 27.23
N HIS H 106 20.78 26.33 27.45
CA HIS H 106 21.35 25.20 26.74
C HIS H 106 21.10 23.87 27.44
N ILE H 107 20.93 23.86 28.77
CA ILE H 107 20.38 22.69 29.44
C ILE H 107 18.97 22.41 28.92
N LYS H 108 18.12 23.46 28.91
CA LYS H 108 16.74 23.34 28.46
C LYS H 108 16.65 22.82 27.03
N HIS H 109 17.72 22.88 26.26
CA HIS H 109 17.74 22.35 24.91
C HIS H 109 18.70 21.16 24.79
N ASN H 110 18.90 20.46 25.90
CA ASN H 110 19.56 19.16 25.96
C ASN H 110 20.98 19.20 25.34
N ILE H 111 21.61 20.39 25.25
CA ILE H 111 22.99 20.53 24.78
C ILE H 111 23.86 20.92 25.97
N LEU H 112 24.98 20.23 26.13
CA LEU H 112 25.82 20.45 27.30
C LEU H 112 27.28 20.68 26.93
N TYR H 113 27.55 21.19 25.73
CA TYR H 113 28.91 21.50 25.30
C TYR H 113 29.00 22.81 24.54
N PHE H 114 29.94 23.65 24.99
CA PHE H 114 30.27 24.94 24.39
C PHE H 114 31.68 24.89 23.80
N LEU H 115 31.78 25.17 22.50
CA LEU H 115 33.06 25.38 21.85
C LEU H 115 33.20 26.84 21.45
N THR H 116 34.44 27.31 21.44
CA THR H 116 34.75 28.68 21.06
C THR H 116 36.25 28.79 20.87
N TYR H 117 36.65 29.75 20.03
CA TYR H 117 38.04 30.14 19.85
C TYR H 117 38.29 31.46 20.57
N ALA H 118 39.45 31.59 21.21
CA ALA H 118 39.77 32.80 21.96
C ALA H 118 41.13 33.36 21.57
N ASP H 119 41.20 34.69 21.40
CA ASP H 119 42.50 35.33 21.38
C ASP H 119 43.07 35.41 22.79
N GLU H 120 44.32 35.91 22.92
CA GLU H 120 44.92 36.07 24.24
C GLU H 120 44.04 36.85 25.17
N TYR H 121 43.38 37.88 24.64
CA TYR H 121 42.72 38.84 25.51
C TYR H 121 41.38 38.35 26.06
N ALA H 122 40.76 37.34 25.44
CA ALA H 122 39.52 36.79 25.94
C ALA H 122 39.71 35.50 26.71
N ILE H 123 40.88 34.87 26.61
CA ILE H 123 41.11 33.55 27.22
C ILE H 123 40.80 33.60 28.71
N GLY H 124 41.25 34.67 29.38
CA GLY H 124 41.01 34.77 30.81
C GLY H 124 39.53 34.78 31.16
N TYR H 125 38.74 35.54 30.40
CA TYR H 125 37.31 35.59 30.67
C TYR H 125 36.68 34.21 30.61
N PHE H 126 37.05 33.41 29.61
CA PHE H 126 36.42 32.12 29.40
C PHE H 126 36.82 31.13 30.48
N LYS H 127 38.08 31.14 30.92
CA LYS H 127 38.41 30.33 32.09
C LYS H 127 37.50 30.66 33.27
N LYS H 128 37.23 31.95 33.52
CA LYS H 128 36.33 32.22 34.64
C LYS H 128 34.89 31.86 34.33
N GLN H 129 34.50 31.64 33.09
CA GLN H 129 33.23 30.98 32.85
C GLN H 129 33.38 29.50 32.87
N GLY H 130 34.54 29.00 33.26
CA GLY H 130 34.72 27.58 33.37
C GLY H 130 34.87 26.91 32.02
N PHE H 131 35.56 27.57 31.10
CA PHE H 131 36.02 26.91 29.90
C PHE H 131 37.39 26.34 30.18
N SER H 132 37.82 25.43 29.33
CA SER H 132 39.13 24.85 29.53
C SER H 132 39.76 24.57 28.19
N LYS H 133 41.10 24.61 28.15
CA LYS H 133 41.83 24.39 26.90
C LYS H 133 41.67 22.96 26.41
N ASP H 134 41.49 22.02 27.33
CA ASP H 134 41.32 20.62 26.98
C ASP H 134 39.94 20.41 26.35
N ILE H 135 39.89 19.76 25.19
CA ILE H 135 38.69 19.71 24.35
C ILE H 135 38.28 18.24 24.22
N LYS H 136 37.27 17.81 24.98
CA LYS H 136 36.85 16.41 24.91
C LYS H 136 36.18 16.04 23.59
N VAL H 137 35.63 17.02 22.88
CA VAL H 137 34.81 16.76 21.70
C VAL H 137 35.73 16.37 20.54
N PRO H 138 35.37 15.36 19.76
CA PRO H 138 36.22 14.92 18.64
C PRO H 138 36.30 15.99 17.55
N LYS H 139 37.53 16.37 17.19
CA LYS H 139 37.77 17.19 16.01
C LYS H 139 36.82 16.81 14.90
N SER H 140 36.76 15.52 14.60
CA SER H 140 35.87 14.97 13.58
C SER H 140 34.43 15.41 13.78
N ARG H 141 34.11 16.01 14.90
CA ARG H 141 32.74 16.40 15.09
C ARG H 141 32.53 17.90 14.91
N TYR H 142 33.54 18.73 15.20
CA TYR H 142 33.33 20.16 15.10
C TYR H 142 33.97 20.79 13.88
N LEU H 143 34.93 20.13 13.25
CA LEU H 143 35.68 20.75 12.17
C LEU H 143 34.82 20.89 10.91
N GLY H 144 34.82 22.08 10.33
CA GLY H 144 33.98 22.40 9.20
C GLY H 144 32.62 22.95 9.55
N TYR H 145 32.16 22.77 10.79
CA TYR H 145 30.94 23.36 11.29
C TYR H 145 31.19 24.61 12.12
N ILE H 146 32.26 24.65 12.94
CA ILE H 146 32.62 25.86 13.66
C ILE H 146 33.57 26.69 12.80
N LYS H 147 33.32 28.00 12.78
CA LYS H 147 34.22 28.93 12.13
C LYS H 147 35.57 28.73 12.78
N ASP H 148 36.49 28.14 12.03
CA ASP H 148 37.83 27.91 12.50
C ASP H 148 38.56 29.23 12.72
N TYR H 149 39.56 29.22 13.59
CA TYR H 149 40.49 30.34 13.74
C TYR H 149 41.88 29.78 14.04
N GLU H 150 42.66 29.60 12.98
CA GLU H 150 44.11 29.51 13.11
C GLU H 150 44.65 30.68 13.94
N GLY H 151 45.44 30.34 14.96
CA GLY H 151 46.06 31.33 15.81
C GLY H 151 45.32 31.66 17.09
N ALA H 152 44.13 31.13 17.29
CA ALA H 152 43.43 31.32 18.56
C ALA H 152 43.30 29.98 19.25
N THR H 153 43.19 30.03 20.57
CA THR H 153 42.93 28.84 21.35
C THR H 153 41.51 28.32 21.14
N LEU H 154 41.36 27.02 20.97
CA LEU H 154 40.05 26.38 21.09
C LEU H 154 39.77 26.08 22.56
N MET H 155 38.71 26.68 23.09
CA MET H 155 38.27 26.48 24.46
C MET H 155 37.03 25.61 24.43
N GLU H 156 36.78 24.89 25.50
CA GLU H 156 35.56 24.11 25.62
C GLU H 156 34.98 24.27 27.02
N CYS H 157 33.67 24.11 27.13
CA CYS H 157 33.00 24.19 28.41
C CYS H 157 31.99 23.05 28.46
N GLU H 158 31.95 22.35 29.59
CA GLU H 158 30.98 21.27 29.76
C GLU H 158 30.00 21.69 30.83
N LEU H 159 28.72 21.59 30.52
CA LEU H 159 27.63 22.00 31.39
C LEU H 159 27.10 20.81 32.20
N ASN H 160 26.46 21.11 33.33
CA ASN H 160 25.98 20.07 34.23
C ASN H 160 24.45 20.17 34.31
N PRO H 161 23.70 19.22 33.75
CA PRO H 161 22.24 19.38 33.68
C PRO H 161 21.59 19.34 35.03
N ARG H 162 22.25 18.78 36.03
CA ARG H 162 21.69 18.70 37.37
C ARG H 162 21.83 20.02 38.13
N ILE H 163 22.36 21.07 37.50
CA ILE H 163 22.70 22.31 38.19
C ILE H 163 21.84 23.46 37.68
N PRO H 164 21.41 24.37 38.55
CA PRO H 164 20.81 25.61 38.08
C PRO H 164 21.87 26.68 37.89
N TYR H 165 21.92 27.32 36.71
CA TYR H 165 22.90 28.37 36.47
C TYR H 165 22.34 29.78 36.70
N THR H 166 21.01 29.93 36.67
CA THR H 166 20.39 31.24 36.92
C THR H 166 19.35 31.18 38.03
#